data_4HK7
#
_entry.id   4HK7
#
_cell.length_a   77.333
_cell.length_b   144.921
_cell.length_c   77.310
_cell.angle_alpha   90.00
_cell.angle_beta   97.14
_cell.angle_gamma   90.00
#
_symmetry.space_group_name_H-M   'P 1 21 1'
#
loop_
_entity.id
_entity.type
_entity.pdbx_description
1 polymer 'Uracil-5-carboxylate decarboxylase'
2 non-polymer 'ZINC ION'
3 non-polymer URACIL
4 water water
#
_entity_poly.entity_id   1
_entity_poly.type   'polypeptide(L)'
_entity_poly.pdbx_seq_one_letter_code
;MGSMAASTPVVVDIHTHMYPPSYIAMLEKRQTIPLVRTFPQADEPRLILLSSELAALDAALADPAAKLPGRPLSTHFASL
AQKMHFMDTNGIRVSVISLANPWFDFLAPDEAPGIADAVNAEFSDMCAQHVGRLFFFAALPLSAPVDAVKASIERVKNLK
YCRGIILGTSGLGKGLDDPHLLPVFEAVADAKLLVFLHPHYGLPNEVYGPRSEEYGHVLPLALGFPMETTIAVARMYMAG
VFDHVRNLQMLLAHSGGTLPFLAGRIESCIVHDGHLVKTGKVPKDRRTIWTVLKEQIYLDAVIYSEVGLQAAIASSGADR
LMFGTDHPFFPPIEEDVQGPWDSSRLNAQAVIKAVGEGSSDAAAVMGLNAVRVLSLKAELEHHHHHH
;
_entity_poly.pdbx_strand_id   A,B,C,D
#
# COMPACT_ATOMS: atom_id res chain seq x y z
N PRO A 9 -4.66 34.37 1.49
CA PRO A 9 -4.98 32.96 1.56
C PRO A 9 -6.29 32.72 2.33
N VAL A 10 -7.06 31.74 1.89
CA VAL A 10 -8.39 31.46 2.43
C VAL A 10 -8.34 30.80 3.82
N VAL A 11 -9.24 31.23 4.71
CA VAL A 11 -9.39 30.63 6.03
C VAL A 11 -10.53 29.58 6.05
N VAL A 12 -10.18 28.34 6.36
CA VAL A 12 -11.17 27.27 6.47
C VAL A 12 -11.29 26.72 7.90
N ASP A 13 -12.51 26.64 8.40
CA ASP A 13 -12.82 26.04 9.69
C ASP A 13 -13.31 24.61 9.44
N ILE A 14 -12.54 23.60 9.88
CA ILE A 14 -12.96 22.19 9.73
C ILE A 14 -13.62 21.58 10.95
N HIS A 15 -13.73 22.34 12.04
CA HIS A 15 -14.30 21.80 13.27
C HIS A 15 -15.36 22.74 13.77
N THR A 16 -16.58 22.51 13.35
CA THR A 16 -17.67 23.47 13.54
C THR A 16 -18.99 22.75 13.29
N HIS A 17 -19.97 23.00 14.17
CA HIS A 17 -21.18 22.16 14.21
C HIS A 17 -22.50 22.87 14.10
N MET A 18 -23.53 22.07 13.81
CA MET A 18 -24.93 22.50 13.83
C MET A 18 -25.82 21.35 14.26
N TYR A 19 -26.94 21.67 14.91
CA TYR A 19 -28.06 20.75 15.05
C TYR A 19 -29.22 21.24 14.17
N PRO A 20 -29.51 20.55 13.06
CA PRO A 20 -30.67 20.93 12.23
C PRO A 20 -31.94 20.94 13.08
N PRO A 21 -32.86 21.88 12.81
CA PRO A 21 -34.06 22.00 13.65
C PRO A 21 -34.84 20.68 13.87
N SER A 22 -34.93 19.86 12.82
CA SER A 22 -35.55 18.53 12.92
C SER A 22 -34.86 17.61 13.93
N TYR A 23 -33.53 17.71 14.01
CA TYR A 23 -32.75 16.98 15.01
C TYR A 23 -33.10 17.48 16.41
N ILE A 24 -33.26 18.79 16.54
CA ILE A 24 -33.66 19.42 17.81
C ILE A 24 -35.04 18.91 18.24
N ALA A 25 -35.91 18.71 17.26
CA ALA A 25 -37.23 18.14 17.48
C ALA A 25 -37.13 16.83 18.27
N MET A 26 -36.25 15.94 17.81
CA MET A 26 -36.04 14.65 18.44
C MET A 26 -35.59 14.77 19.89
N LEU A 27 -34.65 15.68 20.14
CA LEU A 27 -34.08 15.87 21.48
C LEU A 27 -35.08 16.25 22.59
N GLU A 28 -36.04 17.15 22.30
CA GLU A 28 -37.11 17.40 23.28
C GLU A 28 -38.21 16.33 23.26
N LYS A 29 -38.14 15.40 22.30
CA LYS A 29 -39.03 14.23 22.28
C LYS A 29 -38.53 13.14 23.23
N ARG A 30 -37.31 13.34 23.74
CA ARG A 30 -36.59 12.31 24.49
C ARG A 30 -36.70 12.44 26.01
N GLN A 31 -36.83 11.29 26.67
CA GLN A 31 -36.95 11.22 28.12
C GLN A 31 -35.62 11.05 28.84
N THR A 32 -34.61 10.53 28.13
CA THR A 32 -33.28 10.37 28.72
C THR A 32 -32.20 10.99 27.84
N ILE A 33 -31.07 11.33 28.47
CA ILE A 33 -29.90 11.92 27.81
C ILE A 33 -29.50 11.14 26.55
N PRO A 34 -29.30 11.82 25.41
CA PRO A 34 -29.35 13.27 25.21
C PRO A 34 -30.77 13.84 25.11
N LEU A 35 -30.97 15.04 25.64
CA LEU A 35 -32.27 15.70 25.63
C LEU A 35 -32.18 17.22 25.71
N VAL A 36 -33.26 17.88 25.29
CA VAL A 36 -33.41 19.33 25.42
C VAL A 36 -34.66 19.64 26.23
N ARG A 37 -34.52 20.49 27.24
CA ARG A 37 -35.65 20.88 28.09
C ARG A 37 -35.69 22.39 28.32
N THR A 38 -36.89 22.92 28.54
CA THR A 38 -37.06 24.32 28.91
C THR A 38 -37.36 24.41 30.40
N PHE A 39 -36.69 25.32 31.09
CA PHE A 39 -36.86 25.50 32.54
C PHE A 39 -37.47 26.88 32.85
N PRO A 40 -38.20 26.99 33.98
CA PRO A 40 -38.94 28.22 34.33
C PRO A 40 -38.14 29.52 34.21
N GLN A 41 -36.90 29.55 34.71
CA GLN A 41 -36.10 30.78 34.77
C GLN A 41 -35.75 31.42 33.41
N ALA A 42 -35.28 30.61 32.46
CA ALA A 42 -34.92 31.12 31.13
C ALA A 42 -35.74 30.47 30.01
N ASP A 43 -36.20 31.29 29.06
CA ASP A 43 -36.90 30.80 27.86
C ASP A 43 -35.94 30.21 26.82
N GLU A 44 -34.66 30.15 27.20
CA GLU A 44 -33.62 29.53 26.39
C GLU A 44 -33.47 28.08 26.87
N PRO A 45 -33.83 27.10 26.01
CA PRO A 45 -33.76 25.68 26.40
C PRO A 45 -32.36 25.21 26.86
N ARG A 46 -32.34 24.09 27.57
CA ARG A 46 -31.10 23.49 28.05
C ARG A 46 -30.77 22.25 27.24
N LEU A 47 -29.55 22.24 26.70
CA LEU A 47 -29.05 21.11 25.94
C LEU A 47 -28.26 20.18 26.87
N ILE A 48 -28.79 18.97 27.09
CA ILE A 48 -28.20 18.00 28.00
C ILE A 48 -27.73 16.76 27.24
N LEU A 49 -26.43 16.73 26.96
CA LEU A 49 -25.82 15.75 26.05
C LEU A 49 -24.99 14.68 26.73
N LEU A 50 -24.37 15.03 27.86
CA LEU A 50 -23.30 14.23 28.45
C LEU A 50 -23.73 13.52 29.72
N SER A 51 -23.15 12.32 29.93
CA SER A 51 -23.33 11.54 31.16
C SER A 51 -23.05 12.36 32.43
N SER A 52 -22.09 13.28 32.32
CA SER A 52 -21.68 14.16 33.43
C SER A 52 -22.73 15.15 33.90
N GLU A 53 -23.73 15.41 33.04
CA GLU A 53 -24.80 16.36 33.33
C GLU A 53 -26.00 15.71 34.06
N LEU A 54 -25.97 14.38 34.16
CA LEU A 54 -27.07 13.57 34.69
C LEU A 54 -27.45 13.93 36.13
N ALA A 55 -26.45 13.98 37.00
CA ALA A 55 -26.64 14.29 38.42
C ALA A 55 -27.32 15.65 38.64
N ALA A 56 -26.88 16.66 37.88
CA ALA A 56 -27.45 18.01 37.95
C ALA A 56 -28.83 18.09 37.30
N LEU A 57 -29.10 17.21 36.32
CA LEU A 57 -30.42 17.12 35.69
C LEU A 57 -31.47 16.63 36.68
N ASP A 58 -31.16 15.54 37.38
CA ASP A 58 -32.03 14.99 38.42
C ASP A 58 -32.24 15.99 39.57
N ALA A 59 -31.17 16.71 39.91
CA ALA A 59 -31.22 17.76 40.93
C ALA A 59 -32.10 18.94 40.50
N ALA A 60 -32.02 19.32 39.22
CA ALA A 60 -32.85 20.41 38.68
C ALA A 60 -34.30 19.99 38.40
N LEU A 61 -34.53 18.68 38.27
CA LEU A 61 -35.87 18.13 38.08
C LEU A 61 -36.65 18.02 39.39
N ALA A 62 -35.92 17.91 40.50
CA ALA A 62 -36.51 17.76 41.83
C ALA A 62 -36.38 19.02 42.70
N ASP A 63 -35.68 20.03 42.19
CA ASP A 63 -35.39 21.26 42.94
C ASP A 63 -35.29 22.48 42.01
N PRO A 64 -36.23 23.44 42.15
CA PRO A 64 -36.21 24.67 41.36
C PRO A 64 -35.09 25.65 41.75
N ALA A 65 -34.57 25.52 42.96
CA ALA A 65 -33.47 26.37 43.43
C ALA A 65 -32.12 25.90 42.88
N ALA A 66 -32.06 24.64 42.44
CA ALA A 66 -30.84 24.04 41.89
C ALA A 66 -30.44 24.68 40.56
N LYS A 67 -29.15 24.63 40.25
CA LYS A 67 -28.62 25.23 39.03
C LYS A 67 -29.21 24.60 37.75
N LEU A 68 -29.17 25.36 36.66
CA LEU A 68 -29.63 24.87 35.36
C LEU A 68 -28.68 23.78 34.86
N PRO A 69 -29.23 22.62 34.45
CA PRO A 69 -28.39 21.51 34.00
C PRO A 69 -27.99 21.67 32.54
N GLY A 70 -26.90 21.00 32.15
CA GLY A 70 -26.40 21.06 30.78
C GLY A 70 -25.96 22.46 30.38
N ARG A 71 -26.10 22.76 29.09
CA ARG A 71 -25.70 24.05 28.54
C ARG A 71 -26.87 24.72 27.80
N PRO A 72 -26.81 26.06 27.61
CA PRO A 72 -27.91 26.76 26.93
C PRO A 72 -28.04 26.38 25.45
N LEU A 73 -29.24 26.01 25.03
CA LEU A 73 -29.52 25.81 23.61
C LEU A 73 -29.73 27.16 22.93
N SER A 74 -28.62 27.74 22.47
CA SER A 74 -28.70 29.03 21.77
C SER A 74 -29.18 28.84 20.33
N THR A 75 -29.43 29.95 19.66
CA THR A 75 -29.80 29.95 18.25
C THR A 75 -28.58 29.60 17.38
N HIS A 76 -27.38 29.69 17.97
CA HIS A 76 -26.14 29.37 17.28
C HIS A 76 -26.00 27.92 16.90
N PHE A 77 -26.81 27.07 17.51
CA PHE A 77 -26.81 25.65 17.16
C PHE A 77 -27.58 25.37 15.88
N ALA A 78 -28.75 26.00 15.73
CA ALA A 78 -29.69 25.63 14.67
C ALA A 78 -29.81 26.61 13.52
N SER A 79 -29.22 27.79 13.66
CA SER A 79 -29.42 28.84 12.67
C SER A 79 -28.25 28.95 11.69
N LEU A 80 -28.54 28.70 10.42
CA LEU A 80 -27.55 28.88 9.37
C LEU A 80 -27.12 30.35 9.28
N ALA A 81 -28.07 31.27 9.44
CA ALA A 81 -27.75 32.70 9.46
C ALA A 81 -26.75 33.03 10.56
N GLN A 82 -26.97 32.50 11.76
CA GLN A 82 -26.01 32.66 12.87
C GLN A 82 -24.64 32.11 12.53
N LYS A 83 -24.59 30.97 11.84
CA LYS A 83 -23.33 30.37 11.40
C LYS A 83 -22.56 31.32 10.48
N MET A 84 -23.26 31.85 9.48
CA MET A 84 -22.66 32.75 8.51
C MET A 84 -22.19 34.06 9.15
N HIS A 85 -22.98 34.57 10.10
CA HIS A 85 -22.58 35.74 10.86
C HIS A 85 -21.32 35.47 11.63
N PHE A 86 -21.29 34.36 12.36
CA PHE A 86 -20.09 33.94 13.10
C PHE A 86 -18.87 33.90 12.18
N MET A 87 -19.02 33.32 11.00
CA MET A 87 -17.91 33.25 10.03
C MET A 87 -17.45 34.62 9.55
N ASP A 88 -18.40 35.50 9.27
CA ASP A 88 -18.10 36.86 8.80
C ASP A 88 -17.35 37.65 9.87
N THR A 89 -17.81 37.55 11.11
CA THR A 89 -17.25 38.33 12.21
C THR A 89 -15.94 37.78 12.77
N ASN A 90 -15.58 36.56 12.38
CA ASN A 90 -14.33 35.94 12.83
C ASN A 90 -13.35 35.67 11.69
N GLY A 91 -13.61 36.25 10.52
CA GLY A 91 -12.71 36.17 9.37
C GLY A 91 -12.55 34.78 8.79
N ILE A 92 -13.61 33.98 8.90
CA ILE A 92 -13.63 32.63 8.35
C ILE A 92 -14.34 32.65 6.99
N ARG A 93 -13.63 32.23 5.96
CA ARG A 93 -14.18 32.17 4.63
C ARG A 93 -15.04 30.95 4.37
N VAL A 94 -14.55 29.79 4.76
CA VAL A 94 -15.21 28.51 4.49
C VAL A 94 -15.39 27.69 5.77
N SER A 95 -16.58 27.14 5.98
CA SER A 95 -16.81 26.18 7.05
C SER A 95 -17.17 24.79 6.52
N VAL A 96 -16.52 23.76 7.06
CA VAL A 96 -16.95 22.38 6.86
C VAL A 96 -17.74 21.96 8.10
N ILE A 97 -19.05 22.13 8.05
CA ILE A 97 -19.91 21.89 9.21
C ILE A 97 -20.16 20.40 9.42
N SER A 98 -20.49 20.04 10.65
CA SER A 98 -20.84 18.66 10.97
C SER A 98 -21.86 18.63 12.08
N LEU A 99 -22.70 17.60 12.07
CA LEU A 99 -23.62 17.37 13.17
C LEU A 99 -22.78 17.15 14.43
N ALA A 100 -23.22 17.73 15.53
CA ALA A 100 -22.48 17.59 16.79
C ALA A 100 -22.84 16.29 17.47
N ASN A 101 -22.00 15.87 18.40
CA ASN A 101 -22.28 14.74 19.27
C ASN A 101 -23.65 14.93 19.94
N PRO A 102 -24.40 13.84 20.17
CA PRO A 102 -24.09 12.41 19.98
C PRO A 102 -24.52 11.81 18.63
N TRP A 103 -24.80 12.65 17.64
CA TRP A 103 -25.19 12.16 16.31
C TRP A 103 -26.40 11.25 16.40
N PHE A 104 -26.34 10.07 15.80
CA PHE A 104 -27.51 9.18 15.80
C PHE A 104 -27.37 7.95 16.71
N ASP A 105 -26.38 7.96 17.59
CA ASP A 105 -26.04 6.78 18.40
C ASP A 105 -27.18 6.20 19.25
N PHE A 106 -28.10 7.08 19.65
CA PHE A 106 -29.20 6.70 20.54
C PHE A 106 -30.43 6.15 19.80
N LEU A 107 -30.37 6.13 18.47
CA LEU A 107 -31.54 5.70 17.69
C LEU A 107 -31.61 4.19 17.56
N ALA A 108 -32.83 3.66 17.45
CA ALA A 108 -33.03 2.23 17.22
C ALA A 108 -32.51 1.85 15.84
N PRO A 109 -32.04 0.60 15.66
CA PRO A 109 -31.44 0.15 14.39
C PRO A 109 -32.33 0.38 13.15
N ASP A 110 -33.63 0.28 13.31
CA ASP A 110 -34.55 0.35 12.17
C ASP A 110 -34.82 1.78 11.69
N GLU A 111 -34.73 2.75 12.60
CA GLU A 111 -35.06 4.13 12.26
C GLU A 111 -33.85 4.98 11.88
N ALA A 112 -32.70 4.66 12.48
CA ALA A 112 -31.47 5.41 12.27
C ALA A 112 -31.15 5.72 10.79
N PRO A 113 -31.22 4.71 9.88
CA PRO A 113 -30.87 4.97 8.47
C PRO A 113 -31.67 6.09 7.81
N GLY A 114 -33.00 6.07 8.00
CA GLY A 114 -33.87 7.07 7.41
C GLY A 114 -33.69 8.45 8.02
N ILE A 115 -33.40 8.50 9.31
CA ILE A 115 -33.15 9.77 9.97
C ILE A 115 -31.81 10.36 9.50
N ALA A 116 -30.76 9.53 9.47
CA ALA A 116 -29.46 9.96 8.97
C ALA A 116 -29.58 10.50 7.54
N ASP A 117 -30.28 9.75 6.69
CA ASP A 117 -30.52 10.13 5.31
C ASP A 117 -31.14 11.54 5.18
N ALA A 118 -32.17 11.82 5.98
CA ALA A 118 -32.83 13.11 5.96
C ALA A 118 -31.92 14.24 6.48
N VAL A 119 -31.21 13.97 7.58
CA VAL A 119 -30.32 14.97 8.18
C VAL A 119 -29.14 15.32 7.26
N ASN A 120 -28.57 14.30 6.64
CA ASN A 120 -27.49 14.53 5.68
C ASN A 120 -27.97 15.36 4.48
N ALA A 121 -29.18 15.05 4.01
CA ALA A 121 -29.84 15.85 2.98
C ALA A 121 -30.03 17.31 3.42
N GLU A 122 -30.42 17.52 4.68
CA GLU A 122 -30.55 18.87 5.22
C GLU A 122 -29.22 19.63 5.17
N PHE A 123 -28.14 18.97 5.60
CA PHE A 123 -26.82 19.58 5.55
C PHE A 123 -26.42 19.96 4.11
N SER A 124 -26.66 19.06 3.16
CA SER A 124 -26.36 19.34 1.77
C SER A 124 -27.11 20.59 1.33
N ASP A 125 -28.40 20.66 1.65
CA ASP A 125 -29.24 21.81 1.33
C ASP A 125 -28.74 23.11 1.95
N MET A 126 -28.35 23.05 3.23
CA MET A 126 -27.76 24.19 3.92
C MET A 126 -26.51 24.69 3.19
N CYS A 127 -25.62 23.77 2.80
CA CYS A 127 -24.41 24.15 2.08
C CYS A 127 -24.74 24.83 0.75
N ALA A 128 -25.84 24.41 0.11
CA ALA A 128 -26.26 24.99 -1.16
C ALA A 128 -26.71 26.44 -1.02
N GLN A 129 -27.05 26.87 0.20
CA GLN A 129 -27.52 28.23 0.45
C GLN A 129 -26.41 29.27 0.35
N HIS A 130 -25.15 28.83 0.49
CA HIS A 130 -24.00 29.71 0.39
C HIS A 130 -22.88 29.04 -0.36
N VAL A 131 -23.14 28.79 -1.63
CA VAL A 131 -22.21 28.14 -2.56
C VAL A 131 -20.78 28.65 -2.38
N GLY A 132 -19.85 27.72 -2.22
CA GLY A 132 -18.43 28.06 -2.11
C GLY A 132 -17.94 28.32 -0.70
N ARG A 133 -18.86 28.53 0.24
CA ARG A 133 -18.46 28.82 1.62
C ARG A 133 -18.74 27.71 2.64
N LEU A 134 -19.55 26.74 2.23
CA LEU A 134 -19.97 25.66 3.13
C LEU A 134 -19.86 24.25 2.52
N PHE A 135 -19.22 23.37 3.28
CA PHE A 135 -19.16 21.95 2.97
C PHE A 135 -19.54 21.23 4.25
N PHE A 136 -19.64 19.90 4.21
CA PHE A 136 -20.03 19.15 5.42
C PHE A 136 -19.45 17.74 5.50
N PHE A 137 -19.31 17.29 6.74
CA PHE A 137 -19.03 15.90 7.05
C PHE A 137 -20.37 15.30 7.41
N ALA A 138 -20.71 14.19 6.77
CA ALA A 138 -21.98 13.51 7.00
C ALA A 138 -21.89 12.61 8.23
N ALA A 139 -23.01 12.43 8.90
CA ALA A 139 -23.08 11.50 10.02
C ALA A 139 -23.69 10.17 9.56
N LEU A 140 -23.25 9.08 10.17
CA LEU A 140 -23.65 7.75 9.75
C LEU A 140 -24.56 7.08 10.79
N PRO A 141 -25.50 6.21 10.33
CA PRO A 141 -26.39 5.51 11.27
C PRO A 141 -25.71 4.30 11.89
N LEU A 142 -24.70 4.54 12.73
CA LEU A 142 -23.88 3.45 13.25
C LEU A 142 -24.56 2.56 14.29
N SER A 143 -25.78 2.91 14.69
CA SER A 143 -26.57 2.03 15.56
C SER A 143 -27.35 1.03 14.72
N ALA A 144 -27.31 1.21 13.40
CA ALA A 144 -27.97 0.32 12.45
C ALA A 144 -26.99 -0.75 11.94
N PRO A 145 -27.50 -1.78 11.22
CA PRO A 145 -26.64 -2.83 10.65
C PRO A 145 -25.63 -2.29 9.65
N VAL A 146 -24.50 -3.00 9.52
CA VAL A 146 -23.38 -2.60 8.67
C VAL A 146 -23.76 -2.33 7.21
N ASP A 147 -24.64 -3.17 6.65
CA ASP A 147 -25.15 -2.95 5.30
C ASP A 147 -25.84 -1.59 5.14
N ALA A 148 -26.61 -1.19 6.14
CA ALA A 148 -27.27 0.11 6.15
C ALA A 148 -26.25 1.26 6.29
N VAL A 149 -25.18 1.02 7.03
CA VAL A 149 -24.11 2.01 7.16
C VAL A 149 -23.38 2.20 5.81
N LYS A 150 -23.10 1.09 5.14
CA LYS A 150 -22.51 1.12 3.80
C LYS A 150 -23.41 1.82 2.77
N ALA A 151 -24.70 1.50 2.79
CA ALA A 151 -25.64 2.17 1.90
C ALA A 151 -25.64 3.67 2.13
N SER A 152 -25.62 4.05 3.41
CA SER A 152 -25.60 5.46 3.80
C SER A 152 -24.32 6.15 3.31
N ILE A 153 -23.19 5.45 3.43
CA ILE A 153 -21.91 5.93 2.89
C ILE A 153 -22.01 6.17 1.37
N GLU A 154 -22.47 5.17 0.62
CA GLU A 154 -22.61 5.33 -0.82
C GLU A 154 -23.47 6.57 -1.15
N ARG A 155 -24.54 6.75 -0.39
CA ARG A 155 -25.44 7.89 -0.57
C ARG A 155 -24.79 9.25 -0.30
N VAL A 156 -24.06 9.39 0.81
CA VAL A 156 -23.50 10.69 1.17
C VAL A 156 -22.36 11.13 0.25
N LYS A 157 -21.63 10.15 -0.30
CA LYS A 157 -20.53 10.45 -1.22
C LYS A 157 -21.07 11.15 -2.47
N ASN A 158 -22.35 10.93 -2.76
CA ASN A 158 -23.02 11.54 -3.91
C ASN A 158 -23.92 12.71 -3.57
N LEU A 159 -23.84 13.20 -2.33
CA LEU A 159 -24.52 14.43 -1.96
C LEU A 159 -23.62 15.61 -2.26
N LYS A 160 -24.19 16.64 -2.86
CA LYS A 160 -23.49 17.89 -3.10
C LYS A 160 -22.90 18.46 -1.80
N TYR A 161 -21.64 18.88 -1.88
CA TYR A 161 -20.93 19.53 -0.77
C TYR A 161 -20.44 18.65 0.38
N CYS A 162 -20.70 17.34 0.30
CA CYS A 162 -20.16 16.39 1.29
C CYS A 162 -18.67 16.14 1.04
N ARG A 163 -17.87 16.29 2.09
CA ARG A 163 -16.42 16.12 1.97
C ARG A 163 -15.86 15.14 3.00
N GLY A 164 -16.76 14.38 3.63
CA GLY A 164 -16.34 13.31 4.50
C GLY A 164 -17.40 12.87 5.47
N ILE A 165 -16.95 12.14 6.50
CA ILE A 165 -17.80 11.53 7.50
C ILE A 165 -17.30 11.96 8.88
N ILE A 166 -18.23 12.29 9.77
CA ILE A 166 -17.89 12.44 11.17
C ILE A 166 -18.32 11.16 11.87
N LEU A 167 -17.46 10.62 12.74
CA LEU A 167 -17.91 9.52 13.61
C LEU A 167 -17.39 9.60 15.03
N GLY A 168 -18.13 8.95 15.91
CA GLY A 168 -17.78 8.89 17.32
C GLY A 168 -16.94 7.68 17.63
N THR A 169 -16.47 7.62 18.87
CA THR A 169 -15.53 6.59 19.29
C THR A 169 -16.20 5.26 19.66
N SER A 170 -17.53 5.25 19.81
CA SER A 170 -18.20 3.99 20.15
C SER A 170 -18.37 3.05 18.93
N GLY A 171 -18.21 3.60 17.72
CA GLY A 171 -18.32 2.81 16.50
C GLY A 171 -19.71 2.21 16.38
N LEU A 172 -19.77 0.88 16.33
CA LEU A 172 -21.05 0.15 16.31
C LEU A 172 -21.56 -0.18 17.70
N GLY A 173 -20.81 0.25 18.72
CA GLY A 173 -21.11 -0.09 20.10
C GLY A 173 -19.93 -0.66 20.85
N LYS A 174 -18.95 -1.18 20.11
CA LYS A 174 -17.80 -1.82 20.76
C LYS A 174 -16.46 -1.13 20.45
N GLY A 175 -16.52 0.15 20.10
CA GLY A 175 -15.31 0.90 19.82
C GLY A 175 -14.78 0.68 18.41
N LEU A 176 -13.62 1.25 18.14
CA LEU A 176 -13.11 1.33 16.79
C LEU A 176 -12.20 0.16 16.41
N ASP A 177 -11.93 -0.73 17.36
CA ASP A 177 -11.12 -1.93 17.10
C ASP A 177 -12.01 -3.16 16.94
N ASP A 178 -13.32 -2.94 16.89
CA ASP A 178 -14.30 -3.96 16.56
C ASP A 178 -14.09 -4.39 15.10
N PRO A 179 -13.85 -5.68 14.86
CA PRO A 179 -13.61 -6.15 13.49
C PRO A 179 -14.83 -6.00 12.56
N HIS A 180 -16.04 -5.99 13.12
CA HIS A 180 -17.25 -5.71 12.36
C HIS A 180 -17.25 -4.33 11.75
N LEU A 181 -16.45 -3.44 12.31
CA LEU A 181 -16.35 -2.08 11.82
C LEU A 181 -15.38 -1.96 10.64
N LEU A 182 -14.52 -2.97 10.45
CA LEU A 182 -13.55 -2.91 9.35
C LEU A 182 -14.18 -2.61 7.99
N PRO A 183 -15.29 -3.28 7.64
CA PRO A 183 -15.86 -2.99 6.31
C PRO A 183 -16.39 -1.55 6.15
N VAL A 184 -16.82 -0.92 7.23
CA VAL A 184 -17.20 0.50 7.21
C VAL A 184 -15.99 1.37 6.88
N PHE A 185 -14.88 1.10 7.56
CA PHE A 185 -13.63 1.81 7.28
C PHE A 185 -13.18 1.67 5.82
N GLU A 186 -13.32 0.45 5.28
CA GLU A 186 -12.99 0.17 3.88
C GLU A 186 -13.92 0.92 2.93
N ALA A 187 -15.21 0.86 3.21
CA ALA A 187 -16.21 1.56 2.39
C ALA A 187 -15.92 3.07 2.35
N VAL A 188 -15.64 3.66 3.52
CA VAL A 188 -15.38 5.11 3.59
C VAL A 188 -14.09 5.46 2.86
N ALA A 189 -13.04 4.68 3.10
CA ALA A 189 -11.76 4.90 2.45
C ALA A 189 -11.87 4.77 0.94
N ASP A 190 -12.59 3.74 0.47
CA ASP A 190 -12.72 3.53 -0.97
C ASP A 190 -13.51 4.63 -1.66
N ALA A 191 -14.50 5.17 -0.93
CA ALA A 191 -15.26 6.33 -1.39
C ALA A 191 -14.47 7.63 -1.28
N LYS A 192 -13.20 7.54 -0.85
CA LYS A 192 -12.30 8.70 -0.69
C LYS A 192 -12.88 9.80 0.18
N LEU A 193 -13.57 9.41 1.24
CA LEU A 193 -14.11 10.34 2.22
C LEU A 193 -13.17 10.39 3.42
N LEU A 194 -12.80 11.61 3.83
CA LEU A 194 -12.05 11.80 5.07
C LEU A 194 -12.94 11.46 6.27
N VAL A 195 -12.35 10.83 7.28
CA VAL A 195 -13.10 10.48 8.50
C VAL A 195 -12.69 11.41 9.64
N PHE A 196 -13.66 12.16 10.14
CA PHE A 196 -13.45 13.08 11.24
C PHE A 196 -13.87 12.36 12.52
N LEU A 197 -12.88 11.98 13.32
CA LEU A 197 -13.09 11.30 14.59
C LEU A 197 -13.28 12.30 15.72
N HIS A 198 -14.37 12.14 16.47
CA HIS A 198 -14.80 13.16 17.42
C HIS A 198 -15.30 12.51 18.70
N PRO A 199 -14.91 13.07 19.86
CA PRO A 199 -15.30 12.46 21.15
C PRO A 199 -16.77 12.76 21.52
N HIS A 200 -17.25 12.10 22.57
CA HIS A 200 -18.57 12.35 23.16
C HIS A 200 -18.78 11.68 24.47
N TYR A 201 -18.39 10.41 24.56
CA TYR A 201 -18.67 9.59 25.72
C TYR A 201 -17.75 9.90 26.90
N GLY A 202 -16.62 10.56 26.61
CA GLY A 202 -15.63 10.88 27.64
C GLY A 202 -15.23 9.67 28.47
N LEU A 203 -15.05 9.89 29.77
CA LEU A 203 -14.61 8.86 30.70
C LEU A 203 -15.70 8.64 31.74
N PRO A 204 -15.78 7.44 32.34
CA PRO A 204 -16.77 7.24 33.41
C PRO A 204 -16.64 8.34 34.47
N ASN A 205 -17.76 8.91 34.85
CA ASN A 205 -17.78 10.10 35.71
C ASN A 205 -17.08 9.98 37.04
N GLU A 206 -16.97 8.74 37.55
CA GLU A 206 -16.34 8.50 38.84
C GLU A 206 -14.89 8.96 38.88
N VAL A 207 -14.21 8.97 37.73
CA VAL A 207 -12.80 9.38 37.70
C VAL A 207 -12.59 10.83 38.18
N TYR A 208 -13.62 11.66 38.02
CA TYR A 208 -13.56 13.07 38.43
C TYR A 208 -13.78 13.31 39.92
N GLY A 209 -14.22 12.28 40.64
CA GLY A 209 -14.36 12.34 42.09
C GLY A 209 -15.63 13.02 42.59
N PRO A 210 -15.78 13.10 43.93
CA PRO A 210 -17.04 13.59 44.52
C PRO A 210 -17.28 15.10 44.45
N ARG A 211 -16.26 15.88 44.06
CA ARG A 211 -16.40 17.32 44.00
C ARG A 211 -16.55 17.82 42.56
N SER A 212 -16.75 16.90 41.62
CA SER A 212 -16.74 17.26 40.21
C SER A 212 -17.80 18.29 39.81
N GLU A 213 -18.98 18.25 40.43
CA GLU A 213 -20.02 19.24 40.15
C GLU A 213 -19.58 20.70 40.41
N GLU A 214 -18.65 20.88 41.35
CA GLU A 214 -18.10 22.19 41.70
C GLU A 214 -17.27 22.81 40.57
N TYR A 215 -16.76 21.97 39.66
CA TYR A 215 -15.84 22.47 38.63
C TYR A 215 -16.51 22.73 37.28
N GLY A 216 -17.84 22.88 37.29
CA GLY A 216 -18.61 23.09 36.05
C GLY A 216 -18.41 21.94 35.07
N HIS A 217 -18.23 22.29 33.80
CA HIS A 217 -18.01 21.30 32.74
C HIS A 217 -16.56 21.10 32.42
N VAL A 218 -15.67 21.71 33.21
CA VAL A 218 -14.24 21.78 32.87
C VAL A 218 -13.55 20.42 32.73
N LEU A 219 -13.77 19.52 33.68
CA LEU A 219 -13.10 18.21 33.65
C LEU A 219 -13.58 17.32 32.49
N PRO A 220 -14.90 17.11 32.32
CA PRO A 220 -15.29 16.29 31.19
C PRO A 220 -14.88 16.87 29.83
N LEU A 221 -14.94 18.19 29.67
CA LEU A 221 -14.62 18.81 28.39
C LEU A 221 -13.13 19.01 28.15
N ALA A 222 -12.41 19.42 29.18
CA ALA A 222 -10.98 19.68 29.04
C ALA A 222 -10.16 18.39 29.00
N LEU A 223 -10.69 17.34 29.63
CA LEU A 223 -9.91 16.12 29.85
C LEU A 223 -10.59 14.89 29.28
N GLY A 224 -11.84 14.66 29.66
CA GLY A 224 -12.59 13.49 29.19
C GLY A 224 -12.62 13.32 27.68
N PHE A 225 -12.97 14.40 26.98
CA PHE A 225 -13.05 14.40 25.52
C PHE A 225 -11.73 14.00 24.82
N PRO A 226 -10.64 14.76 25.04
CA PRO A 226 -9.37 14.41 24.37
C PRO A 226 -8.80 13.05 24.80
N MET A 227 -9.05 12.64 26.04
CA MET A 227 -8.60 11.33 26.50
C MET A 227 -9.38 10.20 25.83
N GLU A 228 -10.68 10.40 25.65
CA GLU A 228 -11.52 9.48 24.89
C GLU A 228 -11.00 9.28 23.47
N THR A 229 -10.68 10.38 22.78
CA THR A 229 -10.14 10.34 21.43
C THR A 229 -8.83 9.56 21.37
N THR A 230 -7.95 9.84 22.33
CA THR A 230 -6.64 9.18 22.40
C THR A 230 -6.81 7.67 22.57
N ILE A 231 -7.66 7.27 23.51
CA ILE A 231 -7.94 5.85 23.75
C ILE A 231 -8.53 5.18 22.50
N ALA A 232 -9.50 5.83 21.85
CA ALA A 232 -10.15 5.27 20.68
C ALA A 232 -9.17 5.03 19.53
N VAL A 233 -8.35 6.04 19.22
CA VAL A 233 -7.32 5.92 18.18
C VAL A 233 -6.24 4.90 18.53
N ALA A 234 -5.77 4.92 19.77
CA ALA A 234 -4.78 3.93 20.24
C ALA A 234 -5.31 2.52 20.02
N ARG A 235 -6.60 2.34 20.32
CA ARG A 235 -7.24 1.04 20.10
C ARG A 235 -7.25 0.67 18.62
N MET A 236 -7.62 1.62 17.77
CA MET A 236 -7.58 1.44 16.32
C MET A 236 -6.20 0.99 15.85
N TYR A 237 -5.20 1.77 16.23
CA TYR A 237 -3.82 1.49 15.87
C TYR A 237 -3.39 0.10 16.31
N MET A 238 -3.66 -0.24 17.57
CA MET A 238 -3.22 -1.52 18.13
C MET A 238 -3.87 -2.72 17.46
N ALA A 239 -5.11 -2.58 17.02
CA ALA A 239 -5.82 -3.64 16.31
C ALA A 239 -5.40 -3.73 14.84
N GLY A 240 -4.52 -2.83 14.42
CA GLY A 240 -3.97 -2.85 13.06
C GLY A 240 -4.89 -2.30 11.99
N VAL A 241 -5.90 -1.53 12.39
CA VAL A 241 -6.85 -0.98 11.43
C VAL A 241 -6.14 -0.19 10.31
N PHE A 242 -5.16 0.63 10.68
CA PHE A 242 -4.48 1.49 9.72
C PHE A 242 -3.67 0.69 8.68
N ASP A 243 -3.19 -0.48 9.10
CA ASP A 243 -2.49 -1.39 8.18
C ASP A 243 -3.45 -2.13 7.26
N HIS A 244 -4.62 -2.52 7.80
CA HIS A 244 -5.60 -3.26 7.02
C HIS A 244 -6.32 -2.38 6.02
N VAL A 245 -6.45 -1.10 6.36
CA VAL A 245 -7.10 -0.11 5.49
C VAL A 245 -6.12 1.02 5.19
N ARG A 246 -5.23 0.75 4.24
CA ARG A 246 -4.08 1.60 4.00
C ARG A 246 -4.42 2.94 3.35
N ASN A 247 -5.57 2.98 2.67
CA ASN A 247 -6.04 4.21 2.04
C ASN A 247 -6.89 5.09 2.96
N LEU A 248 -7.19 4.60 4.15
CA LEU A 248 -7.94 5.38 5.16
C LEU A 248 -7.18 6.62 5.61
N GLN A 249 -7.88 7.77 5.59
CA GLN A 249 -7.38 9.02 6.15
C GLN A 249 -8.35 9.48 7.25
N MET A 250 -7.80 9.76 8.44
CA MET A 250 -8.61 10.19 9.59
C MET A 250 -8.16 11.57 10.06
N LEU A 251 -9.14 12.43 10.33
CA LEU A 251 -8.90 13.71 10.98
C LEU A 251 -9.30 13.61 12.45
N LEU A 252 -8.38 13.97 13.34
CA LEU A 252 -8.60 13.83 14.78
C LEU A 252 -8.98 15.15 15.42
N ALA A 253 -10.11 15.15 16.14
CA ALA A 253 -10.52 16.31 16.90
C ALA A 253 -9.53 16.65 17.99
N HIS A 254 -9.37 17.94 18.25
CA HIS A 254 -8.57 18.45 19.37
C HIS A 254 -7.14 18.01 19.29
N SER A 255 -6.56 18.20 18.11
CA SER A 255 -5.17 17.82 17.80
C SER A 255 -4.81 16.42 18.24
N GLY A 256 -5.77 15.50 18.12
CA GLY A 256 -5.54 14.10 18.48
C GLY A 256 -5.74 13.79 19.95
N GLY A 257 -6.38 14.71 20.67
CA GLY A 257 -6.66 14.52 22.06
C GLY A 257 -5.41 14.75 22.89
N THR A 258 -4.62 13.71 23.05
CA THR A 258 -3.31 13.82 23.72
C THR A 258 -2.28 13.04 22.90
N LEU A 259 -2.70 12.51 21.75
CA LEU A 259 -1.86 11.60 20.97
C LEU A 259 -0.42 12.08 20.67
N PRO A 260 -0.26 13.32 20.18
CA PRO A 260 1.11 13.79 19.89
C PRO A 260 2.00 13.79 21.14
N PHE A 261 1.40 13.99 22.30
CA PHE A 261 2.16 14.04 23.54
C PHE A 261 2.55 12.64 24.04
N LEU A 262 1.70 11.65 23.77
CA LEU A 262 1.87 10.27 24.27
C LEU A 262 2.42 9.28 23.24
N ALA A 263 2.59 9.71 22.00
CA ALA A 263 3.05 8.81 20.93
C ALA A 263 4.33 8.07 21.31
N GLY A 264 5.32 8.81 21.83
CA GLY A 264 6.57 8.20 22.27
C GLY A 264 6.38 7.16 23.35
N ARG A 265 5.51 7.49 24.31
CA ARG A 265 5.20 6.57 25.40
C ARG A 265 4.51 5.32 24.89
N ILE A 266 3.57 5.50 23.95
CA ILE A 266 2.89 4.37 23.33
C ILE A 266 3.92 3.43 22.68
N GLU A 267 4.81 4.01 21.87
CA GLU A 267 5.87 3.26 21.19
C GLU A 267 6.77 2.49 22.16
N SER A 268 7.21 3.15 23.20
CA SER A 268 8.07 2.50 24.19
C SER A 268 7.33 1.36 24.89
N CYS A 269 6.07 1.57 25.26
CA CYS A 269 5.28 0.52 25.92
C CYS A 269 5.05 -0.71 25.01
N ILE A 270 4.85 -0.46 23.72
CA ILE A 270 4.73 -1.55 22.73
C ILE A 270 6.03 -2.36 22.62
N VAL A 271 7.15 -1.68 22.37
CA VAL A 271 8.42 -2.38 22.18
C VAL A 271 8.93 -3.05 23.46
N HIS A 272 8.42 -2.64 24.61
CA HIS A 272 8.82 -3.25 25.89
C HIS A 272 7.80 -4.20 26.46
N ASP A 273 6.77 -4.53 25.68
CA ASP A 273 5.72 -5.42 26.17
C ASP A 273 6.06 -6.87 25.92
N GLY A 274 6.32 -7.60 27.01
CA GLY A 274 6.67 -9.01 26.96
C GLY A 274 5.71 -9.85 26.13
N HIS A 275 4.42 -9.73 26.44
CA HIS A 275 3.39 -10.53 25.79
C HIS A 275 3.27 -10.25 24.32
N LEU A 276 3.34 -8.98 23.95
CA LEU A 276 3.24 -8.60 22.55
C LEU A 276 4.45 -9.09 21.77
N VAL A 277 5.63 -8.88 22.36
CA VAL A 277 6.89 -9.21 21.71
C VAL A 277 7.01 -10.72 21.48
N LYS A 278 6.71 -11.49 22.51
CA LYS A 278 6.96 -12.93 22.46
C LYS A 278 5.88 -13.71 21.69
N THR A 279 4.76 -13.05 21.43
CA THR A 279 3.70 -13.64 20.58
C THR A 279 3.67 -13.05 19.17
N GLY A 280 4.78 -12.43 18.75
CA GLY A 280 4.97 -11.99 17.37
C GLY A 280 4.26 -10.72 16.94
N LYS A 281 3.80 -9.93 17.89
CA LYS A 281 3.02 -8.72 17.58
C LYS A 281 3.89 -7.47 17.35
N VAL A 282 5.20 -7.59 17.56
CA VAL A 282 6.10 -6.45 17.37
C VAL A 282 7.21 -6.78 16.35
N PRO A 283 6.85 -7.06 15.08
CA PRO A 283 7.89 -7.39 14.09
C PRO A 283 8.75 -6.18 13.73
N LYS A 284 9.88 -6.41 13.08
CA LYS A 284 10.82 -5.34 12.75
C LYS A 284 10.31 -4.37 11.68
N ASP A 285 9.43 -4.85 10.81
CA ASP A 285 8.89 -4.04 9.71
C ASP A 285 7.62 -3.29 10.10
N ARG A 286 7.23 -3.43 11.36
CA ARG A 286 6.04 -2.80 11.93
C ARG A 286 6.00 -1.29 11.67
N ARG A 287 4.87 -0.79 11.19
CA ARG A 287 4.67 0.64 11.03
C ARG A 287 4.38 1.28 12.38
N THR A 288 5.20 2.27 12.74
CA THR A 288 5.12 2.91 14.03
C THR A 288 4.00 3.94 14.03
N ILE A 289 3.54 4.31 15.23
CA ILE A 289 2.51 5.32 15.37
C ILE A 289 2.94 6.65 14.72
N TRP A 290 4.25 6.93 14.71
CA TRP A 290 4.77 8.12 14.04
C TRP A 290 4.55 8.09 12.55
N THR A 291 4.70 6.92 11.95
CA THR A 291 4.50 6.75 10.51
C THR A 291 3.02 7.01 10.19
N VAL A 292 2.13 6.36 10.93
CA VAL A 292 0.69 6.53 10.80
C VAL A 292 0.31 8.01 10.94
N LEU A 293 0.94 8.68 11.89
CA LEU A 293 0.72 10.11 12.12
C LEU A 293 1.12 11.00 10.93
N LYS A 294 2.13 10.57 10.16
CA LYS A 294 2.57 11.31 8.98
C LYS A 294 1.84 10.88 7.71
N GLU A 295 1.16 9.73 7.74
CA GLU A 295 0.62 9.14 6.50
C GLU A 295 -0.90 9.00 6.42
N GLN A 296 -1.56 8.79 7.56
CA GLN A 296 -2.99 8.49 7.56
C GLN A 296 -3.81 9.37 8.50
N ILE A 297 -3.11 10.20 9.27
CA ILE A 297 -3.76 11.03 10.27
C ILE A 297 -3.53 12.51 9.98
N TYR A 298 -4.62 13.27 10.09
CA TYR A 298 -4.59 14.72 10.09
C TYR A 298 -5.07 15.14 11.47
N LEU A 299 -4.63 16.31 11.90
CA LEU A 299 -4.97 16.81 13.21
C LEU A 299 -5.62 18.17 13.05
N ASP A 300 -6.73 18.40 13.75
CA ASP A 300 -7.24 19.77 13.82
C ASP A 300 -6.34 20.59 14.74
N ALA A 301 -6.52 21.91 14.70
CA ALA A 301 -5.70 22.82 15.51
C ALA A 301 -6.51 23.41 16.66
N VAL A 302 -7.52 22.69 17.12
CA VAL A 302 -8.33 23.15 18.24
C VAL A 302 -7.62 22.73 19.52
N ILE A 303 -6.58 23.48 19.87
CA ILE A 303 -5.68 23.10 20.95
C ILE A 303 -5.36 24.29 21.88
N TYR A 304 -5.73 25.49 21.44
CA TYR A 304 -5.75 26.70 22.28
C TYR A 304 -4.38 27.22 22.71
N SER A 305 -3.31 26.51 22.36
CA SER A 305 -1.98 26.92 22.74
C SER A 305 -0.94 26.51 21.71
N GLU A 306 0.03 27.40 21.51
CA GLU A 306 1.18 27.10 20.64
C GLU A 306 2.03 25.96 21.21
N VAL A 307 1.91 25.70 22.51
CA VAL A 307 2.58 24.57 23.13
C VAL A 307 2.07 23.23 22.59
N GLY A 308 0.77 22.98 22.74
CA GLY A 308 0.15 21.81 22.14
C GLY A 308 0.28 21.80 20.63
N LEU A 309 0.08 22.96 20.01
CA LEU A 309 0.14 23.04 18.55
C LEU A 309 1.49 22.62 17.99
N GLN A 310 2.58 23.09 18.61
CA GLN A 310 3.93 22.72 18.17
C GLN A 310 4.16 21.21 18.27
N ALA A 311 3.68 20.59 19.36
CA ALA A 311 3.73 19.14 19.50
C ALA A 311 2.96 18.47 18.35
N ALA A 312 1.77 18.99 18.03
CA ALA A 312 0.97 18.44 16.94
C ALA A 312 1.70 18.59 15.60
N ILE A 313 2.24 19.77 15.33
CA ILE A 313 3.00 20.02 14.09
C ILE A 313 4.19 19.07 13.97
N ALA A 314 4.97 18.95 15.05
CA ALA A 314 6.12 18.05 15.08
C ALA A 314 5.73 16.59 14.83
N SER A 315 4.53 16.21 15.26
CA SER A 315 4.02 14.83 15.09
C SER A 315 3.52 14.51 13.69
N SER A 316 2.72 15.41 13.11
CA SER A 316 2.05 15.11 11.83
C SER A 316 2.58 15.92 10.64
N GLY A 317 3.28 17.03 10.90
CA GLY A 317 3.77 17.92 9.86
C GLY A 317 2.83 19.11 9.70
N ALA A 318 3.39 20.26 9.35
CA ALA A 318 2.60 21.48 9.21
C ALA A 318 1.59 21.40 8.06
N ASP A 319 1.82 20.48 7.13
CA ASP A 319 0.89 20.24 6.01
C ASP A 319 -0.28 19.34 6.41
N ARG A 320 -0.34 18.92 7.67
CA ARG A 320 -1.39 18.01 8.11
C ARG A 320 -2.22 18.53 9.29
N LEU A 321 -2.00 19.81 9.63
CA LEU A 321 -2.77 20.49 10.68
C LEU A 321 -3.84 21.37 10.06
N MET A 322 -5.02 21.39 10.68
CA MET A 322 -6.13 22.16 10.11
C MET A 322 -6.91 22.95 11.15
N PHE A 323 -6.98 24.27 10.93
CA PHE A 323 -7.73 25.17 11.79
C PHE A 323 -9.19 24.76 12.01
N GLY A 324 -9.68 25.01 13.22
CA GLY A 324 -11.08 24.80 13.57
C GLY A 324 -11.45 25.62 14.79
N THR A 325 -12.74 25.72 15.09
CA THR A 325 -13.19 26.58 16.17
C THR A 325 -14.04 25.89 17.23
N ASP A 326 -14.60 24.72 16.87
CA ASP A 326 -15.60 24.03 17.69
C ASP A 326 -16.85 24.88 17.94
N HIS A 327 -17.12 25.82 17.03
CA HIS A 327 -18.37 26.61 17.07
C HIS A 327 -19.53 25.65 17.02
N PRO A 328 -20.59 25.90 17.81
CA PRO A 328 -20.82 27.01 18.70
C PRO A 328 -20.70 26.67 20.19
N PHE A 329 -19.84 25.73 20.54
CA PHE A 329 -19.87 25.17 21.89
C PHE A 329 -19.23 26.06 22.98
N PHE A 330 -18.30 26.94 22.60
CA PHE A 330 -17.70 27.82 23.60
C PHE A 330 -17.92 29.32 23.31
N PRO A 331 -19.15 29.81 23.53
CA PRO A 331 -19.41 31.24 23.36
C PRO A 331 -18.73 32.06 24.47
N PRO A 332 -18.45 33.35 24.21
CA PRO A 332 -17.97 34.26 25.26
C PRO A 332 -19.03 34.33 26.34
N ILE A 333 -18.62 34.37 27.61
CA ILE A 333 -19.62 34.37 28.68
C ILE A 333 -20.14 35.77 28.98
N GLU A 334 -19.25 36.76 29.00
CA GLU A 334 -19.66 38.11 29.35
C GLU A 334 -19.47 39.11 28.21
N GLU A 335 -18.84 38.65 27.14
CA GLU A 335 -18.57 39.47 25.96
C GLU A 335 -19.72 39.24 24.97
N ASP A 336 -19.77 40.04 23.90
CA ASP A 336 -20.85 39.96 22.92
C ASP A 336 -20.78 38.68 22.08
N VAL A 337 -21.82 37.85 22.17
CA VAL A 337 -21.87 36.59 21.42
C VAL A 337 -21.98 36.82 19.91
N GLN A 338 -22.32 38.06 19.52
CA GLN A 338 -22.39 38.45 18.11
C GLN A 338 -21.08 39.08 17.62
N GLY A 339 -20.14 39.30 18.54
CA GLY A 339 -18.80 39.79 18.19
C GLY A 339 -17.85 38.63 17.99
N PRO A 340 -16.53 38.92 17.86
CA PRO A 340 -15.55 37.84 17.71
C PRO A 340 -15.53 36.91 18.93
N TRP A 341 -15.24 35.64 18.70
CA TRP A 341 -15.23 34.65 19.77
C TRP A 341 -13.82 34.35 20.19
N ASP A 342 -13.56 34.47 21.50
CA ASP A 342 -12.26 34.13 22.08
C ASP A 342 -11.86 32.68 21.73
N SER A 343 -12.82 31.76 21.82
CA SER A 343 -12.58 30.34 21.51
C SER A 343 -12.06 30.09 20.09
N SER A 344 -12.36 31.01 19.17
CA SER A 344 -11.80 30.98 17.83
C SER A 344 -10.42 31.65 17.79
N ARG A 345 -10.34 32.86 18.35
CA ARG A 345 -9.13 33.67 18.33
C ARG A 345 -7.93 32.97 19.01
N LEU A 346 -8.19 32.30 20.13
CA LEU A 346 -7.12 31.57 20.84
C LEU A 346 -6.38 30.57 19.93
N ASN A 347 -7.12 29.91 19.05
CA ASN A 347 -6.51 28.94 18.12
C ASN A 347 -5.75 29.62 16.98
N ALA A 348 -6.31 30.69 16.44
CA ALA A 348 -5.63 31.46 15.41
C ALA A 348 -4.34 32.06 15.98
N GLN A 349 -4.42 32.58 17.19
CA GLN A 349 -3.27 33.12 17.92
C GLN A 349 -2.18 32.04 18.10
N ALA A 350 -2.59 30.84 18.50
CA ALA A 350 -1.66 29.71 18.66
C ALA A 350 -0.91 29.45 17.35
N VAL A 351 -1.64 29.44 16.23
CA VAL A 351 -1.03 29.27 14.91
C VAL A 351 0.08 30.31 14.67
N ILE A 352 -0.26 31.59 14.87
CA ILE A 352 0.69 32.70 14.64
C ILE A 352 1.94 32.58 15.53
N LYS A 353 1.75 32.39 16.82
CA LYS A 353 2.86 32.17 17.74
C LYS A 353 3.74 30.98 17.38
N ALA A 354 3.13 29.93 16.85
CA ALA A 354 3.85 28.69 16.55
C ALA A 354 4.66 28.77 15.25
N VAL A 355 4.08 29.29 14.18
CA VAL A 355 4.74 29.27 12.86
C VAL A 355 4.92 30.65 12.23
N GLY A 356 4.37 31.68 12.89
CA GLY A 356 4.57 33.06 12.45
C GLY A 356 3.50 33.55 11.50
N GLU A 357 3.01 34.75 11.77
CA GLU A 357 2.06 35.43 10.90
C GLU A 357 2.63 35.61 9.48
N GLY A 358 1.78 35.37 8.48
CA GLY A 358 2.17 35.54 7.09
C GLY A 358 2.98 34.41 6.49
N SER A 359 3.46 33.49 7.32
CA SER A 359 4.27 32.37 6.83
C SER A 359 3.42 31.44 5.96
N SER A 360 4.07 30.56 5.20
CA SER A 360 3.35 29.61 4.36
C SER A 360 2.75 28.50 5.22
N ASP A 361 3.43 28.16 6.32
CA ASP A 361 2.90 27.24 7.31
C ASP A 361 1.57 27.74 7.90
N ALA A 362 1.52 29.04 8.23
CA ALA A 362 0.31 29.66 8.75
C ALA A 362 -0.84 29.54 7.76
N ALA A 363 -0.57 29.91 6.50
CA ALA A 363 -1.56 29.81 5.43
C ALA A 363 -2.08 28.38 5.28
N ALA A 364 -1.18 27.41 5.33
CA ALA A 364 -1.51 26.00 5.26
C ALA A 364 -2.47 25.57 6.38
N VAL A 365 -2.07 25.83 7.63
CA VAL A 365 -2.87 25.42 8.79
C VAL A 365 -4.22 26.13 8.82
N MET A 366 -4.23 27.40 8.46
CA MET A 366 -5.43 28.23 8.53
C MET A 366 -6.47 27.94 7.44
N GLY A 367 -6.08 27.21 6.40
CA GLY A 367 -7.02 26.90 5.33
C GLY A 367 -6.53 26.06 4.16
N LEU A 368 -5.29 26.28 3.74
CA LEU A 368 -4.83 25.66 2.51
C LEU A 368 -4.69 24.14 2.56
N ASN A 369 -4.36 23.59 3.73
CA ASN A 369 -4.33 22.13 3.91
C ASN A 369 -5.70 21.53 3.68
N ALA A 370 -6.73 22.16 4.25
CA ALA A 370 -8.12 21.73 4.09
C ALA A 370 -8.56 21.80 2.63
N VAL A 371 -8.19 22.89 1.96
CA VAL A 371 -8.48 23.10 0.54
C VAL A 371 -7.92 21.95 -0.28
N ARG A 372 -6.63 21.67 -0.09
CA ARG A 372 -5.96 20.59 -0.77
C ARG A 372 -6.57 19.23 -0.43
N VAL A 373 -6.60 18.92 0.86
CA VAL A 373 -7.02 17.58 1.31
C VAL A 373 -8.49 17.27 1.02
N LEU A 374 -9.35 18.27 1.14
CA LEU A 374 -10.77 18.08 0.88
C LEU A 374 -11.19 18.43 -0.55
N SER A 375 -10.20 18.73 -1.40
CA SER A 375 -10.45 19.13 -2.80
C SER A 375 -11.51 20.22 -2.86
N LEU A 376 -11.23 21.35 -2.20
CA LEU A 376 -12.14 22.50 -2.23
C LEU A 376 -11.66 23.54 -3.25
N LYS A 377 -10.51 23.28 -3.88
CA LYS A 377 -9.82 24.25 -4.74
C LYS A 377 -10.60 24.72 -5.95
N ALA A 378 -11.23 23.78 -6.66
CA ALA A 378 -12.03 24.12 -7.84
C ALA A 378 -13.24 24.95 -7.47
N GLU A 379 -13.92 24.53 -6.39
CA GLU A 379 -15.04 25.30 -5.85
C GLU A 379 -14.63 26.72 -5.46
N LEU A 380 -13.48 26.84 -4.80
CA LEU A 380 -12.98 28.13 -4.34
C LEU A 380 -12.62 29.08 -5.48
N GLU A 381 -11.86 28.58 -6.45
CA GLU A 381 -11.48 29.38 -7.62
C GLU A 381 -12.70 29.87 -8.39
N HIS A 382 -13.61 28.97 -8.59
CA HIS A 382 -14.86 29.32 -9.24
C HIS A 382 -15.50 30.45 -8.50
N HIS A 383 -15.84 30.20 -7.24
CA HIS A 383 -16.50 31.18 -6.38
C HIS A 383 -15.85 32.53 -6.43
N HIS A 384 -14.55 32.58 -6.14
CA HIS A 384 -13.87 33.86 -6.09
C HIS A 384 -13.99 34.60 -7.41
N HIS A 385 -13.71 33.91 -8.51
CA HIS A 385 -13.94 34.47 -9.83
C HIS A 385 -15.39 34.73 -10.12
N HIS A 386 -16.17 33.65 -10.31
CA HIS A 386 -17.54 33.71 -10.81
C HIS A 386 -18.59 34.17 -9.82
N HIS A 387 -18.18 34.47 -8.58
CA HIS A 387 -19.15 34.91 -7.56
C HIS A 387 -18.72 36.15 -6.86
N PRO B 9 32.71 7.75 -25.90
CA PRO B 9 31.31 7.36 -26.10
C PRO B 9 30.68 8.01 -27.32
N VAL B 10 30.38 7.20 -28.33
CA VAL B 10 29.71 7.65 -29.55
C VAL B 10 28.33 7.01 -29.62
N VAL B 11 27.35 7.74 -30.13
CA VAL B 11 26.01 7.18 -30.28
C VAL B 11 25.85 6.58 -31.67
N VAL B 12 25.53 5.29 -31.72
CA VAL B 12 25.28 4.61 -32.99
C VAL B 12 23.84 4.11 -33.06
N ASP B 13 23.19 4.36 -34.19
CA ASP B 13 21.85 3.87 -34.44
C ASP B 13 21.93 2.72 -35.46
N ILE B 14 21.71 1.48 -35.00
CA ILE B 14 21.78 0.33 -35.92
C ILE B 14 20.44 -0.08 -36.53
N HIS B 15 19.38 0.69 -36.26
CA HIS B 15 18.05 0.32 -36.73
C HIS B 15 17.39 1.54 -37.29
N THR B 16 17.58 1.72 -38.59
CA THR B 16 17.25 2.99 -39.23
C THR B 16 17.21 2.74 -40.74
N HIS B 17 16.15 3.21 -41.39
CA HIS B 17 15.87 2.79 -42.77
C HIS B 17 15.79 3.90 -43.76
N MET B 18 15.91 3.52 -45.04
CA MET B 18 15.69 4.43 -46.15
C MET B 18 15.10 3.62 -47.29
N TYR B 19 14.35 4.29 -48.17
CA TYR B 19 14.11 3.79 -49.52
C TYR B 19 14.83 4.75 -50.46
N PRO B 20 15.78 4.24 -51.28
CA PRO B 20 16.37 5.12 -52.30
C PRO B 20 15.28 5.59 -53.28
N PRO B 21 15.45 6.79 -53.87
CA PRO B 21 14.40 7.37 -54.71
C PRO B 21 13.90 6.44 -55.83
N SER B 22 14.81 5.66 -56.41
CA SER B 22 14.48 4.69 -57.45
C SER B 22 13.48 3.64 -56.93
N TYR B 23 13.73 3.15 -55.72
CA TYR B 23 12.86 2.17 -55.06
C TYR B 23 11.45 2.71 -54.90
N ILE B 24 11.34 4.00 -54.53
CA ILE B 24 10.02 4.65 -54.39
C ILE B 24 9.33 4.80 -55.75
N ALA B 25 10.13 4.96 -56.81
CA ALA B 25 9.60 5.01 -58.18
C ALA B 25 8.90 3.69 -58.54
N MET B 26 9.50 2.56 -58.16
CA MET B 26 8.88 1.24 -58.34
C MET B 26 7.50 1.20 -57.68
N LEU B 27 7.48 1.47 -56.37
CA LEU B 27 6.25 1.39 -55.56
C LEU B 27 5.09 2.21 -56.14
N GLU B 28 5.40 3.41 -56.62
CA GLU B 28 4.40 4.32 -57.19
C GLU B 28 3.69 3.75 -58.42
N LYS B 29 4.33 2.80 -59.09
CA LYS B 29 3.79 2.20 -60.31
C LYS B 29 3.23 0.79 -60.06
N ARG B 30 3.33 0.34 -58.82
CA ARG B 30 2.84 -0.99 -58.44
C ARG B 30 1.33 -0.99 -58.24
N GLN B 31 0.69 -2.05 -58.75
CA GLN B 31 -0.76 -2.20 -58.65
C GLN B 31 -1.16 -2.89 -57.34
N THR B 32 -0.26 -3.72 -56.82
CA THR B 32 -0.48 -4.41 -55.55
C THR B 32 0.55 -3.99 -54.50
N ILE B 33 0.20 -4.22 -53.24
CA ILE B 33 1.07 -3.99 -52.09
C ILE B 33 2.39 -4.75 -52.24
N PRO B 34 3.53 -4.09 -51.96
CA PRO B 34 3.67 -2.71 -51.48
C PRO B 34 3.51 -1.69 -52.61
N LEU B 35 2.97 -0.53 -52.27
CA LEU B 35 2.73 0.53 -53.25
C LEU B 35 2.68 1.91 -52.59
N VAL B 36 2.82 2.94 -53.43
CA VAL B 36 2.65 4.34 -53.01
C VAL B 36 1.62 5.02 -53.91
N ARG B 37 0.60 5.62 -53.31
CA ARG B 37 -0.39 6.41 -54.03
C ARG B 37 -0.58 7.77 -53.37
N THR B 38 -0.83 8.78 -54.20
CA THR B 38 -1.23 10.10 -53.73
C THR B 38 -2.75 10.21 -53.76
N PHE B 39 -3.33 10.79 -52.71
CA PHE B 39 -4.77 10.99 -52.60
C PHE B 39 -5.09 12.48 -52.57
N PRO B 40 -6.29 12.88 -53.05
CA PRO B 40 -6.65 14.31 -53.16
C PRO B 40 -6.43 15.15 -51.89
N GLN B 41 -6.99 14.72 -50.76
CA GLN B 41 -7.05 15.55 -49.54
C GLN B 41 -5.70 15.83 -48.86
N ALA B 42 -4.70 15.00 -49.11
CA ALA B 42 -3.36 15.22 -48.57
C ALA B 42 -2.32 15.11 -49.68
N ASP B 43 -1.61 16.20 -49.95
CA ASP B 43 -0.62 16.23 -51.03
C ASP B 43 0.69 15.50 -50.70
N GLU B 44 0.70 14.83 -49.55
CA GLU B 44 1.77 13.92 -49.16
C GLU B 44 1.35 12.49 -49.53
N PRO B 45 2.20 11.77 -50.28
CA PRO B 45 1.85 10.41 -50.73
C PRO B 45 1.65 9.41 -49.57
N ARG B 46 0.91 8.35 -49.82
CA ARG B 46 0.64 7.34 -48.79
C ARG B 46 1.44 6.08 -49.05
N LEU B 47 2.17 5.63 -48.02
CA LEU B 47 2.95 4.40 -48.09
C LEU B 47 2.14 3.22 -47.56
N ILE B 48 1.83 2.28 -48.45
CA ILE B 48 1.00 1.11 -48.14
C ILE B 48 1.85 -0.16 -48.26
N LEU B 49 2.30 -0.66 -47.11
CA LEU B 49 3.28 -1.75 -47.04
C LEU B 49 2.70 -3.10 -46.57
N LEU B 50 1.77 -3.03 -45.62
CA LEU B 50 1.38 -4.19 -44.84
C LEU B 50 0.02 -4.76 -45.25
N SER B 51 -0.12 -6.07 -45.06
CA SER B 51 -1.36 -6.80 -45.35
C SER B 51 -2.59 -6.24 -44.63
N SER B 52 -2.39 -5.73 -43.41
CA SER B 52 -3.46 -5.17 -42.59
C SER B 52 -4.09 -3.91 -43.17
N GLU B 53 -3.33 -3.21 -44.01
CA GLU B 53 -3.77 -1.94 -44.62
C GLU B 53 -4.65 -2.14 -45.86
N LEU B 54 -4.71 -3.37 -46.37
CA LEU B 54 -5.38 -3.67 -47.63
C LEU B 54 -6.87 -3.29 -47.60
N ALA B 55 -7.55 -3.62 -46.50
CA ALA B 55 -8.98 -3.33 -46.33
C ALA B 55 -9.27 -1.82 -46.32
N ALA B 56 -8.38 -1.07 -45.68
CA ALA B 56 -8.48 0.40 -45.62
C ALA B 56 -8.08 1.08 -46.93
N LEU B 57 -7.23 0.42 -47.72
CA LEU B 57 -6.88 0.89 -49.06
C LEU B 57 -8.06 0.71 -50.01
N ASP B 58 -8.78 -0.40 -49.85
CA ASP B 58 -9.98 -0.67 -50.65
C ASP B 58 -11.07 0.36 -50.39
N ALA B 59 -11.31 0.68 -49.12
CA ALA B 59 -12.30 1.68 -48.71
C ALA B 59 -11.90 3.10 -49.12
N ALA B 60 -10.60 3.37 -49.16
CA ALA B 60 -10.08 4.66 -49.60
C ALA B 60 -10.15 4.83 -51.12
N LEU B 61 -10.11 3.71 -51.85
CA LEU B 61 -10.23 3.71 -53.30
C LEU B 61 -11.68 3.87 -53.78
N ALA B 62 -12.56 2.99 -53.28
CA ALA B 62 -13.98 2.97 -53.68
C ALA B 62 -14.76 4.24 -53.29
N ASP B 63 -14.25 4.98 -52.31
CA ASP B 63 -14.90 6.19 -51.81
C ASP B 63 -13.86 7.24 -51.38
N PRO B 64 -14.00 8.49 -51.88
CA PRO B 64 -13.08 9.59 -51.51
C PRO B 64 -13.28 10.15 -50.09
N ALA B 65 -14.19 9.57 -49.31
CA ALA B 65 -14.52 10.09 -47.98
C ALA B 65 -13.91 9.30 -46.82
N ALA B 66 -13.52 8.05 -47.08
CA ALA B 66 -12.88 7.20 -46.07
C ALA B 66 -11.48 7.71 -45.70
N LYS B 67 -10.95 7.20 -44.58
CA LYS B 67 -9.62 7.61 -44.09
C LYS B 67 -8.49 7.27 -45.07
N LEU B 68 -7.46 8.11 -45.08
CA LEU B 68 -6.26 7.86 -45.87
C LEU B 68 -5.62 6.54 -45.46
N PRO B 69 -5.32 5.66 -46.43
CA PRO B 69 -4.73 4.36 -46.09
C PRO B 69 -3.24 4.48 -45.80
N GLY B 70 -2.67 3.42 -45.22
CA GLY B 70 -1.25 3.37 -44.90
C GLY B 70 -0.77 4.53 -44.05
N ARG B 71 0.47 4.93 -44.28
CA ARG B 71 1.10 6.02 -43.53
C ARG B 71 1.68 7.06 -44.49
N PRO B 72 1.87 8.31 -43.99
CA PRO B 72 2.44 9.36 -44.85
C PRO B 72 3.84 9.01 -45.37
N LEU B 73 4.04 9.11 -46.68
CA LEU B 73 5.38 9.01 -47.24
C LEU B 73 6.06 10.38 -47.08
N SER B 74 6.71 10.57 -45.93
CA SER B 74 7.44 11.80 -45.65
C SER B 74 8.78 11.79 -46.38
N THR B 75 9.43 12.95 -46.45
CA THR B 75 10.73 13.08 -47.10
C THR B 75 11.83 12.35 -46.31
N HIS B 76 11.48 11.92 -45.10
CA HIS B 76 12.40 11.18 -44.25
C HIS B 76 12.67 9.78 -44.73
N PHE B 77 11.91 9.32 -45.71
CA PHE B 77 12.12 7.99 -46.29
C PHE B 77 13.22 7.95 -47.35
N ALA B 78 13.27 8.97 -48.20
CA ALA B 78 14.15 8.94 -49.38
C ALA B 78 15.33 9.93 -49.35
N SER B 79 15.30 10.86 -48.40
CA SER B 79 16.28 11.95 -48.38
C SER B 79 17.45 11.69 -47.43
N LEU B 80 18.64 11.55 -48.00
CA LEU B 80 19.86 11.41 -47.22
C LEU B 80 20.10 12.65 -46.36
N ALA B 81 19.79 13.83 -46.89
CA ALA B 81 19.91 15.08 -46.14
C ALA B 81 19.04 15.02 -44.87
N GLN B 82 17.81 14.54 -45.02
CA GLN B 82 16.93 14.41 -43.87
C GLN B 82 17.38 13.36 -42.84
N LYS B 83 18.01 12.29 -43.32
CA LYS B 83 18.63 11.31 -42.44
C LYS B 83 19.70 11.98 -41.59
N MET B 84 20.60 12.70 -42.26
CA MET B 84 21.63 13.45 -41.56
C MET B 84 21.05 14.48 -40.58
N HIS B 85 19.97 15.15 -40.96
CA HIS B 85 19.33 16.14 -40.10
C HIS B 85 18.75 15.46 -38.89
N PHE B 86 18.08 14.33 -39.12
CA PHE B 86 17.57 13.53 -38.01
C PHE B 86 18.68 13.16 -37.03
N MET B 87 19.80 12.66 -37.56
CA MET B 87 20.94 12.31 -36.72
C MET B 87 21.46 13.49 -35.91
N ASP B 88 21.67 14.63 -36.58
CA ASP B 88 22.14 15.85 -35.91
C ASP B 88 21.19 16.31 -34.80
N THR B 89 19.89 16.30 -35.07
CA THR B 89 18.92 16.79 -34.09
C THR B 89 18.70 15.82 -32.94
N ASN B 90 19.07 14.55 -33.11
CA ASN B 90 18.85 13.56 -32.06
C ASN B 90 20.10 13.02 -31.40
N GLY B 91 21.23 13.69 -31.63
CA GLY B 91 22.51 13.34 -31.00
C GLY B 91 23.08 12.00 -31.46
N ILE B 92 22.83 11.66 -32.73
CA ILE B 92 23.32 10.40 -33.28
C ILE B 92 24.54 10.66 -34.17
N ARG B 93 25.66 10.01 -33.87
CA ARG B 93 26.88 10.21 -34.65
C ARG B 93 26.94 9.31 -35.88
N VAL B 94 26.61 8.03 -35.69
CA VAL B 94 26.73 7.04 -36.74
C VAL B 94 25.41 6.31 -36.92
N SER B 95 25.00 6.11 -38.17
CA SER B 95 23.85 5.27 -38.46
C SER B 95 24.28 4.13 -39.36
N VAL B 96 23.87 2.92 -38.99
CA VAL B 96 24.00 1.79 -39.87
C VAL B 96 22.63 1.64 -40.56
N ILE B 97 22.53 2.15 -41.78
CA ILE B 97 21.22 2.20 -42.46
C ILE B 97 20.91 0.90 -43.20
N SER B 98 19.62 0.65 -43.43
CA SER B 98 19.17 -0.51 -44.17
C SER B 98 17.91 -0.20 -44.96
N LEU B 99 17.74 -0.86 -46.09
CA LEU B 99 16.49 -0.78 -46.83
C LEU B 99 15.36 -1.25 -45.92
N ALA B 100 14.24 -0.54 -45.95
CA ALA B 100 13.10 -0.94 -45.14
C ALA B 100 12.37 -2.10 -45.78
N ASN B 101 11.60 -2.82 -44.96
CA ASN B 101 10.67 -3.83 -45.44
C ASN B 101 9.74 -3.26 -46.53
N PRO B 102 9.36 -4.07 -47.53
CA PRO B 102 9.64 -5.50 -47.71
C PRO B 102 10.87 -5.81 -48.58
N TRP B 103 11.85 -4.92 -48.63
CA TRP B 103 13.11 -5.16 -49.36
C TRP B 103 12.87 -5.57 -50.80
N PHE B 104 13.50 -6.67 -51.24
CA PHE B 104 13.32 -7.17 -52.61
C PHE B 104 12.39 -8.39 -52.71
N ASP B 105 11.65 -8.67 -51.63
CA ASP B 105 10.79 -9.87 -51.54
C ASP B 105 9.75 -10.03 -52.64
N PHE B 106 9.21 -8.90 -53.10
CA PHE B 106 8.08 -8.87 -54.02
C PHE B 106 8.47 -8.97 -55.51
N LEU B 107 9.76 -8.85 -55.80
CA LEU B 107 10.24 -8.82 -57.19
C LEU B 107 10.30 -10.19 -57.86
N ALA B 108 10.01 -10.22 -59.16
CA ALA B 108 10.14 -11.44 -59.96
C ALA B 108 11.60 -11.92 -59.97
N PRO B 109 11.81 -13.26 -59.91
CA PRO B 109 13.15 -13.87 -59.84
C PRO B 109 14.13 -13.38 -60.89
N ASP B 110 13.64 -13.08 -62.10
CA ASP B 110 14.51 -12.64 -63.20
C ASP B 110 15.09 -11.25 -62.97
N GLU B 111 14.29 -10.37 -62.38
CA GLU B 111 14.64 -8.96 -62.22
C GLU B 111 15.38 -8.66 -60.90
N ALA B 112 15.24 -9.55 -59.92
CA ALA B 112 15.72 -9.30 -58.56
C ALA B 112 17.24 -9.06 -58.43
N PRO B 113 18.09 -9.96 -58.96
CA PRO B 113 19.54 -9.81 -58.75
C PRO B 113 20.07 -8.47 -59.29
N GLY B 114 19.51 -8.02 -60.40
CA GLY B 114 19.90 -6.77 -61.03
C GLY B 114 19.50 -5.57 -60.21
N ILE B 115 18.29 -5.63 -59.65
CA ILE B 115 17.79 -4.53 -58.80
C ILE B 115 18.56 -4.47 -57.47
N ALA B 116 18.71 -5.61 -56.82
CA ALA B 116 19.46 -5.72 -55.56
C ALA B 116 20.87 -5.15 -55.71
N ASP B 117 21.57 -5.59 -56.75
CA ASP B 117 22.91 -5.09 -57.06
C ASP B 117 22.92 -3.57 -57.18
N ALA B 118 22.01 -3.01 -57.96
CA ALA B 118 21.90 -1.55 -58.11
C ALA B 118 21.68 -0.85 -56.76
N VAL B 119 20.65 -1.27 -56.02
CA VAL B 119 20.28 -0.64 -54.75
C VAL B 119 21.39 -0.76 -53.70
N ASN B 120 22.01 -1.94 -53.61
CA ASN B 120 23.15 -2.12 -52.71
C ASN B 120 24.31 -1.19 -53.05
N ALA B 121 24.53 -0.96 -54.35
CA ALA B 121 25.52 0.01 -54.83
C ALA B 121 25.18 1.45 -54.42
N GLU B 122 23.91 1.84 -54.60
CA GLU B 122 23.41 3.15 -54.14
C GLU B 122 23.63 3.38 -52.64
N PHE B 123 23.34 2.34 -51.84
CA PHE B 123 23.55 2.43 -50.40
C PHE B 123 25.02 2.69 -50.05
N SER B 124 25.93 2.00 -50.73
CA SER B 124 27.36 2.17 -50.50
C SER B 124 27.77 3.60 -50.85
N ASP B 125 27.23 4.11 -51.94
CA ASP B 125 27.53 5.46 -52.38
C ASP B 125 26.97 6.51 -51.43
N MET B 126 25.75 6.27 -50.94
CA MET B 126 25.15 7.15 -49.94
C MET B 126 26.07 7.22 -48.71
N CYS B 127 26.57 6.07 -48.26
CA CYS B 127 27.49 6.04 -47.12
C CYS B 127 28.77 6.84 -47.40
N ALA B 128 29.23 6.81 -48.65
CA ALA B 128 30.43 7.56 -49.04
C ALA B 128 30.23 9.08 -48.95
N GLN B 129 28.98 9.54 -48.99
CA GLN B 129 28.68 10.97 -48.84
C GLN B 129 29.04 11.54 -47.48
N HIS B 130 29.09 10.70 -46.45
CA HIS B 130 29.39 11.15 -45.09
C HIS B 130 30.28 10.18 -44.38
N VAL B 131 31.56 10.16 -44.77
CA VAL B 131 32.51 9.16 -44.31
C VAL B 131 32.61 9.12 -42.79
N GLY B 132 32.43 7.93 -42.21
CA GLY B 132 32.53 7.76 -40.76
C GLY B 132 31.20 7.90 -40.03
N ARG B 133 30.17 8.37 -40.74
CA ARG B 133 28.86 8.55 -40.13
C ARG B 133 27.81 7.57 -40.66
N LEU B 134 28.14 6.88 -41.75
CA LEU B 134 27.17 6.00 -42.40
C LEU B 134 27.79 4.69 -42.83
N PHE B 135 27.17 3.61 -42.35
CA PHE B 135 27.47 2.25 -42.82
C PHE B 135 26.12 1.65 -43.16
N PHE B 136 26.10 0.45 -43.73
CA PHE B 136 24.82 -0.13 -44.15
C PHE B 136 24.74 -1.65 -44.08
N PHE B 137 23.52 -2.15 -43.88
CA PHE B 137 23.19 -3.57 -44.07
C PHE B 137 22.63 -3.70 -45.48
N ALA B 138 23.19 -4.62 -46.25
CA ALA B 138 22.73 -4.86 -47.61
C ALA B 138 21.50 -5.77 -47.62
N ALA B 139 20.68 -5.67 -48.66
CA ALA B 139 19.56 -6.56 -48.85
C ALA B 139 19.83 -7.58 -49.96
N LEU B 140 19.25 -8.77 -49.83
CA LEU B 140 19.50 -9.85 -50.77
C LEU B 140 18.29 -10.15 -51.66
N PRO B 141 18.54 -10.57 -52.92
CA PRO B 141 17.48 -10.92 -53.87
C PRO B 141 16.95 -12.34 -53.63
N LEU B 142 16.20 -12.51 -52.54
CA LEU B 142 15.80 -13.86 -52.09
C LEU B 142 14.68 -14.51 -52.92
N SER B 143 13.98 -13.71 -53.72
CA SER B 143 12.97 -14.26 -54.64
C SER B 143 13.64 -14.90 -55.87
N ALA B 144 14.92 -14.63 -56.05
CA ALA B 144 15.72 -15.22 -57.12
C ALA B 144 16.38 -16.52 -56.65
N PRO B 145 16.93 -17.32 -57.59
CA PRO B 145 17.61 -18.57 -57.25
C PRO B 145 18.70 -18.40 -56.20
N VAL B 146 19.02 -19.50 -55.50
CA VAL B 146 20.00 -19.50 -54.42
C VAL B 146 21.37 -19.01 -54.89
N ASP B 147 21.80 -19.50 -56.06
CA ASP B 147 23.09 -19.15 -56.63
C ASP B 147 23.25 -17.64 -56.85
N ALA B 148 22.17 -16.99 -57.28
CA ALA B 148 22.15 -15.53 -57.43
C ALA B 148 22.27 -14.84 -56.07
N VAL B 149 21.63 -15.41 -55.06
CA VAL B 149 21.71 -14.91 -53.68
C VAL B 149 23.15 -14.97 -53.19
N LYS B 150 23.78 -16.13 -53.39
CA LYS B 150 25.19 -16.33 -53.03
C LYS B 150 26.12 -15.39 -53.80
N ALA B 151 25.79 -15.12 -55.06
CA ALA B 151 26.54 -14.17 -55.88
C ALA B 151 26.43 -12.77 -55.31
N SER B 152 25.22 -12.39 -54.91
CA SER B 152 24.97 -11.08 -54.28
C SER B 152 25.77 -10.93 -53.00
N ILE B 153 25.83 -11.99 -52.19
CA ILE B 153 26.60 -12.00 -50.95
C ILE B 153 28.09 -11.73 -51.21
N GLU B 154 28.67 -12.46 -52.16
CA GLU B 154 30.07 -12.26 -52.52
C GLU B 154 30.36 -10.85 -53.07
N ARG B 155 29.37 -10.24 -53.73
CA ARG B 155 29.51 -8.86 -54.19
C ARG B 155 29.43 -7.85 -53.04
N VAL B 156 28.33 -7.85 -52.29
CA VAL B 156 28.15 -6.86 -51.22
C VAL B 156 29.26 -6.89 -50.17
N LYS B 157 29.93 -8.03 -50.00
CA LYS B 157 30.99 -8.11 -49.00
C LYS B 157 32.24 -7.29 -49.40
N ASN B 158 32.38 -6.98 -50.69
CA ASN B 158 33.44 -6.12 -51.18
C ASN B 158 33.07 -4.63 -51.15
N LEU B 159 31.82 -4.34 -50.83
CA LEU B 159 31.37 -2.94 -50.80
C LEU B 159 31.87 -2.23 -49.56
N LYS B 160 32.42 -1.04 -49.77
CA LYS B 160 32.86 -0.17 -48.69
C LYS B 160 31.65 0.22 -47.84
N TYR B 161 31.85 0.28 -46.52
CA TYR B 161 30.78 0.68 -45.58
C TYR B 161 29.66 -0.36 -45.40
N CYS B 162 29.71 -1.48 -46.12
CA CYS B 162 28.80 -2.60 -45.82
C CYS B 162 29.27 -3.31 -44.57
N ARG B 163 28.34 -3.54 -43.64
CA ARG B 163 28.67 -4.24 -42.39
C ARG B 163 27.69 -5.34 -42.05
N GLY B 164 26.83 -5.71 -42.99
CA GLY B 164 25.96 -6.84 -42.77
C GLY B 164 24.86 -6.99 -43.78
N ILE B 165 23.88 -7.80 -43.40
CA ILE B 165 22.78 -8.18 -44.25
C ILE B 165 21.48 -7.93 -43.47
N ILE B 166 20.51 -7.30 -44.12
CA ILE B 166 19.16 -7.28 -43.57
C ILE B 166 18.30 -8.33 -44.27
N LEU B 167 17.62 -9.15 -43.49
CA LEU B 167 16.64 -10.06 -44.07
C LEU B 167 15.33 -10.19 -43.29
N GLY B 168 14.28 -10.55 -44.02
CA GLY B 168 12.97 -10.80 -43.45
C GLY B 168 12.80 -12.24 -43.00
N THR B 169 11.60 -12.55 -42.58
CA THR B 169 11.33 -13.85 -41.96
C THR B 169 10.87 -14.89 -42.96
N SER B 170 10.55 -14.48 -44.17
CA SER B 170 10.03 -15.42 -45.15
C SER B 170 11.14 -16.23 -45.84
N GLY B 171 12.37 -15.74 -45.79
CA GLY B 171 13.51 -16.44 -46.38
C GLY B 171 13.35 -16.62 -47.88
N LEU B 172 13.50 -17.84 -48.36
CA LEU B 172 13.22 -18.16 -49.77
C LEU B 172 11.73 -18.30 -50.06
N GLY B 173 10.90 -18.07 -49.04
CA GLY B 173 9.46 -18.21 -49.18
C GLY B 173 8.84 -19.21 -48.23
N LYS B 174 9.67 -20.01 -47.56
CA LYS B 174 9.19 -21.03 -46.61
C LYS B 174 9.73 -20.83 -45.19
N GLY B 175 10.29 -19.65 -44.93
CA GLY B 175 10.75 -19.32 -43.58
C GLY B 175 12.21 -19.61 -43.37
N LEU B 176 12.68 -19.39 -42.14
CA LEU B 176 14.10 -19.44 -41.85
C LEU B 176 14.62 -20.82 -41.45
N ASP B 177 13.70 -21.76 -41.26
CA ASP B 177 14.08 -23.15 -40.97
C ASP B 177 14.08 -24.02 -42.24
N ASP B 178 13.83 -23.39 -43.39
CA ASP B 178 13.94 -24.03 -44.70
C ASP B 178 15.40 -24.48 -44.91
N PRO B 179 15.62 -25.80 -45.05
CA PRO B 179 16.98 -26.33 -45.23
C PRO B 179 17.66 -25.77 -46.48
N HIS B 180 16.87 -25.40 -47.49
CA HIS B 180 17.40 -24.78 -48.72
C HIS B 180 18.03 -23.45 -48.47
N LEU B 181 17.79 -22.88 -47.29
CA LEU B 181 18.31 -21.57 -46.94
C LEU B 181 19.62 -21.68 -46.15
N LEU B 182 19.98 -22.90 -45.74
CA LEU B 182 21.22 -23.13 -44.98
C LEU B 182 22.49 -22.67 -45.70
N PRO B 183 22.60 -22.94 -47.02
CA PRO B 183 23.77 -22.42 -47.76
C PRO B 183 23.88 -20.90 -47.70
N VAL B 184 22.75 -20.21 -47.75
CA VAL B 184 22.73 -18.74 -47.61
C VAL B 184 23.30 -18.33 -46.26
N PHE B 185 22.86 -19.00 -45.19
CA PHE B 185 23.37 -18.70 -43.85
C PHE B 185 24.86 -18.96 -43.74
N GLU B 186 25.32 -20.06 -44.33
CA GLU B 186 26.74 -20.40 -44.30
C GLU B 186 27.57 -19.37 -45.06
N ALA B 187 27.11 -18.99 -46.26
CA ALA B 187 27.80 -17.97 -47.05
C ALA B 187 27.93 -16.68 -46.26
N VAL B 188 26.83 -16.22 -45.66
CA VAL B 188 26.81 -14.95 -44.91
C VAL B 188 27.73 -15.00 -43.69
N ALA B 189 27.69 -16.10 -42.96
CA ALA B 189 28.51 -16.26 -41.76
C ALA B 189 30.00 -16.34 -42.11
N ASP B 190 30.33 -17.10 -43.16
CA ASP B 190 31.71 -17.17 -43.64
C ASP B 190 32.20 -15.81 -44.11
N ALA B 191 31.32 -15.05 -44.77
CA ALA B 191 31.62 -13.68 -45.18
C ALA B 191 31.75 -12.71 -44.00
N LYS B 192 31.52 -13.22 -42.79
CA LYS B 192 31.48 -12.44 -41.54
C LYS B 192 30.58 -11.21 -41.62
N LEU B 193 29.44 -11.39 -42.28
CA LEU B 193 28.36 -10.42 -42.32
C LEU B 193 27.33 -10.72 -41.24
N LEU B 194 27.09 -9.74 -40.37
CA LEU B 194 26.07 -9.86 -39.34
C LEU B 194 24.69 -9.84 -40.02
N VAL B 195 23.83 -10.76 -39.61
CA VAL B 195 22.46 -10.81 -40.14
C VAL B 195 21.53 -10.01 -39.24
N PHE B 196 20.86 -9.03 -39.82
CA PHE B 196 19.87 -8.22 -39.12
C PHE B 196 18.48 -8.75 -39.48
N LEU B 197 17.89 -9.51 -38.57
CA LEU B 197 16.56 -10.10 -38.78
C LEU B 197 15.46 -9.12 -38.42
N HIS B 198 14.55 -8.92 -39.36
CA HIS B 198 13.59 -7.83 -39.27
C HIS B 198 12.23 -8.27 -39.72
N PRO B 199 11.18 -7.87 -38.97
CA PRO B 199 9.82 -8.31 -39.28
C PRO B 199 9.24 -7.56 -40.48
N HIS B 200 8.11 -8.07 -40.98
CA HIS B 200 7.31 -7.37 -42.01
C HIS B 200 5.95 -7.99 -42.18
N TYR B 201 5.94 -9.32 -42.31
CA TYR B 201 4.71 -10.05 -42.61
C TYR B 201 3.70 -10.09 -41.46
N GLY B 202 4.19 -9.92 -40.23
CA GLY B 202 3.33 -9.92 -39.05
C GLY B 202 2.57 -11.24 -38.90
N LEU B 203 1.36 -11.17 -38.35
CA LEU B 203 0.52 -12.34 -38.17
C LEU B 203 -0.71 -12.24 -39.07
N PRO B 204 -1.35 -13.38 -39.40
CA PRO B 204 -2.54 -13.25 -40.25
C PRO B 204 -3.54 -12.32 -39.60
N ASN B 205 -4.11 -11.42 -40.39
CA ASN B 205 -4.90 -10.30 -39.87
C ASN B 205 -6.07 -10.72 -38.97
N GLU B 206 -6.60 -11.91 -39.23
CA GLU B 206 -7.75 -12.46 -38.48
C GLU B 206 -7.57 -12.51 -36.96
N VAL B 207 -6.32 -12.61 -36.50
CA VAL B 207 -6.04 -12.69 -35.06
C VAL B 207 -6.39 -11.41 -34.30
N TYR B 208 -6.45 -10.30 -35.03
CA TYR B 208 -6.74 -9.00 -34.42
C TYR B 208 -8.23 -8.72 -34.32
N GLY B 209 -9.04 -9.61 -34.89
CA GLY B 209 -10.49 -9.57 -34.74
C GLY B 209 -11.17 -8.49 -35.56
N PRO B 210 -12.52 -8.42 -35.47
CA PRO B 210 -13.36 -7.56 -36.31
C PRO B 210 -13.23 -6.06 -36.06
N ARG B 211 -12.62 -5.63 -34.95
CA ARG B 211 -12.52 -4.21 -34.63
C ARG B 211 -11.12 -3.62 -34.86
N SER B 212 -10.21 -4.38 -35.44
CA SER B 212 -8.81 -3.95 -35.54
C SER B 212 -8.60 -2.61 -36.26
N GLU B 213 -9.37 -2.35 -37.31
CA GLU B 213 -9.34 -1.07 -38.04
C GLU B 213 -9.43 0.11 -37.07
N GLU B 214 -10.21 -0.06 -36.01
CA GLU B 214 -10.47 0.98 -35.02
C GLU B 214 -9.24 1.39 -34.24
N TYR B 215 -8.25 0.50 -34.14
CA TYR B 215 -7.08 0.73 -33.30
C TYR B 215 -5.87 1.21 -34.11
N GLY B 216 -6.12 1.68 -35.32
CA GLY B 216 -5.05 2.16 -36.19
C GLY B 216 -4.07 1.06 -36.54
N HIS B 217 -2.78 1.38 -36.43
CA HIS B 217 -1.70 0.43 -36.73
C HIS B 217 -1.16 -0.25 -35.50
N VAL B 218 -1.78 0.01 -34.35
CA VAL B 218 -1.24 -0.42 -33.04
C VAL B 218 -1.00 -1.94 -32.95
N LEU B 219 -1.99 -2.75 -33.29
CA LEU B 219 -1.84 -4.20 -33.12
C LEU B 219 -0.79 -4.81 -34.07
N PRO B 220 -0.90 -4.56 -35.38
CA PRO B 220 0.15 -5.12 -36.25
C PRO B 220 1.55 -4.62 -35.92
N LEU B 221 1.69 -3.37 -35.51
CA LEU B 221 3.03 -2.83 -35.22
C LEU B 221 3.55 -3.18 -33.83
N ALA B 222 2.70 -3.06 -32.82
CA ALA B 222 3.09 -3.33 -31.44
C ALA B 222 3.18 -4.84 -31.16
N LEU B 223 2.41 -5.64 -31.90
CA LEU B 223 2.30 -7.07 -31.59
C LEU B 223 2.75 -7.96 -32.73
N GLY B 224 2.13 -7.79 -33.90
CA GLY B 224 2.45 -8.59 -35.08
C GLY B 224 3.93 -8.68 -35.37
N PHE B 225 4.60 -7.52 -35.45
CA PHE B 225 6.04 -7.44 -35.75
C PHE B 225 6.94 -8.23 -34.78
N PRO B 226 6.90 -7.90 -33.46
CA PRO B 226 7.77 -8.64 -32.56
C PRO B 226 7.42 -10.13 -32.43
N MET B 227 6.16 -10.47 -32.66
CA MET B 227 5.75 -11.87 -32.55
C MET B 227 6.25 -12.67 -33.74
N GLU B 228 6.18 -12.07 -34.93
CA GLU B 228 6.76 -12.65 -36.15
C GLU B 228 8.25 -12.92 -35.97
N THR B 229 8.98 -11.94 -35.44
CA THR B 229 10.40 -12.11 -35.20
C THR B 229 10.65 -13.29 -34.29
N THR B 230 9.88 -13.37 -33.21
CA THR B 230 10.04 -14.41 -32.20
C THR B 230 9.84 -15.80 -32.82
N ILE B 231 8.78 -15.95 -33.62
CA ILE B 231 8.43 -17.22 -34.26
C ILE B 231 9.48 -17.62 -35.28
N ALA B 232 9.90 -16.67 -36.12
CA ALA B 232 10.97 -16.92 -37.05
C ALA B 232 12.24 -17.43 -36.35
N VAL B 233 12.69 -16.72 -35.31
CA VAL B 233 13.91 -17.14 -34.58
C VAL B 233 13.72 -18.48 -33.85
N ALA B 234 12.53 -18.71 -33.28
CA ALA B 234 12.25 -19.96 -32.60
C ALA B 234 12.32 -21.12 -33.58
N ARG B 235 11.80 -20.89 -34.78
CA ARG B 235 11.84 -21.90 -35.83
C ARG B 235 13.28 -22.22 -36.21
N MET B 236 14.11 -21.18 -36.35
CA MET B 236 15.54 -21.33 -36.63
C MET B 236 16.24 -22.14 -35.56
N TYR B 237 15.92 -21.83 -34.30
CA TYR B 237 16.56 -22.48 -33.19
C TYR B 237 16.18 -23.96 -33.11
N MET B 238 14.89 -24.26 -33.26
CA MET B 238 14.39 -25.63 -33.20
C MET B 238 14.94 -26.47 -34.35
N ALA B 239 15.18 -25.85 -35.49
CA ALA B 239 15.74 -26.56 -36.65
C ALA B 239 17.25 -26.83 -36.51
N GLY B 240 17.88 -26.25 -35.50
CA GLY B 240 19.30 -26.44 -35.27
C GLY B 240 20.21 -25.57 -36.14
N VAL B 241 19.64 -24.52 -36.74
CA VAL B 241 20.42 -23.60 -37.59
C VAL B 241 21.63 -23.05 -36.86
N PHE B 242 21.44 -22.64 -35.60
CA PHE B 242 22.56 -22.06 -34.84
C PHE B 242 23.65 -23.08 -34.56
N ASP B 243 23.26 -24.36 -34.48
CA ASP B 243 24.20 -25.48 -34.30
C ASP B 243 24.88 -25.86 -35.62
N HIS B 244 24.14 -25.80 -36.72
CA HIS B 244 24.70 -26.09 -38.04
C HIS B 244 25.63 -25.02 -38.55
N VAL B 245 25.37 -23.76 -38.20
CA VAL B 245 26.20 -22.63 -38.62
C VAL B 245 26.73 -21.89 -37.38
N ARG B 246 27.78 -22.44 -36.76
CA ARG B 246 28.26 -21.97 -35.47
C ARG B 246 28.88 -20.57 -35.51
N ASN B 247 29.25 -20.12 -36.70
CA ASN B 247 29.81 -18.78 -36.85
C ASN B 247 28.74 -17.72 -37.20
N LEU B 248 27.49 -18.15 -37.32
CA LEU B 248 26.39 -17.21 -37.59
C LEU B 248 26.16 -16.28 -36.41
N GLN B 249 26.04 -14.99 -36.70
CA GLN B 249 25.72 -13.98 -35.70
C GLN B 249 24.49 -13.23 -36.19
N MET B 250 23.55 -13.00 -35.29
CA MET B 250 22.26 -12.43 -35.66
C MET B 250 21.94 -11.22 -34.81
N LEU B 251 21.49 -10.16 -35.46
CA LEU B 251 20.93 -9.02 -34.76
C LEU B 251 19.42 -9.09 -34.88
N LEU B 252 18.73 -9.10 -33.74
CA LEU B 252 17.28 -9.21 -33.75
C LEU B 252 16.61 -7.86 -33.53
N ALA B 253 15.71 -7.52 -34.45
CA ALA B 253 14.89 -6.31 -34.35
C ALA B 253 14.03 -6.31 -33.09
N HIS B 254 13.86 -5.13 -32.51
CA HIS B 254 12.98 -4.92 -31.34
C HIS B 254 13.27 -5.81 -30.17
N SER B 255 14.56 -5.88 -29.80
CA SER B 255 15.03 -6.67 -28.64
C SER B 255 14.63 -8.15 -28.68
N GLY B 256 14.53 -8.71 -29.89
CA GLY B 256 14.22 -10.13 -30.07
C GLY B 256 12.74 -10.40 -30.21
N GLY B 257 11.96 -9.32 -30.32
CA GLY B 257 10.53 -9.45 -30.42
C GLY B 257 9.95 -9.66 -29.03
N THR B 258 9.95 -10.90 -28.57
CA THR B 258 9.53 -11.24 -27.20
C THR B 258 10.42 -12.36 -26.65
N LEU B 259 11.46 -12.71 -27.42
CA LEU B 259 12.33 -13.83 -27.09
C LEU B 259 12.90 -13.80 -25.66
N PRO B 260 13.40 -12.63 -25.19
CA PRO B 260 13.96 -12.62 -23.82
C PRO B 260 12.92 -12.92 -22.73
N PHE B 261 11.66 -12.58 -22.98
CA PHE B 261 10.57 -12.86 -22.03
C PHE B 261 10.13 -14.33 -22.07
N LEU B 262 10.19 -14.95 -23.25
CA LEU B 262 9.68 -16.30 -23.47
C LEU B 262 10.75 -17.40 -23.46
N ALA B 263 12.02 -17.02 -23.27
CA ALA B 263 13.12 -17.97 -23.36
C ALA B 263 12.98 -19.10 -22.34
N GLY B 264 12.62 -18.74 -21.11
CA GLY B 264 12.39 -19.71 -20.04
C GLY B 264 11.29 -20.69 -20.42
N ARG B 265 10.18 -20.16 -20.93
CA ARG B 265 9.05 -20.97 -21.36
C ARG B 265 9.41 -21.90 -22.52
N ILE B 266 10.20 -21.39 -23.46
CA ILE B 266 10.67 -22.18 -24.59
C ILE B 266 11.49 -23.38 -24.10
N GLU B 267 12.43 -23.11 -23.18
CA GLU B 267 13.27 -24.16 -22.62
C GLU B 267 12.46 -25.20 -21.87
N SER B 268 11.46 -24.76 -21.12
CA SER B 268 10.64 -25.67 -20.34
C SER B 268 9.76 -26.53 -21.26
N CYS B 269 9.20 -25.92 -22.31
CA CYS B 269 8.40 -26.67 -23.27
C CYS B 269 9.23 -27.72 -24.03
N ILE B 270 10.50 -27.40 -24.31
CA ILE B 270 11.39 -28.36 -24.96
C ILE B 270 11.72 -29.56 -24.06
N VAL B 271 12.19 -29.29 -22.84
CA VAL B 271 12.58 -30.36 -21.93
C VAL B 271 11.39 -31.20 -21.46
N HIS B 272 10.18 -30.68 -21.65
CA HIS B 272 8.95 -31.39 -21.23
C HIS B 272 8.18 -31.94 -22.41
N ASP B 273 8.76 -31.86 -23.60
CA ASP B 273 8.09 -32.38 -24.79
C ASP B 273 8.36 -33.87 -24.97
N GLY B 274 7.31 -34.67 -24.81
CA GLY B 274 7.39 -36.12 -24.87
C GLY B 274 7.99 -36.61 -26.17
N HIS B 275 7.44 -36.11 -27.28
CA HIS B 275 7.89 -36.48 -28.62
C HIS B 275 9.34 -36.19 -28.84
N LEU B 276 9.77 -34.98 -28.47
CA LEU B 276 11.16 -34.58 -28.67
C LEU B 276 12.12 -35.40 -27.83
N VAL B 277 11.82 -35.56 -26.54
CA VAL B 277 12.68 -36.34 -25.65
C VAL B 277 12.76 -37.80 -26.12
N LYS B 278 11.62 -38.37 -26.49
CA LYS B 278 11.57 -39.77 -26.93
C LYS B 278 12.20 -40.03 -28.30
N THR B 279 12.35 -38.98 -29.12
CA THR B 279 13.00 -39.15 -30.43
C THR B 279 14.46 -38.67 -30.43
N GLY B 280 15.03 -38.48 -29.24
CA GLY B 280 16.43 -38.07 -29.11
C GLY B 280 16.74 -36.62 -29.42
N LYS B 281 15.72 -35.78 -29.52
CA LYS B 281 15.93 -34.37 -29.87
C LYS B 281 16.34 -33.47 -28.69
N VAL B 282 16.50 -34.05 -27.50
CA VAL B 282 16.79 -33.26 -26.30
C VAL B 282 17.97 -33.85 -25.51
N PRO B 283 19.16 -33.98 -26.15
CA PRO B 283 20.31 -34.59 -25.47
C PRO B 283 20.85 -33.70 -24.34
N LYS B 284 21.57 -34.31 -23.40
CA LYS B 284 22.09 -33.61 -22.23
C LYS B 284 23.03 -32.44 -22.56
N ASP B 285 23.74 -32.54 -23.69
CA ASP B 285 24.74 -31.54 -24.07
C ASP B 285 24.22 -30.47 -25.04
N ARG B 286 22.91 -30.47 -25.29
CA ARG B 286 22.31 -29.51 -26.22
C ARG B 286 22.54 -28.07 -25.78
N ARG B 287 22.77 -27.19 -26.76
CA ARG B 287 22.95 -25.77 -26.50
C ARG B 287 21.58 -25.13 -26.30
N THR B 288 21.34 -24.63 -25.09
CA THR B 288 20.04 -24.02 -24.75
C THR B 288 19.84 -22.70 -25.49
N ILE B 289 18.60 -22.22 -25.55
CA ILE B 289 18.31 -20.90 -26.12
C ILE B 289 19.13 -19.81 -25.41
N TRP B 290 19.36 -19.99 -24.11
CA TRP B 290 20.16 -19.06 -23.33
C TRP B 290 21.57 -18.94 -23.82
N THR B 291 22.18 -20.08 -24.12
CA THR B 291 23.53 -20.13 -24.66
C THR B 291 23.59 -19.40 -26.00
N VAL B 292 22.64 -19.71 -26.88
CA VAL B 292 22.56 -19.07 -28.18
C VAL B 292 22.36 -17.57 -28.05
N LEU B 293 21.55 -17.14 -27.08
CA LEU B 293 21.33 -15.72 -26.82
C LEU B 293 22.60 -14.98 -26.38
N LYS B 294 23.50 -15.69 -25.71
CA LYS B 294 24.77 -15.11 -25.26
C LYS B 294 25.91 -15.22 -26.30
N GLU B 295 25.74 -16.05 -27.33
CA GLU B 295 26.87 -16.40 -28.20
C GLU B 295 26.69 -16.08 -29.68
N GLN B 296 25.44 -16.10 -30.15
CA GLN B 296 25.17 -15.94 -31.58
C GLN B 296 24.10 -14.88 -31.85
N ILE B 297 23.57 -14.29 -30.79
CA ILE B 297 22.51 -13.31 -30.94
C ILE B 297 22.90 -11.96 -30.33
N TYR B 298 22.66 -10.90 -31.10
CA TYR B 298 22.66 -9.54 -30.59
C TYR B 298 21.23 -9.03 -30.65
N LEU B 299 20.88 -8.17 -29.72
CA LEU B 299 19.55 -7.58 -29.66
C LEU B 299 19.65 -6.08 -29.81
N ASP B 300 18.78 -5.49 -30.64
CA ASP B 300 18.68 -4.04 -30.62
C ASP B 300 17.91 -3.58 -29.38
N ALA B 301 18.01 -2.29 -29.05
CA ALA B 301 17.36 -1.77 -27.87
C ALA B 301 16.08 -0.99 -28.23
N VAL B 302 15.47 -1.32 -29.36
CA VAL B 302 14.22 -0.70 -29.74
C VAL B 302 13.07 -1.36 -28.96
N ILE B 303 13.00 -1.02 -27.68
CA ILE B 303 12.08 -1.67 -26.74
C ILE B 303 11.25 -0.68 -25.91
N TYR B 304 11.60 0.60 -25.96
CA TYR B 304 10.78 1.71 -25.40
C TYR B 304 10.59 1.74 -23.88
N SER B 305 11.19 0.80 -23.16
CA SER B 305 11.00 0.73 -21.71
C SER B 305 12.16 0.02 -21.05
N GLU B 306 12.53 0.48 -19.85
CA GLU B 306 13.59 -0.18 -19.09
C GLU B 306 13.18 -1.58 -18.63
N VAL B 307 11.88 -1.84 -18.53
CA VAL B 307 11.38 -3.17 -18.18
C VAL B 307 11.84 -4.19 -19.22
N GLY B 308 11.44 -3.98 -20.47
CA GLY B 308 11.86 -4.83 -21.57
C GLY B 308 13.37 -4.87 -21.76
N LEU B 309 14.00 -3.70 -21.67
CA LEU B 309 15.46 -3.61 -21.86
C LEU B 309 16.24 -4.39 -20.81
N GLN B 310 15.82 -4.30 -19.55
CA GLN B 310 16.41 -5.14 -18.51
C GLN B 310 16.30 -6.63 -18.83
N ALA B 311 15.13 -7.07 -19.30
CA ALA B 311 14.92 -8.46 -19.71
C ALA B 311 15.91 -8.85 -20.82
N ALA B 312 16.01 -7.99 -21.83
CA ALA B 312 16.96 -8.19 -22.93
C ALA B 312 18.41 -8.23 -22.42
N ILE B 313 18.76 -7.29 -21.54
CA ILE B 313 20.11 -7.27 -20.95
C ILE B 313 20.43 -8.57 -20.19
N ALA B 314 19.51 -9.01 -19.34
CA ALA B 314 19.69 -10.28 -18.61
C ALA B 314 19.82 -11.47 -19.54
N SER B 315 19.20 -11.38 -20.71
CA SER B 315 19.18 -12.50 -21.67
C SER B 315 20.45 -12.60 -22.50
N SER B 316 20.93 -11.47 -23.01
CA SER B 316 22.06 -11.46 -23.93
C SER B 316 23.33 -10.81 -23.39
N GLY B 317 23.21 -10.06 -22.29
CA GLY B 317 24.34 -9.31 -21.72
C GLY B 317 24.36 -7.90 -22.25
N ALA B 318 24.93 -6.97 -21.48
CA ALA B 318 24.99 -5.55 -21.83
C ALA B 318 25.96 -5.26 -22.98
N ASP B 319 26.86 -6.21 -23.24
CA ASP B 319 27.80 -6.08 -24.35
C ASP B 319 27.18 -6.51 -25.69
N ARG B 320 25.95 -6.99 -25.65
CA ARG B 320 25.28 -7.50 -26.87
C ARG B 320 23.96 -6.78 -27.20
N LEU B 321 23.71 -5.66 -26.53
CA LEU B 321 22.57 -4.78 -26.80
C LEU B 321 23.02 -3.54 -27.58
N MET B 322 22.22 -3.13 -28.56
CA MET B 322 22.58 -2.01 -29.41
C MET B 322 21.41 -1.06 -29.65
N PHE B 323 21.60 0.20 -29.26
CA PHE B 323 20.63 1.28 -29.49
C PHE B 323 20.20 1.37 -30.95
N GLY B 324 18.91 1.69 -31.14
CA GLY B 324 18.33 1.93 -32.45
C GLY B 324 17.12 2.83 -32.28
N THR B 325 16.59 3.37 -33.37
CA THR B 325 15.49 4.34 -33.31
C THR B 325 14.31 3.96 -34.20
N ASP B 326 14.56 3.08 -35.16
CA ASP B 326 13.57 2.71 -36.18
C ASP B 326 13.12 3.90 -37.07
N HIS B 327 13.98 4.86 -37.23
CA HIS B 327 13.75 5.97 -38.15
C HIS B 327 13.57 5.45 -39.56
N PRO B 328 12.58 5.98 -40.32
CA PRO B 328 11.72 7.09 -39.98
C PRO B 328 10.26 6.70 -39.72
N PHE B 329 10.03 5.49 -39.23
CA PHE B 329 8.67 4.98 -39.17
C PHE B 329 7.77 5.59 -38.08
N PHE B 330 8.36 6.15 -37.03
CA PHE B 330 7.57 6.73 -35.94
C PHE B 330 7.87 8.21 -35.69
N PRO B 331 7.46 9.10 -36.63
CA PRO B 331 7.59 10.54 -36.42
C PRO B 331 6.64 11.03 -35.34
N PRO B 332 6.97 12.16 -34.67
CA PRO B 332 6.05 12.79 -33.73
C PRO B 332 4.79 13.24 -34.47
N ILE B 333 3.63 13.07 -33.84
CA ILE B 333 2.36 13.36 -34.52
C ILE B 333 1.96 14.82 -34.35
N GLU B 334 2.19 15.37 -33.17
CA GLU B 334 1.82 16.76 -32.90
C GLU B 334 3.03 17.70 -32.71
N GLU B 335 4.22 17.12 -32.62
CA GLU B 335 5.46 17.90 -32.56
C GLU B 335 6.12 18.05 -33.94
N ASP B 336 7.09 18.96 -34.01
CA ASP B 336 7.84 19.23 -35.22
C ASP B 336 8.67 18.01 -35.64
N VAL B 337 8.41 17.49 -36.84
CA VAL B 337 9.14 16.34 -37.38
C VAL B 337 10.61 16.66 -37.66
N GLN B 338 10.93 17.95 -37.71
CA GLN B 338 12.30 18.42 -37.87
C GLN B 338 13.02 18.57 -36.51
N GLY B 339 12.27 18.40 -35.42
CA GLY B 339 12.85 18.43 -34.07
C GLY B 339 13.28 17.04 -33.58
N PRO B 340 13.56 16.91 -32.27
CA PRO B 340 13.86 15.59 -31.69
C PRO B 340 12.64 14.66 -31.74
N TRP B 341 12.89 13.37 -31.94
CA TRP B 341 11.83 12.36 -31.99
C TRP B 341 11.68 11.62 -30.69
N ASP B 342 10.46 11.57 -30.18
CA ASP B 342 10.15 10.81 -28.97
C ASP B 342 10.45 9.32 -29.16
N SER B 343 10.23 8.81 -30.37
CA SER B 343 10.50 7.39 -30.66
C SER B 343 11.97 7.01 -30.48
N SER B 344 12.86 7.99 -30.62
CA SER B 344 14.29 7.78 -30.35
C SER B 344 14.63 8.03 -28.88
N ARG B 345 14.13 9.14 -28.34
CA ARG B 345 14.36 9.54 -26.96
C ARG B 345 13.87 8.49 -25.94
N LEU B 346 12.74 7.86 -26.21
CA LEU B 346 12.20 6.79 -25.35
C LEU B 346 13.19 5.64 -25.17
N ASN B 347 13.95 5.33 -26.23
CA ASN B 347 14.92 4.23 -26.15
C ASN B 347 16.18 4.61 -25.38
N ALA B 348 16.64 5.85 -25.54
CA ALA B 348 17.77 6.35 -24.76
C ALA B 348 17.43 6.48 -23.27
N GLN B 349 16.22 6.94 -22.95
CA GLN B 349 15.75 6.99 -21.55
C GLN B 349 15.64 5.59 -20.94
N ALA B 350 15.17 4.63 -21.74
CA ALA B 350 15.12 3.24 -21.31
C ALA B 350 16.51 2.74 -20.93
N VAL B 351 17.52 3.09 -21.74
CA VAL B 351 18.92 2.75 -21.45
C VAL B 351 19.39 3.40 -20.14
N ILE B 352 19.17 4.71 -20.03
CA ILE B 352 19.55 5.47 -18.84
C ILE B 352 18.90 4.88 -17.57
N LYS B 353 17.60 4.60 -17.64
CA LYS B 353 16.89 4.05 -16.50
C LYS B 353 17.32 2.62 -16.13
N ALA B 354 17.65 1.83 -17.15
CA ALA B 354 18.07 0.46 -16.92
C ALA B 354 19.50 0.33 -16.36
N VAL B 355 20.42 1.15 -16.85
CA VAL B 355 21.84 0.98 -16.50
C VAL B 355 22.54 2.21 -15.90
N GLY B 356 21.88 3.36 -15.92
CA GLY B 356 22.45 4.59 -15.35
C GLY B 356 23.13 5.45 -16.41
N GLU B 357 22.94 6.76 -16.29
CA GLU B 357 23.57 7.69 -17.22
C GLU B 357 25.08 7.77 -16.94
N GLY B 358 25.87 7.69 -18.00
CA GLY B 358 27.31 7.84 -17.88
C GLY B 358 28.06 6.57 -17.54
N SER B 359 27.34 5.48 -17.30
CA SER B 359 27.94 4.20 -16.99
C SER B 359 28.51 3.58 -18.25
N SER B 360 29.46 2.67 -18.10
CA SER B 360 30.07 2.03 -19.25
C SER B 360 29.08 1.12 -19.98
N ASP B 361 28.15 0.51 -19.24
CA ASP B 361 27.04 -0.24 -19.82
C ASP B 361 26.23 0.67 -20.77
N ALA B 362 25.91 1.88 -20.30
CA ALA B 362 25.21 2.88 -21.13
C ALA B 362 25.96 3.24 -22.41
N ALA B 363 27.28 3.48 -22.28
CA ALA B 363 28.11 3.79 -23.44
C ALA B 363 28.14 2.63 -24.43
N ALA B 364 28.24 1.41 -23.90
CA ALA B 364 28.24 0.20 -24.70
C ALA B 364 26.95 0.09 -25.51
N VAL B 365 25.81 0.18 -24.82
CA VAL B 365 24.51 0.07 -25.49
C VAL B 365 24.26 1.21 -26.50
N MET B 366 24.61 2.43 -26.10
CA MET B 366 24.36 3.60 -26.94
C MET B 366 25.19 3.65 -28.22
N GLY B 367 26.32 2.93 -28.25
CA GLY B 367 27.12 2.86 -29.47
C GLY B 367 28.40 2.06 -29.48
N LEU B 368 29.08 1.92 -28.35
CA LEU B 368 30.36 1.20 -28.35
C LEU B 368 30.23 -0.27 -28.73
N ASN B 369 29.11 -0.90 -28.36
CA ASN B 369 28.86 -2.27 -28.82
C ASN B 369 28.89 -2.37 -30.32
N ALA B 370 28.13 -1.50 -30.99
CA ALA B 370 28.01 -1.55 -32.44
C ALA B 370 29.36 -1.22 -33.10
N VAL B 371 30.09 -0.26 -32.52
CA VAL B 371 31.41 0.09 -33.04
C VAL B 371 32.33 -1.12 -33.01
N ARG B 372 32.37 -1.82 -31.88
CA ARG B 372 33.20 -3.03 -31.73
C ARG B 372 32.77 -4.14 -32.69
N VAL B 373 31.51 -4.54 -32.59
CA VAL B 373 30.97 -5.68 -33.33
C VAL B 373 30.95 -5.46 -34.85
N LEU B 374 30.60 -4.25 -35.26
CA LEU B 374 30.44 -3.96 -36.67
C LEU B 374 31.64 -3.24 -37.28
N SER B 375 32.71 -3.10 -36.49
CA SER B 375 33.95 -2.44 -36.93
C SER B 375 33.64 -1.11 -37.64
N LEU B 376 33.08 -0.19 -36.87
CA LEU B 376 32.61 1.09 -37.42
C LEU B 376 33.74 2.11 -37.52
N LYS B 377 34.72 1.78 -38.34
CA LYS B 377 35.92 2.58 -38.54
C LYS B 377 36.10 2.77 -40.05
N ALA B 378 35.66 3.93 -40.54
CA ALA B 378 35.65 4.21 -41.99
C ALA B 378 37.03 4.49 -42.58
N GLU B 379 38.04 4.65 -41.72
CA GLU B 379 39.41 4.89 -42.18
C GLU B 379 40.08 3.59 -42.65
N LEU B 380 39.48 2.45 -42.29
CA LEU B 380 39.97 1.14 -42.72
C LEU B 380 39.19 0.65 -43.94
N GLU B 381 39.79 -0.27 -44.68
CA GLU B 381 39.14 -0.91 -45.83
C GLU B 381 38.33 -2.12 -45.37
N HIS B 382 38.82 -2.85 -44.41
CA HIS B 382 38.23 -4.10 -43.92
C HIS B 382 37.45 -3.95 -42.65
N HIS B 383 36.67 -4.95 -42.36
CA HIS B 383 35.98 -5.13 -41.10
C HIS B 383 36.98 -5.77 -40.16
N HIS B 384 37.45 -5.01 -39.17
CA HIS B 384 38.32 -5.58 -38.13
C HIS B 384 37.53 -6.37 -37.11
N HIS B 385 37.84 -7.66 -37.00
CA HIS B 385 37.12 -8.57 -36.09
C HIS B 385 37.84 -8.75 -34.80
N THR C 8 31.33 16.03 32.31
CA THR C 8 31.63 16.19 33.77
C THR C 8 30.39 16.43 34.66
N PRO C 9 29.28 17.00 34.10
CA PRO C 9 28.14 17.31 34.98
C PRO C 9 27.42 16.05 35.47
N VAL C 10 26.76 16.19 36.61
CA VAL C 10 26.13 15.06 37.29
C VAL C 10 24.84 14.64 36.58
N VAL C 11 24.76 13.37 36.22
CA VAL C 11 23.49 12.78 35.76
C VAL C 11 22.72 12.23 36.96
N VAL C 12 21.50 12.76 37.15
CA VAL C 12 20.61 12.34 38.24
C VAL C 12 19.35 11.71 37.67
N ASP C 13 18.95 10.57 38.23
CA ASP C 13 17.71 9.89 37.89
C ASP C 13 16.72 10.09 39.04
N ILE C 14 15.66 10.87 38.84
CA ILE C 14 14.68 11.12 39.91
C ILE C 14 13.44 10.20 39.89
N HIS C 15 13.36 9.32 38.89
CA HIS C 15 12.21 8.45 38.73
C HIS C 15 12.68 7.03 38.65
N THR C 16 12.77 6.38 39.81
CA THR C 16 13.45 5.09 39.91
C THR C 16 13.03 4.39 41.21
N HIS C 17 12.66 3.12 41.10
CA HIS C 17 11.95 2.44 42.19
C HIS C 17 12.64 1.24 42.77
N MET C 18 12.21 0.90 43.99
CA MET C 18 12.59 -0.34 44.67
C MET C 18 11.44 -0.82 45.55
N TYR C 19 11.31 -2.15 45.67
CA TYR C 19 10.54 -2.78 46.74
C TYR C 19 11.52 -3.53 47.63
N PRO C 20 11.71 -3.09 48.89
CA PRO C 20 12.56 -3.84 49.83
C PRO C 20 11.95 -5.22 50.12
N PRO C 21 12.81 -6.22 50.44
CA PRO C 21 12.35 -7.60 50.68
C PRO C 21 11.16 -7.72 51.65
N SER C 22 11.16 -6.93 52.72
CA SER C 22 10.05 -6.91 53.68
C SER C 22 8.73 -6.54 53.02
N TYR C 23 8.78 -5.53 52.15
CA TYR C 23 7.61 -5.07 51.41
C TYR C 23 7.10 -6.19 50.49
N ILE C 24 8.04 -6.86 49.82
CA ILE C 24 7.71 -8.00 48.96
C ILE C 24 7.06 -9.15 49.74
N ALA C 25 7.54 -9.41 50.96
CA ALA C 25 6.96 -10.43 51.83
C ALA C 25 5.48 -10.14 52.08
N MET C 26 5.14 -8.89 52.38
CA MET C 26 3.75 -8.48 52.56
C MET C 26 2.92 -8.80 51.32
N LEU C 27 3.44 -8.50 50.13
CA LEU C 27 2.71 -8.74 48.88
C LEU C 27 2.49 -10.24 48.62
N GLU C 28 3.48 -11.04 49.01
CA GLU C 28 3.41 -12.51 48.89
C GLU C 28 2.25 -13.10 49.68
N LYS C 29 1.92 -12.47 50.81
CA LYS C 29 0.91 -12.98 51.76
C LYS C 29 -0.51 -12.51 51.43
N ARG C 30 -0.63 -11.56 50.50
CA ARG C 30 -1.94 -10.99 50.19
C ARG C 30 -2.75 -11.88 49.25
N GLN C 31 -4.06 -11.87 49.46
CA GLN C 31 -4.97 -12.67 48.65
C GLN C 31 -5.60 -11.85 47.53
N THR C 32 -5.64 -10.53 47.71
CA THR C 32 -6.12 -9.63 46.67
C THR C 32 -5.04 -8.65 46.25
N ILE C 33 -5.17 -8.15 45.03
CA ILE C 33 -4.23 -7.21 44.41
C ILE C 33 -4.11 -5.95 45.27
N PRO C 34 -2.88 -5.47 45.52
CA PRO C 34 -1.59 -5.96 45.01
C PRO C 34 -1.09 -7.22 45.71
N LEU C 35 -0.52 -8.14 44.93
CA LEU C 35 0.03 -9.37 45.47
C LEU C 35 1.15 -9.95 44.61
N VAL C 36 2.00 -10.74 45.25
CA VAL C 36 3.03 -11.51 44.54
C VAL C 36 2.64 -12.98 44.63
N ARG C 37 2.76 -13.70 43.52
CA ARG C 37 2.29 -15.08 43.43
C ARG C 37 3.19 -15.88 42.50
N THR C 38 3.71 -17.01 43.00
CA THR C 38 4.53 -17.89 42.18
C THR C 38 3.64 -18.89 41.44
N PHE C 39 3.99 -19.14 40.19
CA PHE C 39 3.33 -20.17 39.39
C PHE C 39 4.35 -21.25 39.06
N PRO C 40 3.94 -22.53 39.06
CA PRO C 40 4.88 -23.64 38.87
C PRO C 40 5.73 -23.57 37.60
N GLN C 41 5.20 -22.95 36.55
CA GLN C 41 5.88 -22.88 35.25
C GLN C 41 6.74 -21.63 35.06
N ALA C 42 6.93 -20.86 36.13
CA ALA C 42 7.65 -19.59 36.06
C ALA C 42 8.88 -19.57 36.97
N ASP C 43 10.00 -19.09 36.42
CA ASP C 43 11.25 -18.99 37.17
C ASP C 43 11.20 -17.89 38.22
N GLU C 44 10.49 -16.81 37.90
CA GLU C 44 10.33 -15.68 38.80
C GLU C 44 8.89 -15.64 39.30
N PRO C 45 8.69 -15.12 40.52
CA PRO C 45 7.31 -14.87 40.96
C PRO C 45 6.63 -13.85 40.05
N ARG C 46 5.30 -13.80 40.10
CA ARG C 46 4.55 -12.81 39.34
C ARG C 46 4.14 -11.64 40.22
N LEU C 47 4.39 -10.43 39.73
CA LEU C 47 3.97 -9.22 40.41
C LEU C 47 2.67 -8.74 39.78
N ILE C 48 1.60 -8.78 40.57
CA ILE C 48 0.26 -8.42 40.10
C ILE C 48 -0.24 -7.19 40.86
N LEU C 49 -0.17 -6.03 40.21
CA LEU C 49 -0.36 -4.74 40.87
C LEU C 49 -1.62 -4.00 40.48
N LEU C 50 -2.13 -4.28 39.28
CA LEU C 50 -3.15 -3.42 38.66
C LEU C 50 -4.51 -4.08 38.48
N SER C 51 -5.55 -3.26 38.56
CA SER C 51 -6.92 -3.70 38.30
C SER C 51 -7.06 -4.40 36.96
N SER C 52 -6.38 -3.88 35.94
CA SER C 52 -6.45 -4.43 34.59
C SER C 52 -5.88 -5.86 34.50
N GLU C 53 -5.15 -6.29 35.51
CA GLU C 53 -4.54 -7.62 35.50
C GLU C 53 -5.44 -8.68 36.16
N LEU C 54 -6.55 -8.22 36.76
CA LEU C 54 -7.48 -9.08 37.49
C LEU C 54 -7.98 -10.27 36.68
N ALA C 55 -8.53 -9.98 35.50
CA ALA C 55 -9.08 -10.99 34.62
C ALA C 55 -8.04 -12.04 34.24
N ALA C 56 -6.85 -11.58 33.86
CA ALA C 56 -5.73 -12.48 33.54
C ALA C 56 -5.31 -13.35 34.71
N LEU C 57 -5.44 -12.82 35.93
CA LEU C 57 -5.10 -13.56 37.16
C LEU C 57 -6.09 -14.71 37.44
N ASP C 58 -7.38 -14.43 37.28
CA ASP C 58 -8.40 -15.46 37.49
C ASP C 58 -8.24 -16.59 36.48
N ALA C 59 -8.03 -16.23 35.21
CA ALA C 59 -7.82 -17.21 34.14
C ALA C 59 -6.61 -18.12 34.41
N ALA C 60 -5.58 -17.56 35.05
CA ALA C 60 -4.36 -18.31 35.39
C ALA C 60 -4.54 -19.16 36.65
N LEU C 61 -5.36 -18.67 37.58
CA LEU C 61 -5.64 -19.39 38.82
C LEU C 61 -6.41 -20.69 38.56
N ALA C 62 -7.23 -20.68 37.51
CA ALA C 62 -8.00 -21.85 37.11
C ALA C 62 -7.23 -22.72 36.11
N ASP C 63 -6.90 -22.14 34.96
CA ASP C 63 -6.26 -22.85 33.85
C ASP C 63 -4.74 -22.70 33.89
N PRO C 64 -4.02 -23.79 34.24
CA PRO C 64 -2.55 -23.74 34.30
C PRO C 64 -1.86 -23.68 32.92
N ALA C 65 -2.62 -23.37 31.88
CA ALA C 65 -2.08 -23.21 30.53
C ALA C 65 -2.28 -21.79 29.97
N ALA C 66 -3.17 -21.03 30.61
CA ALA C 66 -3.40 -19.61 30.27
C ALA C 66 -2.15 -18.80 30.58
N LYS C 67 -2.02 -17.62 29.96
CA LYS C 67 -0.80 -16.82 30.08
C LYS C 67 -0.52 -16.39 31.53
N LEU C 68 0.76 -16.21 31.85
CA LEU C 68 1.17 -15.77 33.18
C LEU C 68 0.63 -14.36 33.44
N PRO C 69 -0.04 -14.14 34.59
CA PRO C 69 -0.63 -12.84 34.88
C PRO C 69 0.39 -11.85 35.40
N GLY C 70 0.04 -10.57 35.39
CA GLY C 70 0.93 -9.52 35.91
C GLY C 70 2.24 -9.46 35.16
N ARG C 71 3.30 -9.09 35.86
CA ARG C 71 4.62 -8.96 35.27
C ARG C 71 5.64 -9.73 36.10
N PRO C 72 6.81 -10.05 35.51
CA PRO C 72 7.80 -10.81 36.27
C PRO C 72 8.32 -9.99 37.45
N LEU C 73 8.31 -10.57 38.65
CA LEU C 73 8.95 -9.94 39.77
C LEU C 73 10.44 -10.27 39.72
N SER C 74 11.19 -9.48 38.94
CA SER C 74 12.62 -9.68 38.79
C SER C 74 13.35 -9.31 40.09
N THR C 75 14.59 -9.74 40.20
CA THR C 75 15.42 -9.38 41.33
C THR C 75 15.69 -7.86 41.41
N HIS C 76 15.58 -7.14 40.28
CA HIS C 76 15.89 -5.70 40.22
C HIS C 76 15.04 -4.89 41.18
N PHE C 77 13.84 -5.35 41.48
CA PHE C 77 12.99 -4.60 42.40
C PHE C 77 13.60 -4.48 43.79
N ALA C 78 14.22 -5.54 44.28
CA ALA C 78 14.75 -5.57 45.65
C ALA C 78 16.27 -5.36 45.76
N SER C 79 16.99 -5.57 44.67
CA SER C 79 18.45 -5.55 44.72
C SER C 79 19.08 -4.16 44.60
N LEU C 80 19.68 -3.71 45.70
CA LEU C 80 20.44 -2.45 45.70
C LEU C 80 21.70 -2.55 44.83
N ALA C 81 22.32 -3.73 44.84
CA ALA C 81 23.50 -3.96 44.02
C ALA C 81 23.16 -3.82 42.53
N GLN C 82 22.04 -4.41 42.10
CA GLN C 82 21.56 -4.23 40.73
C GLN C 82 21.14 -2.81 40.39
N LYS C 83 20.65 -2.07 41.39
CA LYS C 83 20.39 -0.64 41.20
C LYS C 83 21.69 0.09 40.85
N MET C 84 22.74 -0.16 41.63
CA MET C 84 24.03 0.51 41.44
C MET C 84 24.67 0.10 40.13
N HIS C 85 24.47 -1.16 39.75
CA HIS C 85 24.90 -1.68 38.47
C HIS C 85 24.21 -0.99 37.33
N PHE C 86 22.87 -0.88 37.40
CA PHE C 86 22.10 -0.15 36.40
C PHE C 86 22.64 1.29 36.24
N MET C 87 22.87 1.95 37.36
CA MET C 87 23.38 3.32 37.34
C MET C 87 24.73 3.41 36.63
N ASP C 88 25.67 2.56 37.04
CA ASP C 88 27.01 2.55 36.45
C ASP C 88 27.00 2.28 34.95
N THR C 89 26.09 1.41 34.51
CA THR C 89 26.07 1.00 33.10
C THR C 89 25.15 1.89 32.26
N ASN C 90 24.43 2.81 32.89
CA ASN C 90 23.63 3.78 32.16
C ASN C 90 24.09 5.23 32.36
N GLY C 91 25.27 5.41 32.92
CA GLY C 91 25.84 6.75 33.10
C GLY C 91 25.14 7.62 34.12
N ILE C 92 24.55 7.00 35.14
CA ILE C 92 23.84 7.76 36.17
C ILE C 92 24.69 7.87 37.44
N ARG C 93 25.01 9.11 37.82
CA ARG C 93 25.75 9.36 39.05
C ARG C 93 24.87 9.22 40.29
N VAL C 94 23.67 9.80 40.25
CA VAL C 94 22.80 9.84 41.42
C VAL C 94 21.39 9.33 41.12
N SER C 95 20.84 8.50 42.00
CA SER C 95 19.44 8.09 41.93
C SER C 95 18.68 8.60 43.16
N VAL C 96 17.48 9.13 42.93
CA VAL C 96 16.56 9.43 44.03
C VAL C 96 15.48 8.35 43.99
N ILE C 97 15.67 7.30 44.77
CA ILE C 97 14.83 6.12 44.68
C ILE C 97 13.53 6.32 45.45
N SER C 98 12.49 5.62 45.03
CA SER C 98 11.22 5.71 45.70
C SER C 98 10.57 4.35 45.72
N LEU C 99 9.85 4.06 46.80
CA LEU C 99 8.95 2.92 46.83
C LEU C 99 8.02 3.01 45.62
N ALA C 100 7.78 1.89 44.95
CA ALA C 100 6.90 1.91 43.78
C ALA C 100 5.44 1.75 44.21
N ASN C 101 4.53 2.02 43.29
CA ASN C 101 3.10 1.80 43.51
C ASN C 101 2.82 0.35 43.91
N PRO C 102 1.83 0.12 44.79
CA PRO C 102 0.90 1.09 45.39
C PRO C 102 1.28 1.57 46.80
N TRP C 103 2.58 1.62 47.10
CA TRP C 103 3.07 2.18 48.36
C TRP C 103 2.38 1.54 49.55
N PHE C 104 1.92 2.35 50.50
CA PHE C 104 1.21 1.81 51.66
C PHE C 104 -0.33 1.92 51.58
N ASP C 105 -0.83 2.20 50.38
CA ASP C 105 -2.25 2.46 50.17
C ASP C 105 -3.18 1.36 50.67
N PHE C 106 -2.71 0.12 50.60
CA PHE C 106 -3.52 -1.06 50.92
C PHE C 106 -3.47 -1.48 52.40
N LEU C 107 -2.59 -0.87 53.18
CA LEU C 107 -2.43 -1.25 54.59
C LEU C 107 -3.65 -0.87 55.44
N ALA C 108 -3.99 -1.72 56.39
CA ALA C 108 -4.99 -1.42 57.41
C ALA C 108 -4.54 -0.23 58.26
N PRO C 109 -5.48 0.66 58.65
CA PRO C 109 -5.15 1.89 59.37
C PRO C 109 -4.24 1.74 60.60
N ASP C 110 -4.47 0.72 61.43
CA ASP C 110 -3.70 0.58 62.66
C ASP C 110 -2.25 0.13 62.41
N GLU C 111 -2.08 -0.76 61.43
CA GLU C 111 -0.76 -1.30 61.09
C GLU C 111 0.08 -0.34 60.22
N ALA C 112 -0.58 0.56 59.52
CA ALA C 112 0.08 1.42 58.53
C ALA C 112 1.26 2.29 59.04
N PRO C 113 1.06 3.07 60.13
CA PRO C 113 2.15 3.96 60.54
C PRO C 113 3.44 3.23 60.90
N GLY C 114 3.31 2.09 61.58
CA GLY C 114 4.47 1.31 61.99
C GLY C 114 5.24 0.77 60.81
N ILE C 115 4.51 0.23 59.84
CA ILE C 115 5.12 -0.31 58.63
C ILE C 115 5.81 0.79 57.81
N ALA C 116 5.10 1.89 57.57
CA ALA C 116 5.67 3.05 56.86
C ALA C 116 6.97 3.53 57.51
N ASP C 117 6.96 3.64 58.83
CA ASP C 117 8.14 4.07 59.60
C ASP C 117 9.33 3.14 59.36
N ALA C 118 9.09 1.84 59.44
CA ALA C 118 10.13 0.84 59.22
C ALA C 118 10.70 0.88 57.80
N VAL C 119 9.82 0.90 56.80
CA VAL C 119 10.21 0.91 55.39
C VAL C 119 10.98 2.19 55.00
N ASN C 120 10.47 3.35 55.44
CA ASN C 120 11.19 4.61 55.23
C ASN C 120 12.57 4.59 55.84
N ALA C 121 12.69 3.98 57.02
CA ALA C 121 13.98 3.85 57.70
C ALA C 121 14.93 2.96 56.90
N GLU C 122 14.42 1.86 56.35
CA GLU C 122 15.19 1.00 55.44
C GLU C 122 15.71 1.73 54.19
N PHE C 123 14.85 2.56 53.59
CA PHE C 123 15.27 3.35 52.44
C PHE C 123 16.42 4.27 52.81
N SER C 124 16.32 4.94 53.96
CA SER C 124 17.41 5.79 54.44
C SER C 124 18.70 4.98 54.57
N ASP C 125 18.59 3.78 55.15
CA ASP C 125 19.74 2.90 55.33
C ASP C 125 20.35 2.45 54.01
N MET C 126 19.50 2.14 53.03
CA MET C 126 19.96 1.78 51.70
C MET C 126 20.79 2.92 51.10
N CYS C 127 20.31 4.15 51.23
CA CYS C 127 21.04 5.31 50.73
C CYS C 127 22.39 5.47 51.45
N ALA C 128 22.43 5.07 52.72
CA ALA C 128 23.66 5.14 53.51
C ALA C 128 24.73 4.16 52.99
N GLN C 129 24.32 3.12 52.26
CA GLN C 129 25.27 2.16 51.69
C GLN C 129 26.09 2.74 50.53
N HIS C 130 25.60 3.80 49.90
CA HIS C 130 26.34 4.41 48.78
C HIS C 130 26.28 5.91 48.84
N VAL C 131 26.99 6.46 49.81
CA VAL C 131 26.91 7.88 50.15
C VAL C 131 27.26 8.77 48.97
N GLY C 132 26.36 9.70 48.65
CA GLY C 132 26.58 10.63 47.55
C GLY C 132 25.88 10.21 46.28
N ARG C 133 25.50 8.94 46.18
CA ARG C 133 24.89 8.42 44.97
C ARG C 133 23.40 8.08 45.11
N LEU C 134 22.90 8.07 46.34
CA LEU C 134 21.52 7.66 46.63
C LEU C 134 20.77 8.56 47.61
N PHE C 135 19.61 9.04 47.17
CA PHE C 135 18.67 9.75 48.04
C PHE C 135 17.32 9.08 47.82
N PHE C 136 16.30 9.51 48.55
CA PHE C 136 15.01 8.86 48.39
C PHE C 136 13.81 9.77 48.64
N PHE C 137 12.69 9.45 47.97
CA PHE C 137 11.38 9.97 48.34
C PHE C 137 10.76 8.96 49.31
N ALA C 138 10.20 9.45 50.41
CA ALA C 138 9.52 8.57 51.38
C ALA C 138 8.05 8.43 51.02
N ALA C 139 7.44 7.32 51.43
CA ALA C 139 6.01 7.10 51.22
C ALA C 139 5.26 7.29 52.53
N LEU C 140 3.96 7.58 52.44
CA LEU C 140 3.16 7.93 53.63
C LEU C 140 2.06 6.93 53.98
N PRO C 141 1.78 6.74 55.29
CA PRO C 141 0.72 5.82 55.72
C PRO C 141 -0.66 6.45 55.54
N LEU C 142 -1.03 6.72 54.29
CA LEU C 142 -2.22 7.50 53.98
C LEU C 142 -3.56 6.81 54.29
N SER C 143 -3.54 5.54 54.68
CA SER C 143 -4.77 4.87 55.13
C SER C 143 -5.05 5.14 56.61
N ALA C 144 -4.04 5.71 57.31
CA ALA C 144 -4.15 6.07 58.72
C ALA C 144 -4.78 7.46 58.89
N PRO C 145 -5.25 7.79 60.11
CA PRO C 145 -5.78 9.14 60.38
C PRO C 145 -4.75 10.21 60.09
N VAL C 146 -5.22 11.40 59.69
CA VAL C 146 -4.33 12.47 59.23
C VAL C 146 -3.23 12.83 60.25
N ASP C 147 -3.52 12.70 61.55
CA ASP C 147 -2.49 13.03 62.54
C ASP C 147 -1.33 12.04 62.54
N ALA C 148 -1.61 10.77 62.29
CA ALA C 148 -0.57 9.76 62.15
C ALA C 148 0.28 10.04 60.90
N VAL C 149 -0.37 10.48 59.82
CA VAL C 149 0.31 10.87 58.60
C VAL C 149 1.29 12.03 58.87
N LYS C 150 0.81 13.03 59.62
CA LYS C 150 1.64 14.18 59.98
C LYS C 150 2.83 13.77 60.84
N ALA C 151 2.60 12.86 61.77
CA ALA C 151 3.67 12.34 62.62
C ALA C 151 4.73 11.67 61.73
N SER C 152 4.28 10.92 60.73
CA SER C 152 5.19 10.28 59.77
C SER C 152 6.02 11.27 58.98
N ILE C 153 5.39 12.36 58.55
CA ILE C 153 6.09 13.44 57.85
C ILE C 153 7.14 14.05 58.76
N GLU C 154 6.79 14.27 60.02
CA GLU C 154 7.72 14.81 61.01
C GLU C 154 8.91 13.89 61.24
N ARG C 155 8.70 12.58 61.09
CA ARG C 155 9.80 11.63 61.22
C ARG C 155 10.70 11.61 59.98
N VAL C 156 10.11 11.51 58.79
CA VAL C 156 10.90 11.33 57.58
C VAL C 156 11.80 12.54 57.25
N LYS C 157 11.38 13.72 57.68
CA LYS C 157 12.18 14.94 57.49
C LYS C 157 13.57 14.85 58.18
N ASN C 158 13.62 14.12 59.29
CA ASN C 158 14.87 13.95 60.06
C ASN C 158 15.74 12.82 59.51
N LEU C 159 15.25 12.10 58.50
CA LEU C 159 15.99 10.98 57.94
C LEU C 159 17.04 11.44 56.94
N LYS C 160 18.28 11.03 57.17
CA LYS C 160 19.37 11.32 56.23
C LYS C 160 18.99 10.82 54.85
N TYR C 161 19.28 11.64 53.84
CA TYR C 161 19.09 11.27 52.41
C TYR C 161 17.66 11.37 51.90
N CYS C 162 16.70 11.62 52.79
CA CYS C 162 15.32 11.83 52.34
C CYS C 162 15.19 13.21 51.71
N ARG C 163 14.61 13.27 50.53
CA ARG C 163 14.50 14.54 49.81
C ARG C 163 13.09 14.86 49.34
N GLY C 164 12.13 14.04 49.74
CA GLY C 164 10.75 14.33 49.39
C GLY C 164 9.82 13.20 49.72
N ILE C 165 8.62 13.29 49.15
CA ILE C 165 7.55 12.34 49.40
C ILE C 165 7.03 11.85 48.05
N ILE C 166 6.84 10.55 47.90
CA ILE C 166 6.10 10.02 46.75
C ILE C 166 4.69 9.68 47.20
N LEU C 167 3.70 10.04 46.40
CA LEU C 167 2.34 9.61 46.67
C LEU C 167 1.47 9.41 45.44
N GLY C 168 0.40 8.66 45.63
CA GLY C 168 -0.52 8.38 44.55
C GLY C 168 -1.69 9.34 44.48
N THR C 169 -2.65 9.01 43.62
CA THR C 169 -3.74 9.90 43.32
C THR C 169 -4.98 9.71 44.22
N SER C 170 -5.00 8.67 45.04
CA SER C 170 -6.19 8.43 45.87
C SER C 170 -6.21 9.24 47.18
N GLY C 171 -5.08 9.85 47.54
CA GLY C 171 -4.96 10.63 48.77
C GLY C 171 -5.30 9.83 50.01
N LEU C 172 -6.30 10.29 50.75
CA LEU C 172 -6.83 9.55 51.90
C LEU C 172 -7.92 8.56 51.51
N GLY C 173 -8.26 8.54 50.21
CA GLY C 173 -9.28 7.64 49.73
C GLY C 173 -10.29 8.34 48.84
N LYS C 174 -10.21 9.67 48.78
CA LYS C 174 -11.15 10.44 47.96
C LYS C 174 -10.45 11.41 47.00
N GLY C 175 -9.24 11.07 46.58
CA GLY C 175 -8.51 11.89 45.63
C GLY C 175 -7.78 13.05 46.30
N LEU C 176 -7.13 13.87 45.48
CA LEU C 176 -6.23 14.92 45.96
C LEU C 176 -6.91 16.27 46.16
N ASP C 177 -8.19 16.36 45.79
CA ASP C 177 -8.97 17.56 46.04
C ASP C 177 -9.84 17.40 47.29
N ASP C 178 -9.54 16.37 48.08
CA ASP C 178 -10.27 16.10 49.32
C ASP C 178 -9.80 17.10 50.38
N PRO C 179 -10.74 17.91 50.93
CA PRO C 179 -10.32 18.93 51.91
C PRO C 179 -9.62 18.35 53.14
N HIS C 180 -9.89 17.08 53.47
CA HIS C 180 -9.22 16.40 54.58
C HIS C 180 -7.75 16.19 54.30
N LEU C 181 -7.36 16.25 53.03
CA LEU C 181 -5.97 16.02 52.64
C LEU C 181 -5.15 17.31 52.73
N LEU C 182 -5.84 18.44 52.81
CA LEU C 182 -5.17 19.74 52.79
C LEU C 182 -4.05 19.91 53.83
N PRO C 183 -4.25 19.46 55.09
CA PRO C 183 -3.18 19.62 56.09
C PRO C 183 -1.97 18.73 55.82
N VAL C 184 -2.17 17.66 55.08
CA VAL C 184 -1.06 16.79 54.66
C VAL C 184 -0.20 17.55 53.66
N PHE C 185 -0.83 18.18 52.66
CA PHE C 185 -0.12 19.07 51.74
C PHE C 185 0.61 20.20 52.47
N GLU C 186 -0.06 20.81 53.46
CA GLU C 186 0.54 21.89 54.25
C GLU C 186 1.79 21.42 55.01
N ALA C 187 1.70 20.25 55.64
CA ALA C 187 2.81 19.76 56.47
C ALA C 187 4.04 19.43 55.60
N VAL C 188 3.80 18.81 54.45
CA VAL C 188 4.87 18.43 53.55
C VAL C 188 5.55 19.67 52.98
N ALA C 189 4.74 20.65 52.59
CA ALA C 189 5.26 21.92 52.06
C ALA C 189 6.06 22.70 53.12
N ASP C 190 5.55 22.74 54.36
CA ASP C 190 6.26 23.37 55.47
C ASP C 190 7.58 22.67 55.79
N ALA C 191 7.59 21.34 55.67
CA ALA C 191 8.81 20.57 55.84
C ALA C 191 9.77 20.72 54.65
N LYS C 192 9.34 21.46 53.62
CA LYS C 192 10.10 21.64 52.39
C LYS C 192 10.43 20.31 51.71
N LEU C 193 9.47 19.40 51.74
CA LEU C 193 9.58 18.15 51.01
C LEU C 193 8.86 18.30 49.68
N LEU C 194 9.57 18.00 48.60
CA LEU C 194 8.98 17.94 47.26
C LEU C 194 8.05 16.74 47.17
N VAL C 195 6.84 16.96 46.66
CA VAL C 195 5.88 15.88 46.49
C VAL C 195 5.98 15.31 45.09
N PHE C 196 6.35 14.03 44.98
CA PHE C 196 6.41 13.34 43.71
C PHE C 196 5.08 12.61 43.48
N LEU C 197 4.23 13.15 42.62
CA LEU C 197 2.94 12.53 42.33
C LEU C 197 3.09 11.48 41.23
N HIS C 198 2.59 10.28 41.52
CA HIS C 198 2.80 9.11 40.67
C HIS C 198 1.51 8.34 40.49
N PRO C 199 1.28 7.79 39.27
CA PRO C 199 0.05 7.05 39.00
C PRO C 199 0.08 5.61 39.51
N HIS C 200 -1.08 4.96 39.44
CA HIS C 200 -1.24 3.53 39.81
C HIS C 200 -2.63 3.04 39.55
N TYR C 201 -3.63 3.83 39.91
CA TYR C 201 -5.02 3.40 39.80
C TYR C 201 -5.52 3.38 38.35
N GLY C 202 -4.95 4.22 37.50
CA GLY C 202 -5.33 4.27 36.09
C GLY C 202 -6.78 4.66 35.88
N LEU C 203 -7.41 4.03 34.90
CA LEU C 203 -8.78 4.36 34.52
C LEU C 203 -9.65 3.11 34.69
N PRO C 204 -10.97 3.27 34.90
CA PRO C 204 -11.80 2.07 34.95
C PRO C 204 -11.60 1.25 33.67
N ASN C 205 -11.36 -0.05 33.83
CA ASN C 205 -10.90 -0.89 32.74
C ASN C 205 -11.83 -0.99 31.53
N GLU C 206 -13.13 -0.74 31.73
CA GLU C 206 -14.10 -0.77 30.65
C GLU C 206 -13.78 0.21 29.50
N VAL C 207 -13.04 1.28 29.78
CA VAL C 207 -12.68 2.26 28.75
C VAL C 207 -11.82 1.67 27.62
N TYR C 208 -11.13 0.57 27.91
CA TYR C 208 -10.23 -0.06 26.94
C TYR C 208 -10.91 -1.07 26.00
N GLY C 209 -12.16 -1.40 26.30
CA GLY C 209 -12.95 -2.24 25.41
C GLY C 209 -12.70 -3.74 25.57
N PRO C 210 -13.47 -4.56 24.83
CA PRO C 210 -13.42 -6.01 25.01
C PRO C 210 -12.18 -6.68 24.44
N ARG C 211 -11.35 -5.94 23.71
CA ARG C 211 -10.16 -6.53 23.10
C ARG C 211 -8.89 -6.15 23.86
N SER C 212 -9.04 -5.45 24.99
CA SER C 212 -7.91 -4.89 25.73
C SER C 212 -6.81 -5.90 26.10
N GLU C 213 -7.20 -7.10 26.54
CA GLU C 213 -6.24 -8.17 26.90
C GLU C 213 -5.23 -8.46 25.78
N GLU C 214 -5.67 -8.28 24.53
CA GLU C 214 -4.86 -8.58 23.36
C GLU C 214 -3.69 -7.65 23.19
N TYR C 215 -3.77 -6.46 23.78
CA TYR C 215 -2.71 -5.48 23.58
C TYR C 215 -1.73 -5.45 24.76
N GLY C 216 -1.69 -6.53 25.53
CA GLY C 216 -0.84 -6.64 26.71
C GLY C 216 -1.09 -5.52 27.70
N HIS C 217 -0.01 -4.90 28.18
CA HIS C 217 -0.08 -3.80 29.15
C HIS C 217 -0.10 -2.42 28.52
N VAL C 218 -0.12 -2.36 27.19
CA VAL C 218 0.10 -1.08 26.50
C VAL C 218 -0.90 0.01 26.86
N LEU C 219 -2.19 -0.30 26.88
CA LEU C 219 -3.19 0.75 27.17
C LEU C 219 -3.17 1.23 28.62
N PRO C 220 -3.21 0.31 29.60
CA PRO C 220 -3.13 0.80 30.98
C PRO C 220 -1.85 1.59 31.27
N LEU C 221 -0.71 1.13 30.74
CA LEU C 221 0.57 1.78 31.05
C LEU C 221 0.84 3.01 30.19
N ALA C 222 0.51 2.92 28.90
CA ALA C 222 0.77 4.04 28.00
C ALA C 222 -0.27 5.16 28.12
N LEU C 223 -1.50 4.81 28.51
CA LEU C 223 -2.58 5.80 28.54
C LEU C 223 -3.16 6.00 29.93
N GLY C 224 -3.56 4.91 30.57
CA GLY C 224 -4.13 4.97 31.90
C GLY C 224 -3.30 5.73 32.91
N PHE C 225 -2.00 5.42 32.97
CA PHE C 225 -1.10 6.08 33.93
C PHE C 225 -1.03 7.60 33.77
N PRO C 226 -0.61 8.09 32.58
CA PRO C 226 -0.50 9.56 32.40
C PRO C 226 -1.85 10.29 32.48
N MET C 227 -2.92 9.62 32.07
CA MET C 227 -4.24 10.22 32.14
C MET C 227 -4.69 10.38 33.59
N GLU C 228 -4.53 9.32 34.39
CA GLU C 228 -4.76 9.40 35.83
C GLU C 228 -4.00 10.57 36.47
N THR C 229 -2.73 10.73 36.12
CA THR C 229 -1.92 11.83 36.67
C THR C 229 -2.54 13.18 36.32
N THR C 230 -2.96 13.33 35.07
CA THR C 230 -3.56 14.57 34.60
C THR C 230 -4.84 14.88 35.35
N ILE C 231 -5.71 13.88 35.52
CA ILE C 231 -6.99 14.08 36.19
C ILE C 231 -6.77 14.50 37.65
N ALA C 232 -5.89 13.80 38.35
CA ALA C 232 -5.62 14.10 39.74
C ALA C 232 -5.09 15.53 39.94
N VAL C 233 -4.10 15.93 39.14
CA VAL C 233 -3.55 17.28 39.22
C VAL C 233 -4.56 18.35 38.81
N ALA C 234 -5.37 18.05 37.80
CA ALA C 234 -6.41 18.99 37.37
C ALA C 234 -7.42 19.21 38.48
N ARG C 235 -7.77 18.13 39.18
CA ARG C 235 -8.66 18.22 40.33
C ARG C 235 -8.04 19.07 41.44
N MET C 236 -6.75 18.91 41.71
CA MET C 236 -6.05 19.74 42.69
C MET C 236 -6.15 21.21 42.30
N TYR C 237 -5.88 21.49 41.03
CA TYR C 237 -5.89 22.86 40.55
C TYR C 237 -7.27 23.50 40.65
N MET C 238 -8.30 22.77 40.20
CA MET C 238 -9.67 23.28 40.24
C MET C 238 -10.16 23.53 41.68
N ALA C 239 -9.71 22.70 42.62
CA ALA C 239 -10.08 22.83 44.03
C ALA C 239 -9.31 23.94 44.76
N GLY C 240 -8.38 24.58 44.06
CA GLY C 240 -7.59 25.67 44.62
C GLY C 240 -6.43 25.23 45.50
N VAL C 241 -6.12 23.94 45.50
CA VAL C 241 -5.04 23.43 46.34
C VAL C 241 -3.75 24.23 46.20
N PHE C 242 -3.40 24.60 44.97
CA PHE C 242 -2.16 25.32 44.72
C PHE C 242 -2.18 26.76 45.26
N ASP C 243 -3.38 27.32 45.38
CA ASP C 243 -3.56 28.64 45.98
C ASP C 243 -3.63 28.57 47.50
N HIS C 244 -4.19 27.48 48.01
CA HIS C 244 -4.36 27.31 49.45
C HIS C 244 -3.10 26.81 50.13
N VAL C 245 -2.16 26.30 49.33
CA VAL C 245 -0.87 25.83 49.84
C VAL C 245 0.21 26.36 48.91
N ARG C 246 0.55 27.63 49.09
CA ARG C 246 1.39 28.34 48.15
C ARG C 246 2.82 27.88 48.11
N ASN C 247 3.28 27.32 49.21
CA ASN C 247 4.63 26.76 49.28
C ASN C 247 4.73 25.33 48.73
N LEU C 248 3.61 24.72 48.33
CA LEU C 248 3.64 23.35 47.80
C LEU C 248 4.40 23.29 46.49
N GLN C 249 5.32 22.33 46.39
CA GLN C 249 6.06 22.03 45.15
C GLN C 249 5.82 20.57 44.79
N MET C 250 5.40 20.32 43.55
CA MET C 250 5.10 18.98 43.09
C MET C 250 5.92 18.55 41.87
N LEU C 251 6.41 17.33 41.90
CA LEU C 251 7.04 16.70 40.74
C LEU C 251 6.04 15.73 40.13
N LEU C 252 5.74 15.92 38.85
CA LEU C 252 4.75 15.08 38.18
C LEU C 252 5.43 14.00 37.36
N ALA C 253 5.03 12.75 37.63
CA ALA C 253 5.50 11.61 36.86
C ALA C 253 5.12 11.76 35.39
N HIS C 254 5.99 11.24 34.53
CA HIS C 254 5.80 11.17 33.08
C HIS C 254 5.45 12.49 32.47
N SER C 255 6.28 13.49 32.78
CA SER C 255 6.15 14.85 32.26
C SER C 255 4.75 15.45 32.46
N GLY C 256 4.13 15.12 33.58
CA GLY C 256 2.81 15.64 33.89
C GLY C 256 1.67 14.85 33.26
N GLY C 257 2.00 13.69 32.69
CA GLY C 257 0.98 12.82 32.11
C GLY C 257 0.60 13.32 30.74
N THR C 258 -0.35 14.26 30.68
CA THR C 258 -0.71 14.90 29.42
C THR C 258 -0.85 16.41 29.60
N LEU C 259 -0.65 16.88 30.84
CA LEU C 259 -0.91 18.25 31.23
C LEU C 259 -0.29 19.34 30.33
N PRO C 260 0.99 19.19 29.92
CA PRO C 260 1.55 20.20 29.01
C PRO C 260 0.77 20.35 27.71
N PHE C 261 0.23 19.24 27.20
CA PHE C 261 -0.52 19.26 25.94
C PHE C 261 -1.92 19.82 26.15
N LEU C 262 -2.47 19.62 27.33
CA LEU C 262 -3.85 20.01 27.62
C LEU C 262 -4.03 21.31 28.38
N ALA C 263 -2.93 21.93 28.81
CA ALA C 263 -3.00 23.15 29.62
C ALA C 263 -3.82 24.26 28.96
N GLY C 264 -3.56 24.51 27.68
CA GLY C 264 -4.33 25.48 26.89
C GLY C 264 -5.82 25.19 26.88
N ARG C 265 -6.16 23.92 26.67
CA ARG C 265 -7.55 23.48 26.67
C ARG C 265 -8.23 23.67 28.03
N ILE C 266 -7.50 23.36 29.10
CA ILE C 266 -8.03 23.53 30.45
C ILE C 266 -8.36 25.00 30.73
N GLU C 267 -7.47 25.90 30.30
CA GLU C 267 -7.65 27.34 30.49
C GLU C 267 -8.87 27.86 29.72
N SER C 268 -8.96 27.47 28.46
CA SER C 268 -10.09 27.83 27.63
C SER C 268 -11.40 27.31 28.20
N CYS C 269 -11.43 26.05 28.65
CA CYS C 269 -12.65 25.51 29.24
C CYS C 269 -13.05 26.28 30.52
N ILE C 270 -12.05 26.70 31.29
CA ILE C 270 -12.31 27.50 32.48
C ILE C 270 -12.94 28.85 32.14
N VAL C 271 -12.28 29.64 31.28
CA VAL C 271 -12.75 30.99 30.99
C VAL C 271 -14.08 31.00 30.22
N HIS C 272 -14.45 29.87 29.64
CA HIS C 272 -15.70 29.74 28.89
C HIS C 272 -16.75 28.99 29.66
N ASP C 273 -16.45 28.67 30.91
CA ASP C 273 -17.44 27.94 31.72
C ASP C 273 -18.45 28.91 32.34
N GLY C 274 -19.67 28.88 31.81
CA GLY C 274 -20.74 29.77 32.26
C GLY C 274 -20.96 29.73 33.77
N HIS C 275 -21.04 28.53 34.33
CA HIS C 275 -21.29 28.35 35.74
C HIS C 275 -20.17 28.88 36.61
N LEU C 276 -18.93 28.58 36.23
CA LEU C 276 -17.77 29.08 36.96
C LEU C 276 -17.65 30.61 36.91
N VAL C 277 -17.83 31.18 35.71
CA VAL C 277 -17.69 32.61 35.54
C VAL C 277 -18.80 33.35 36.28
N LYS C 278 -20.02 32.83 36.19
CA LYS C 278 -21.18 33.51 36.77
C LYS C 278 -21.32 33.33 38.28
N THR C 279 -20.52 32.46 38.86
CA THR C 279 -20.49 32.30 40.33
C THR C 279 -19.18 32.79 40.95
N GLY C 280 -18.45 33.63 40.24
CA GLY C 280 -17.27 34.29 40.78
C GLY C 280 -16.00 33.45 40.84
N LYS C 281 -16.07 32.24 40.28
CA LYS C 281 -14.93 31.31 40.35
C LYS C 281 -13.85 31.56 39.29
N VAL C 282 -14.08 32.53 38.43
CA VAL C 282 -13.09 32.89 37.40
C VAL C 282 -12.67 34.36 37.48
N PRO C 283 -12.16 34.80 38.65
CA PRO C 283 -11.81 36.23 38.84
C PRO C 283 -10.60 36.65 38.00
N LYS C 284 -10.40 37.95 37.83
CA LYS C 284 -9.27 38.50 37.09
C LYS C 284 -7.89 38.18 37.70
N ASP C 285 -7.84 38.06 39.03
CA ASP C 285 -6.57 37.79 39.74
C ASP C 285 -6.23 36.28 39.81
N ARG C 286 -6.94 35.49 39.01
CA ARG C 286 -6.78 34.04 38.93
C ARG C 286 -5.36 33.64 38.55
N ARG C 287 -4.77 32.73 39.32
CA ARG C 287 -3.49 32.15 38.92
C ARG C 287 -3.79 31.03 37.93
N THR C 288 -3.29 31.20 36.70
CA THR C 288 -3.58 30.27 35.61
C THR C 288 -2.77 29.00 35.78
N ILE C 289 -3.20 27.94 35.12
CA ILE C 289 -2.46 26.68 35.13
C ILE C 289 -1.02 26.89 34.63
N TRP C 290 -0.86 27.80 33.67
CA TRP C 290 0.46 28.14 33.15
C TRP C 290 1.37 28.69 34.22
N THR C 291 0.80 29.56 35.06
CA THR C 291 1.53 30.17 36.17
C THR C 291 1.93 29.10 37.17
N VAL C 292 0.99 28.21 37.50
CA VAL C 292 1.24 27.11 38.44
C VAL C 292 2.31 26.16 37.92
N LEU C 293 2.31 25.91 36.61
CA LEU C 293 3.31 25.07 35.95
C LEU C 293 4.71 25.66 36.01
N LYS C 294 4.82 26.99 36.12
CA LYS C 294 6.11 27.67 36.19
C LYS C 294 6.54 27.90 37.63
N GLU C 295 5.60 27.79 38.57
CA GLU C 295 5.87 28.21 39.96
C GLU C 295 5.84 27.09 40.99
N GLN C 296 5.01 26.07 40.78
CA GLN C 296 4.81 25.03 41.78
C GLN C 296 4.94 23.61 41.25
N ILE C 297 5.16 23.48 39.95
CA ILE C 297 5.21 22.17 39.33
C ILE C 297 6.55 21.93 38.67
N TYR C 298 7.14 20.77 38.98
CA TYR C 298 8.28 20.23 38.25
C TYR C 298 7.81 19.02 37.44
N LEU C 299 8.45 18.79 36.31
CA LEU C 299 8.09 17.66 35.45
C LEU C 299 9.29 16.76 35.29
N ASP C 300 9.08 15.45 35.40
CA ASP C 300 10.13 14.51 35.03
C ASP C 300 10.19 14.42 33.52
N ALA C 301 11.29 13.89 32.99
CA ALA C 301 11.47 13.79 31.54
C ALA C 301 11.24 12.36 31.02
N VAL C 302 10.45 11.58 31.75
CA VAL C 302 10.09 10.23 31.32
C VAL C 302 8.94 10.32 30.30
N ILE C 303 9.31 10.70 29.07
CA ILE C 303 8.34 11.01 28.02
C ILE C 303 8.68 10.34 26.66
N TYR C 304 9.90 9.82 26.54
CA TYR C 304 10.29 8.95 25.43
C TYR C 304 10.41 9.58 24.04
N SER C 305 10.26 10.90 23.96
CA SER C 305 10.31 11.60 22.67
C SER C 305 10.60 13.08 22.84
N GLU C 306 11.37 13.64 21.92
CA GLU C 306 11.62 15.09 21.90
C GLU C 306 10.35 15.93 21.65
N VAL C 307 9.34 15.31 21.04
CA VAL C 307 8.07 16.00 20.80
C VAL C 307 7.38 16.32 22.14
N GLY C 308 7.13 15.29 22.94
CA GLY C 308 6.53 15.48 24.27
C GLY C 308 7.43 16.33 25.16
N LEU C 309 8.74 16.10 25.08
CA LEU C 309 9.69 16.81 25.94
C LEU C 309 9.71 18.29 25.65
N GLN C 310 9.65 18.65 24.36
CA GLN C 310 9.58 20.05 23.98
C GLN C 310 8.31 20.71 24.51
N ALA C 311 7.19 20.01 24.48
CA ALA C 311 5.97 20.59 25.03
C ALA C 311 6.10 20.79 26.55
N ALA C 312 6.72 19.82 27.23
CA ALA C 312 6.95 19.91 28.67
C ALA C 312 7.86 21.10 29.02
N ILE C 313 8.96 21.26 28.29
CA ILE C 313 9.89 22.38 28.48
C ILE C 313 9.20 23.72 28.27
N ALA C 314 8.44 23.85 27.19
CA ALA C 314 7.71 25.08 26.90
C ALA C 314 6.70 25.42 28.00
N SER C 315 6.17 24.40 28.68
CA SER C 315 5.19 24.60 29.75
C SER C 315 5.83 24.99 31.09
N SER C 316 6.93 24.36 31.45
CA SER C 316 7.49 24.53 32.79
C SER C 316 8.86 25.21 32.81
N GLY C 317 9.51 25.25 31.65
CA GLY C 317 10.86 25.79 31.56
C GLY C 317 11.87 24.68 31.69
N ALA C 318 13.00 24.84 31.02
CA ALA C 318 14.08 23.87 31.03
C ALA C 318 14.68 23.68 32.43
N ASP C 319 14.58 24.71 33.27
CA ASP C 319 15.06 24.63 34.65
C ASP C 319 14.15 23.80 35.58
N ARG C 320 13.01 23.33 35.05
CA ARG C 320 12.04 22.60 35.86
C ARG C 320 11.73 21.19 35.33
N LEU C 321 12.57 20.71 34.41
CA LEU C 321 12.48 19.36 33.88
C LEU C 321 13.58 18.47 34.47
N MET C 322 13.24 17.25 34.85
CA MET C 322 14.21 16.36 35.44
C MET C 322 14.24 14.95 34.83
N PHE C 323 15.43 14.51 34.40
CA PHE C 323 15.63 13.16 33.85
C PHE C 323 15.20 12.06 34.82
N GLY C 324 14.64 10.99 34.25
CA GLY C 324 14.24 9.81 34.99
C GLY C 324 14.20 8.61 34.06
N THR C 325 14.09 7.42 34.65
CA THR C 325 14.18 6.19 33.86
C THR C 325 13.01 5.23 34.06
N ASP C 326 12.34 5.38 35.15
CA ASP C 326 11.32 4.40 35.59
C ASP C 326 11.88 2.97 35.80
N HIS C 327 13.13 2.88 36.12
CA HIS C 327 13.75 1.61 36.46
C HIS C 327 13.11 1.03 37.70
N PRO C 328 12.86 -0.30 37.74
CA PRO C 328 13.18 -1.29 36.72
C PRO C 328 11.97 -1.85 35.97
N PHE C 329 10.96 -1.01 35.72
CA PHE C 329 9.69 -1.47 35.15
C PHE C 329 9.67 -1.81 33.67
N PHE C 330 10.61 -1.24 32.90
CA PHE C 330 10.68 -1.54 31.47
C PHE C 330 12.03 -2.13 31.05
N PRO C 331 12.33 -3.37 31.51
CA PRO C 331 13.55 -4.04 31.08
C PRO C 331 13.49 -4.41 29.61
N PRO C 332 14.66 -4.61 28.95
CA PRO C 332 14.64 -5.09 27.58
C PRO C 332 14.05 -6.51 27.56
N ILE C 333 13.29 -6.84 26.52
CA ILE C 333 12.66 -8.16 26.43
C ILE C 333 13.66 -9.20 25.95
N GLU C 334 14.37 -8.91 24.86
CA GLU C 334 15.28 -9.88 24.25
C GLU C 334 16.69 -9.84 24.83
N GLU C 335 17.21 -8.63 25.02
CA GLU C 335 18.56 -8.44 25.56
C GLU C 335 18.54 -7.95 27.00
N GLY C 339 23.48 -4.54 29.74
CA GLY C 339 23.88 -3.34 29.00
C GLY C 339 23.04 -2.12 29.34
N PRO C 340 23.04 -1.10 28.47
CA PRO C 340 22.24 0.12 28.64
C PRO C 340 20.79 -0.08 28.17
N TRP C 341 19.84 0.22 29.05
CA TRP C 341 18.42 0.01 28.78
C TRP C 341 17.87 1.01 27.81
N ASP C 342 17.06 0.54 26.87
CA ASP C 342 16.39 1.43 25.92
C ASP C 342 15.45 2.42 26.60
N SER C 343 14.73 1.97 27.61
CA SER C 343 13.79 2.82 28.34
C SER C 343 14.49 4.01 29.02
N SER C 344 15.79 3.88 29.26
CA SER C 344 16.59 5.00 29.76
C SER C 344 17.20 5.81 28.61
N ARG C 345 17.77 5.12 27.62
CA ARG C 345 18.38 5.76 26.46
C ARG C 345 17.38 6.61 25.64
N LEU C 346 16.15 6.13 25.50
CA LEU C 346 15.11 6.91 24.79
C LEU C 346 14.89 8.31 25.38
N ASN C 347 14.93 8.42 26.71
CA ASN C 347 14.73 9.70 27.39
C ASN C 347 15.93 10.62 27.27
N ALA C 348 17.13 10.04 27.40
CA ALA C 348 18.38 10.73 27.12
C ALA C 348 18.40 11.31 25.70
N GLN C 349 18.05 10.47 24.72
CA GLN C 349 18.04 10.88 23.31
C GLN C 349 17.01 11.99 23.06
N ALA C 350 15.88 11.92 23.76
CA ALA C 350 14.85 12.96 23.68
C ALA C 350 15.40 14.30 24.16
N VAL C 351 16.18 14.29 25.25
CA VAL C 351 16.82 15.51 25.77
C VAL C 351 17.83 16.09 24.77
N ILE C 352 18.71 15.24 24.26
CA ILE C 352 19.71 15.64 23.29
C ILE C 352 19.03 16.25 22.05
N LYS C 353 17.99 15.59 21.56
CA LYS C 353 17.26 16.06 20.39
C LYS C 353 16.53 17.37 20.62
N ALA C 354 15.95 17.55 21.81
CA ALA C 354 15.17 18.75 22.09
C ALA C 354 16.02 19.99 22.33
N VAL C 355 17.14 19.83 23.06
CA VAL C 355 17.90 21.00 23.51
C VAL C 355 19.38 20.98 23.13
N GLY C 356 19.83 19.89 22.48
CA GLY C 356 21.20 19.80 22.00
C GLY C 356 22.18 19.19 22.98
N GLU C 357 23.01 18.27 22.50
CA GLU C 357 24.03 17.62 23.34
C GLU C 357 25.05 18.63 23.85
N GLY C 358 25.42 18.46 25.11
CA GLY C 358 26.42 19.33 25.75
C GLY C 358 25.95 20.74 26.06
N SER C 359 24.68 21.04 25.81
CA SER C 359 24.13 22.35 26.17
C SER C 359 23.92 22.46 27.67
N SER C 360 23.75 23.69 28.17
CA SER C 360 23.49 23.89 29.58
C SER C 360 22.04 23.53 29.92
N ASP C 361 21.18 23.54 28.91
CA ASP C 361 19.82 23.02 29.05
C ASP C 361 19.82 21.51 29.26
N ALA C 362 20.64 20.80 28.49
CA ALA C 362 20.81 19.36 28.63
C ALA C 362 21.36 18.97 30.01
N ALA C 363 22.39 19.67 30.45
CA ALA C 363 22.97 19.45 31.77
C ALA C 363 21.95 19.70 32.88
N ALA C 364 21.11 20.72 32.70
CA ALA C 364 20.06 21.04 33.67
C ALA C 364 19.08 19.88 33.80
N VAL C 365 18.48 19.49 32.67
CA VAL C 365 17.50 18.40 32.63
C VAL C 365 18.11 17.06 33.03
N MET C 366 19.33 16.78 32.58
CA MET C 366 19.96 15.49 32.88
C MET C 366 20.36 15.31 34.34
N GLY C 367 20.42 16.41 35.11
CA GLY C 367 20.76 16.28 36.52
C GLY C 367 20.85 17.54 37.36
N LEU C 368 21.37 18.61 36.79
CA LEU C 368 21.67 19.81 37.57
C LEU C 368 20.45 20.47 38.21
N ASN C 369 19.28 20.37 37.56
CA ASN C 369 18.03 20.83 38.17
C ASN C 369 17.72 20.08 39.44
N ALA C 370 17.82 18.74 39.37
CA ALA C 370 17.58 17.89 40.53
C ALA C 370 18.57 18.18 41.65
N VAL C 371 19.84 18.35 41.31
CA VAL C 371 20.87 18.71 42.29
C VAL C 371 20.45 19.98 43.02
N ARG C 372 20.05 20.99 42.27
CA ARG C 372 19.64 22.29 42.83
C ARG C 372 18.38 22.18 43.69
N VAL C 373 17.33 21.61 43.13
CA VAL C 373 16.03 21.57 43.78
C VAL C 373 16.01 20.62 44.98
N LEU C 374 16.74 19.52 44.86
CA LEU C 374 16.71 18.50 45.90
C LEU C 374 17.93 18.55 46.80
N SER C 375 18.78 19.57 46.65
CA SER C 375 19.96 19.71 47.48
C SER C 375 20.68 18.35 47.64
N LEU C 376 21.16 17.83 46.51
CA LEU C 376 21.70 16.49 46.47
C LEU C 376 23.18 16.46 46.79
N LYS C 377 23.51 16.96 47.98
CA LYS C 377 24.89 16.96 48.45
C LYS C 377 24.97 16.20 49.76
N ALA C 378 25.46 14.96 49.68
CA ALA C 378 25.46 14.05 50.83
C ALA C 378 26.48 14.40 51.91
N GLU C 379 27.35 15.37 51.64
CA GLU C 379 28.36 15.82 52.61
C GLU C 379 27.75 16.68 53.73
N LEU C 380 26.51 17.06 53.57
CA LEU C 380 25.77 17.80 54.60
C LEU C 380 24.76 16.88 55.29
N GLU C 381 24.20 17.30 56.43
CA GLU C 381 23.13 16.58 57.13
C GLU C 381 21.77 17.09 56.71
N HIS C 382 21.63 18.29 56.42
CA HIS C 382 20.35 18.89 56.08
C HIS C 382 20.09 18.91 54.60
N HIS C 383 18.88 19.38 54.25
CA HIS C 383 18.44 19.57 52.88
C HIS C 383 18.50 21.05 52.66
N HIS C 384 19.50 21.54 51.95
CA HIS C 384 19.64 22.95 51.65
C HIS C 384 18.62 23.42 50.63
N HIS C 385 17.65 24.21 51.09
CA HIS C 385 16.56 24.71 50.24
C HIS C 385 17.02 25.75 49.24
N PRO D 9 4.81 -19.50 5.64
CA PRO D 9 3.64 -18.90 5.01
C PRO D 9 3.12 -19.85 3.97
N VAL D 10 1.85 -19.75 3.66
CA VAL D 10 1.21 -20.69 2.76
C VAL D 10 1.64 -20.58 1.32
N VAL D 11 1.84 -21.72 0.70
CA VAL D 11 2.04 -21.76 -0.72
C VAL D 11 0.71 -22.01 -1.38
N VAL D 12 0.34 -21.10 -2.28
CA VAL D 12 -0.91 -21.22 -3.02
C VAL D 12 -0.59 -21.33 -4.51
N ASP D 13 -1.20 -22.31 -5.17
CA ASP D 13 -1.12 -22.51 -6.61
C ASP D 13 -2.42 -22.00 -7.24
N ILE D 14 -2.35 -20.87 -7.96
CA ILE D 14 -3.57 -20.34 -8.59
C ILE D 14 -3.77 -20.78 -10.03
N HIS D 15 -2.85 -21.61 -10.55
CA HIS D 15 -2.89 -22.04 -11.94
C HIS D 15 -2.74 -23.52 -12.03
N THR D 16 -3.88 -24.22 -11.99
CA THR D 16 -3.87 -25.66 -11.83
C THR D 16 -5.23 -26.24 -12.22
N HIS D 17 -5.22 -27.31 -13.01
CA HIS D 17 -6.43 -27.71 -13.72
C HIS D 17 -6.92 -29.09 -13.43
N MET D 18 -8.20 -29.30 -13.77
CA MET D 18 -8.82 -30.61 -13.76
C MET D 18 -9.89 -30.71 -14.84
N TYR D 19 -10.07 -31.92 -15.37
CA TYR D 19 -11.28 -32.25 -16.10
C TYR D 19 -12.03 -33.29 -15.28
N PRO D 20 -13.25 -32.95 -14.79
CA PRO D 20 -14.05 -33.98 -14.12
C PRO D 20 -14.43 -35.11 -15.08
N PRO D 21 -14.64 -36.32 -14.55
CA PRO D 21 -15.03 -37.47 -15.39
C PRO D 21 -16.17 -37.17 -16.36
N SER D 22 -17.19 -36.44 -15.93
CA SER D 22 -18.31 -36.14 -16.81
C SER D 22 -17.88 -35.30 -18.02
N TYR D 23 -16.88 -34.44 -17.79
CA TYR D 23 -16.35 -33.56 -18.84
C TYR D 23 -15.55 -34.37 -19.85
N ILE D 24 -14.62 -35.19 -19.36
CA ILE D 24 -13.87 -36.12 -20.20
C ILE D 24 -14.79 -37.01 -21.02
N ALA D 25 -15.88 -37.47 -20.39
CA ALA D 25 -16.91 -38.27 -21.07
C ALA D 25 -17.50 -37.51 -22.26
N MET D 26 -17.68 -36.20 -22.12
CA MET D 26 -18.11 -35.38 -23.26
C MET D 26 -17.05 -35.38 -24.36
N LEU D 27 -15.78 -35.25 -23.97
CA LEU D 27 -14.69 -35.21 -24.95
C LEU D 27 -14.55 -36.53 -25.73
N GLU D 28 -14.73 -37.64 -25.03
CA GLU D 28 -14.69 -38.96 -25.67
C GLU D 28 -15.73 -39.11 -26.78
N LYS D 29 -16.86 -38.42 -26.65
CA LYS D 29 -17.99 -38.52 -27.58
C LYS D 29 -17.91 -37.55 -28.77
N ARG D 30 -16.96 -36.64 -28.74
CA ARG D 30 -16.86 -35.62 -29.79
C ARG D 30 -16.17 -36.13 -31.05
N GLN D 31 -16.67 -35.71 -32.19
CA GLN D 31 -16.13 -36.11 -33.49
C GLN D 31 -15.13 -35.08 -34.00
N THR D 32 -15.20 -33.88 -33.43
CA THR D 32 -14.25 -32.82 -33.75
C THR D 32 -13.63 -32.23 -32.49
N ILE D 33 -12.46 -31.62 -32.66
CA ILE D 33 -11.73 -30.94 -31.58
C ILE D 33 -12.61 -29.97 -30.78
N PRO D 34 -12.48 -29.98 -29.44
CA PRO D 34 -11.63 -30.86 -28.64
C PRO D 34 -12.22 -32.26 -28.51
N LEU D 35 -11.36 -33.27 -28.38
CA LEU D 35 -11.83 -34.66 -28.19
C LEU D 35 -10.78 -35.55 -27.55
N VAL D 36 -11.22 -36.74 -27.12
CA VAL D 36 -10.33 -37.76 -26.61
C VAL D 36 -10.50 -39.03 -27.45
N ARG D 37 -9.38 -39.68 -27.77
CA ARG D 37 -9.38 -40.92 -28.52
C ARG D 37 -8.40 -41.90 -27.94
N THR D 38 -8.83 -43.15 -27.81
CA THR D 38 -7.96 -44.23 -27.41
C THR D 38 -7.40 -44.87 -28.69
N PHE D 39 -6.13 -45.26 -28.64
CA PHE D 39 -5.49 -45.92 -29.77
C PHE D 39 -4.94 -47.26 -29.32
N PRO D 40 -5.14 -48.32 -30.12
CA PRO D 40 -4.72 -49.67 -29.78
C PRO D 40 -3.34 -49.76 -29.12
N GLN D 41 -2.34 -49.09 -29.69
CA GLN D 41 -0.95 -49.20 -29.24
C GLN D 41 -0.60 -48.37 -28.00
N ALA D 42 -1.54 -47.57 -27.51
CA ALA D 42 -1.24 -46.58 -26.46
C ALA D 42 -1.69 -47.03 -25.06
N ASP D 43 -0.87 -46.67 -24.07
CA ASP D 43 -1.12 -47.00 -22.67
C ASP D 43 -2.23 -46.16 -22.01
N GLU D 44 -2.58 -45.05 -22.64
CA GLU D 44 -3.63 -44.16 -22.14
C GLU D 44 -4.30 -43.41 -23.29
N PRO D 45 -5.51 -42.87 -23.07
CA PRO D 45 -6.16 -42.16 -24.17
C PRO D 45 -5.35 -40.92 -24.59
N ARG D 46 -5.70 -40.37 -25.74
CA ARG D 46 -5.05 -39.19 -26.27
C ARG D 46 -5.98 -38.00 -26.16
N LEU D 47 -5.45 -36.90 -25.61
CA LEU D 47 -6.18 -35.66 -25.49
C LEU D 47 -5.79 -34.75 -26.64
N ILE D 48 -6.77 -34.48 -27.51
CA ILE D 48 -6.52 -33.66 -28.70
C ILE D 48 -7.35 -32.38 -28.65
N LEU D 49 -6.67 -31.28 -28.35
CA LEU D 49 -7.32 -30.01 -28.03
C LEU D 49 -7.04 -28.91 -29.06
N LEU D 50 -5.92 -29.01 -29.76
CA LEU D 50 -5.44 -27.90 -30.57
C LEU D 50 -5.56 -28.16 -32.06
N SER D 51 -5.76 -27.07 -32.82
CA SER D 51 -5.82 -27.11 -34.30
C SER D 51 -4.51 -27.61 -34.89
N SER D 52 -3.41 -27.33 -34.19
CA SER D 52 -2.08 -27.76 -34.62
C SER D 52 -1.93 -29.28 -34.62
N GLU D 53 -2.78 -29.95 -33.85
CA GLU D 53 -2.74 -31.41 -33.72
C GLU D 53 -3.57 -32.12 -34.78
N LEU D 54 -4.37 -31.38 -35.53
CA LEU D 54 -5.29 -31.94 -36.53
C LEU D 54 -4.62 -32.86 -37.56
N ALA D 55 -3.49 -32.41 -38.10
CA ALA D 55 -2.73 -33.17 -39.09
C ALA D 55 -2.34 -34.54 -38.53
N ALA D 56 -1.72 -34.54 -37.36
CA ALA D 56 -1.30 -35.76 -36.67
C ALA D 56 -2.47 -36.69 -36.32
N LEU D 57 -3.63 -36.13 -35.97
CA LEU D 57 -4.83 -36.94 -35.72
C LEU D 57 -5.31 -37.66 -37.00
N ASP D 58 -5.56 -36.89 -38.06
CA ASP D 58 -5.95 -37.45 -39.36
C ASP D 58 -4.96 -38.50 -39.85
N ALA D 59 -3.66 -38.25 -39.60
CA ALA D 59 -2.61 -39.20 -39.95
C ALA D 59 -2.65 -40.48 -39.10
N ALA D 60 -2.82 -40.33 -37.79
CA ALA D 60 -2.79 -41.50 -36.89
C ALA D 60 -4.04 -42.36 -37.05
N LEU D 61 -5.11 -41.77 -37.57
CA LEU D 61 -6.36 -42.48 -37.80
C LEU D 61 -6.27 -43.36 -39.04
N ALA D 62 -5.57 -42.85 -40.06
CA ALA D 62 -5.43 -43.55 -41.32
C ALA D 62 -4.24 -44.52 -41.34
N ASP D 63 -3.32 -44.33 -40.39
CA ASP D 63 -2.04 -45.06 -40.39
C ASP D 63 -1.65 -45.47 -38.97
N PRO D 64 -1.64 -46.79 -38.70
CA PRO D 64 -1.28 -47.35 -37.39
C PRO D 64 0.20 -47.18 -37.03
N ALA D 65 1.03 -46.82 -38.00
CA ALA D 65 2.46 -46.61 -37.77
C ALA D 65 2.75 -45.17 -37.36
N ALA D 66 1.89 -44.25 -37.80
CA ALA D 66 2.02 -42.82 -37.50
C ALA D 66 2.01 -42.55 -35.99
N LYS D 67 2.77 -41.54 -35.57
CA LYS D 67 2.91 -41.21 -34.15
C LYS D 67 1.57 -40.92 -33.49
N LEU D 68 1.50 -41.14 -32.17
CA LEU D 68 0.30 -40.84 -31.40
C LEU D 68 0.02 -39.34 -31.43
N PRO D 69 -1.24 -38.95 -31.71
CA PRO D 69 -1.56 -37.54 -31.80
C PRO D 69 -1.92 -36.94 -30.44
N GLY D 70 -1.92 -35.60 -30.37
CA GLY D 70 -2.24 -34.89 -29.14
C GLY D 70 -1.29 -35.23 -28.00
N ARG D 71 -1.82 -35.27 -26.79
CA ARG D 71 -1.03 -35.53 -25.60
C ARG D 71 -1.67 -36.63 -24.77
N PRO D 72 -0.88 -37.31 -23.92
CA PRO D 72 -1.47 -38.36 -23.09
C PRO D 72 -2.52 -37.79 -22.15
N LEU D 73 -3.71 -38.37 -22.16
CA LEU D 73 -4.69 -38.09 -21.14
C LEU D 73 -4.32 -38.91 -19.90
N SER D 74 -3.49 -38.34 -19.03
CA SER D 74 -3.05 -39.02 -17.83
C SER D 74 -4.15 -39.02 -16.77
N THR D 75 -4.01 -39.87 -15.76
CA THR D 75 -4.97 -39.95 -14.67
C THR D 75 -5.08 -38.64 -13.88
N HIS D 76 -4.03 -37.82 -13.95
CA HIS D 76 -3.96 -36.54 -13.23
C HIS D 76 -5.08 -35.59 -13.59
N PHE D 77 -5.61 -35.67 -14.80
CA PHE D 77 -6.66 -34.74 -15.23
C PHE D 77 -7.96 -34.86 -14.43
N ALA D 78 -8.35 -36.09 -14.11
CA ALA D 78 -9.62 -36.35 -13.45
C ALA D 78 -9.51 -36.70 -11.98
N SER D 79 -8.31 -37.01 -11.52
CA SER D 79 -8.13 -37.52 -10.16
C SER D 79 -7.91 -36.43 -9.14
N LEU D 80 -8.94 -36.16 -8.33
CA LEU D 80 -8.81 -35.26 -7.18
C LEU D 80 -7.80 -35.79 -6.15
N ALA D 81 -7.78 -37.11 -5.96
CA ALA D 81 -6.82 -37.74 -5.05
C ALA D 81 -5.38 -37.46 -5.48
N GLN D 82 -5.08 -37.61 -6.77
CA GLN D 82 -3.73 -37.33 -7.26
C GLN D 82 -3.42 -35.82 -7.25
N LYS D 83 -4.45 -34.98 -7.36
CA LYS D 83 -4.25 -33.54 -7.20
C LYS D 83 -3.70 -33.24 -5.81
N MET D 84 -4.31 -33.82 -4.79
CA MET D 84 -3.89 -33.66 -3.41
C MET D 84 -2.51 -34.25 -3.17
N HIS D 85 -2.24 -35.39 -3.79
CA HIS D 85 -0.92 -36.00 -3.73
C HIS D 85 0.11 -35.11 -4.38
N PHE D 86 -0.22 -34.55 -5.55
CA PHE D 86 0.65 -33.58 -6.21
C PHE D 86 0.99 -32.41 -5.28
N MET D 87 -0.03 -31.86 -4.63
CA MET D 87 0.14 -30.72 -3.70
C MET D 87 1.07 -31.04 -2.53
N ASP D 88 0.80 -32.17 -1.86
CA ASP D 88 1.63 -32.65 -0.75
C ASP D 88 3.05 -32.93 -1.20
N THR D 89 3.20 -33.53 -2.37
CA THR D 89 4.50 -33.87 -2.93
C THR D 89 5.30 -32.65 -3.38
N ASN D 90 4.61 -31.57 -3.72
CA ASN D 90 5.31 -30.40 -4.25
C ASN D 90 5.29 -29.18 -3.35
N GLY D 91 4.88 -29.36 -2.10
CA GLY D 91 4.91 -28.30 -1.09
C GLY D 91 3.84 -27.23 -1.22
N ILE D 92 2.67 -27.61 -1.73
CA ILE D 92 1.58 -26.67 -1.97
C ILE D 92 0.48 -26.92 -0.94
N ARG D 93 0.15 -25.89 -0.17
CA ARG D 93 -0.91 -26.00 0.81
C ARG D 93 -2.29 -25.81 0.18
N VAL D 94 -2.42 -24.81 -0.68
CA VAL D 94 -3.72 -24.49 -1.30
C VAL D 94 -3.66 -24.46 -2.82
N SER D 95 -4.63 -25.10 -3.47
CA SER D 95 -4.82 -24.96 -4.92
C SER D 95 -6.13 -24.27 -5.22
N VAL D 96 -6.08 -23.34 -6.17
CA VAL D 96 -7.29 -22.77 -6.72
C VAL D 96 -7.43 -23.40 -8.09
N ILE D 97 -8.24 -24.44 -8.17
CA ILE D 97 -8.34 -25.24 -9.37
C ILE D 97 -9.34 -24.67 -10.34
N SER D 98 -9.15 -24.98 -11.61
CA SER D 98 -10.02 -24.50 -12.65
C SER D 98 -10.11 -25.55 -13.73
N LEU D 99 -11.27 -25.65 -14.35
CA LEU D 99 -11.42 -26.38 -15.58
C LEU D 99 -10.37 -25.91 -16.59
N ALA D 100 -9.78 -26.84 -17.33
CA ALA D 100 -8.80 -26.48 -18.35
C ALA D 100 -9.49 -26.13 -19.65
N ASN D 101 -8.71 -25.55 -20.57
CA ASN D 101 -9.18 -25.23 -21.90
C ASN D 101 -9.68 -26.49 -22.60
N PRO D 102 -10.70 -26.37 -23.47
CA PRO D 102 -11.43 -25.16 -23.85
C PRO D 102 -12.75 -24.91 -23.09
N TRP D 103 -12.85 -25.40 -21.86
CA TRP D 103 -14.00 -25.06 -21.01
C TRP D 103 -15.29 -25.44 -21.68
N PHE D 104 -16.26 -24.53 -21.73
CA PHE D 104 -17.54 -24.83 -22.37
C PHE D 104 -17.73 -24.16 -23.74
N ASP D 105 -16.62 -23.76 -24.37
CA ASP D 105 -16.65 -23.04 -25.65
C ASP D 105 -17.32 -23.81 -26.78
N PHE D 106 -17.17 -25.13 -26.78
CA PHE D 106 -17.70 -25.98 -27.85
C PHE D 106 -19.17 -26.35 -27.66
N LEU D 107 -19.74 -26.07 -26.50
CA LEU D 107 -21.14 -26.46 -26.23
C LEU D 107 -22.16 -25.67 -27.05
N ALA D 108 -23.20 -26.35 -27.52
CA ALA D 108 -24.34 -25.68 -28.18
C ALA D 108 -25.07 -24.75 -27.20
N PRO D 109 -25.66 -23.65 -27.72
CA PRO D 109 -26.30 -22.64 -26.87
C PRO D 109 -27.35 -23.18 -25.90
N ASP D 110 -28.22 -24.07 -26.36
CA ASP D 110 -29.31 -24.59 -25.53
C ASP D 110 -28.87 -25.41 -24.31
N GLU D 111 -27.89 -26.28 -24.52
CA GLU D 111 -27.41 -27.20 -23.47
C GLU D 111 -26.39 -26.57 -22.52
N ALA D 112 -25.70 -25.53 -22.98
CA ALA D 112 -24.57 -24.94 -22.26
C ALA D 112 -24.85 -24.53 -20.81
N PRO D 113 -25.92 -23.75 -20.56
CA PRO D 113 -26.13 -23.31 -19.17
C PRO D 113 -26.29 -24.47 -18.17
N GLY D 114 -27.08 -25.48 -18.56
CA GLY D 114 -27.32 -26.65 -17.70
C GLY D 114 -26.05 -27.41 -17.40
N ILE D 115 -25.24 -27.65 -18.43
CA ILE D 115 -23.98 -28.35 -18.27
C ILE D 115 -23.00 -27.53 -17.41
N ALA D 116 -22.83 -26.25 -17.74
CA ALA D 116 -21.98 -25.36 -16.95
C ALA D 116 -22.33 -25.39 -15.46
N ASP D 117 -23.62 -25.21 -15.14
CA ASP D 117 -24.08 -25.21 -13.75
C ASP D 117 -23.67 -26.50 -13.06
N ALA D 118 -23.90 -27.63 -13.73
CA ALA D 118 -23.57 -28.94 -13.15
C ALA D 118 -22.06 -29.13 -12.90
N VAL D 119 -21.24 -28.73 -13.87
CA VAL D 119 -19.79 -28.89 -13.75
C VAL D 119 -19.20 -27.96 -12.68
N ASN D 120 -19.65 -26.71 -12.66
CA ASN D 120 -19.29 -25.78 -11.60
C ASN D 120 -19.69 -26.31 -10.20
N ALA D 121 -20.86 -26.94 -10.12
CA ALA D 121 -21.30 -27.58 -8.87
C ALA D 121 -20.36 -28.72 -8.47
N GLU D 122 -19.94 -29.53 -9.44
CA GLU D 122 -18.93 -30.56 -9.21
C GLU D 122 -17.65 -29.96 -8.61
N PHE D 123 -17.17 -28.84 -9.18
CA PHE D 123 -15.96 -28.21 -8.68
C PHE D 123 -16.12 -27.78 -7.21
N SER D 124 -17.28 -27.23 -6.87
CA SER D 124 -17.61 -26.86 -5.50
C SER D 124 -17.56 -28.08 -4.58
N ASP D 125 -18.18 -29.17 -5.02
CA ASP D 125 -18.17 -30.43 -4.28
C ASP D 125 -16.74 -30.95 -4.05
N MET D 126 -15.92 -30.87 -5.10
CA MET D 126 -14.53 -31.30 -5.00
C MET D 126 -13.79 -30.53 -3.91
N CYS D 127 -13.93 -29.21 -3.93
CA CYS D 127 -13.30 -28.35 -2.95
C CYS D 127 -13.75 -28.70 -1.53
N ALA D 128 -15.03 -29.10 -1.41
CA ALA D 128 -15.59 -29.51 -0.12
C ALA D 128 -14.96 -30.79 0.41
N GLN D 129 -14.31 -31.57 -0.46
CA GLN D 129 -13.63 -32.79 -0.02
C GLN D 129 -12.41 -32.47 0.85
N HIS D 130 -11.85 -31.27 0.71
CA HIS D 130 -10.61 -30.95 1.42
C HIS D 130 -10.60 -29.55 1.95
N VAL D 131 -11.46 -29.33 2.93
CA VAL D 131 -11.76 -28.02 3.51
C VAL D 131 -10.50 -27.23 3.82
N GLY D 132 -10.39 -26.04 3.23
CA GLY D 132 -9.29 -25.14 3.50
C GLY D 132 -8.08 -25.33 2.61
N ARG D 133 -8.13 -26.32 1.71
CA ARG D 133 -7.01 -26.56 0.80
C ARG D 133 -7.41 -26.36 -0.66
N LEU D 134 -8.70 -26.24 -0.92
CA LEU D 134 -9.17 -26.12 -2.29
C LEU D 134 -10.16 -24.99 -2.49
N PHE D 135 -9.91 -24.16 -3.50
CA PHE D 135 -10.88 -23.19 -3.96
C PHE D 135 -10.94 -23.33 -5.47
N PHE D 136 -11.85 -22.62 -6.14
CA PHE D 136 -11.93 -22.78 -7.58
C PHE D 136 -12.39 -21.56 -8.38
N PHE D 137 -11.91 -21.49 -9.63
CA PHE D 137 -12.42 -20.58 -10.65
C PHE D 137 -13.44 -21.35 -11.45
N ALA D 138 -14.59 -20.73 -11.69
CA ALA D 138 -15.67 -21.35 -12.46
C ALA D 138 -15.56 -20.99 -13.93
N ALA D 139 -16.09 -21.85 -14.79
CA ALA D 139 -16.17 -21.56 -16.21
C ALA D 139 -17.61 -21.16 -16.56
N LEU D 140 -17.76 -20.38 -17.62
CA LEU D 140 -19.08 -19.88 -18.02
C LEU D 140 -19.58 -20.45 -19.35
N PRO D 141 -20.92 -20.58 -19.49
CA PRO D 141 -21.54 -21.04 -20.74
C PRO D 141 -21.63 -19.93 -21.80
N LEU D 142 -20.48 -19.51 -22.31
CA LEU D 142 -20.40 -18.33 -23.17
C LEU D 142 -20.92 -18.52 -24.59
N SER D 143 -21.40 -19.72 -24.93
CA SER D 143 -22.06 -19.93 -26.21
C SER D 143 -23.56 -19.62 -26.13
N ALA D 144 -24.04 -19.43 -24.90
CA ALA D 144 -25.46 -19.16 -24.64
C ALA D 144 -25.70 -17.65 -24.67
N PRO D 145 -26.99 -17.24 -24.77
CA PRO D 145 -27.33 -15.83 -24.70
C PRO D 145 -26.82 -15.21 -23.39
N VAL D 146 -26.54 -13.90 -23.42
CA VAL D 146 -25.93 -13.19 -22.30
C VAL D 146 -26.76 -13.27 -21.01
N ASP D 147 -28.08 -13.37 -21.14
CA ASP D 147 -28.95 -13.52 -19.96
C ASP D 147 -28.71 -14.82 -19.22
N ALA D 148 -28.52 -15.90 -19.96
CA ALA D 148 -28.14 -17.18 -19.39
C ALA D 148 -26.76 -17.10 -18.75
N VAL D 149 -25.82 -16.43 -19.41
CA VAL D 149 -24.49 -16.20 -18.86
C VAL D 149 -24.58 -15.45 -17.53
N LYS D 150 -25.37 -14.39 -17.50
CA LYS D 150 -25.59 -13.59 -16.29
C LYS D 150 -26.13 -14.43 -15.13
N ALA D 151 -27.10 -15.30 -15.42
CA ALA D 151 -27.65 -16.21 -14.41
C ALA D 151 -26.58 -17.18 -13.91
N SER D 152 -25.73 -17.67 -14.81
CA SER D 152 -24.64 -18.56 -14.43
C SER D 152 -23.67 -17.89 -13.47
N ILE D 153 -23.37 -16.61 -13.73
CA ILE D 153 -22.52 -15.82 -12.86
C ILE D 153 -23.14 -15.68 -11.46
N GLU D 154 -24.42 -15.32 -11.42
CA GLU D 154 -25.13 -15.19 -10.15
C GLU D 154 -25.06 -16.50 -9.36
N ARG D 155 -25.16 -17.63 -10.04
CA ARG D 155 -25.05 -18.95 -9.41
C ARG D 155 -23.69 -19.25 -8.79
N VAL D 156 -22.64 -19.11 -9.59
CA VAL D 156 -21.29 -19.46 -9.15
C VAL D 156 -20.81 -18.57 -8.02
N LYS D 157 -21.26 -17.31 -8.01
CA LYS D 157 -21.00 -16.38 -6.92
C LYS D 157 -21.39 -16.98 -5.56
N ASN D 158 -22.42 -17.82 -5.57
CA ASN D 158 -22.99 -18.36 -4.34
C ASN D 158 -22.66 -19.82 -4.12
N LEU D 159 -21.69 -20.35 -4.88
CA LEU D 159 -21.17 -21.68 -4.64
C LEU D 159 -20.04 -21.60 -3.63
N LYS D 160 -20.05 -22.50 -2.66
CA LYS D 160 -18.97 -22.58 -1.68
C LYS D 160 -17.66 -22.77 -2.42
N TYR D 161 -16.63 -22.04 -1.97
CA TYR D 161 -15.26 -22.19 -2.46
C TYR D 161 -14.95 -21.54 -3.81
N CYS D 162 -15.96 -20.98 -4.48
CA CYS D 162 -15.70 -20.29 -5.74
C CYS D 162 -15.04 -18.94 -5.48
N ARG D 163 -14.00 -18.65 -6.25
CA ARG D 163 -13.25 -17.41 -6.08
C ARG D 163 -13.01 -16.64 -7.36
N GLY D 164 -13.61 -17.10 -8.45
CA GLY D 164 -13.42 -16.42 -9.71
C GLY D 164 -13.98 -17.14 -10.91
N ILE D 165 -13.62 -16.62 -12.08
CA ILE D 165 -14.04 -17.18 -13.35
C ILE D 165 -12.79 -17.41 -14.19
N ILE D 166 -12.70 -18.56 -14.84
CA ILE D 166 -11.69 -18.75 -15.87
C ILE D 166 -12.39 -18.63 -17.23
N LEU D 167 -11.77 -17.89 -18.14
CA LEU D 167 -12.25 -17.86 -19.52
C LEU D 167 -11.15 -17.68 -20.56
N GLY D 168 -11.50 -18.02 -21.80
CA GLY D 168 -10.57 -17.97 -22.90
C GLY D 168 -10.76 -16.69 -23.66
N THR D 169 -10.18 -16.63 -24.85
CA THR D 169 -10.08 -15.38 -25.58
C THR D 169 -11.19 -15.18 -26.62
N SER D 170 -12.02 -16.19 -26.88
CA SER D 170 -13.08 -16.03 -27.86
C SER D 170 -14.28 -15.21 -27.36
N GLY D 171 -14.42 -15.10 -26.04
CA GLY D 171 -15.54 -14.39 -25.42
C GLY D 171 -16.86 -15.01 -25.86
N LEU D 172 -17.68 -14.22 -26.55
CA LEU D 172 -18.96 -14.68 -27.09
C LEU D 172 -18.83 -15.25 -28.51
N GLY D 173 -17.63 -15.13 -29.09
CA GLY D 173 -17.39 -15.65 -30.43
C GLY D 173 -16.66 -14.63 -31.27
N LYS D 174 -16.53 -13.41 -30.74
CA LYS D 174 -15.87 -12.34 -31.46
C LYS D 174 -14.72 -11.71 -30.67
N GLY D 175 -14.18 -12.45 -29.71
CA GLY D 175 -13.06 -11.98 -28.90
C GLY D 175 -13.49 -11.13 -27.71
N LEU D 176 -12.52 -10.62 -26.98
CA LEU D 176 -12.77 -9.95 -25.70
C LEU D 176 -13.05 -8.45 -25.83
N ASP D 177 -12.83 -7.91 -27.03
CA ASP D 177 -13.15 -6.51 -27.30
C ASP D 177 -14.54 -6.38 -27.93
N ASP D 178 -15.32 -7.46 -27.86
CA ASP D 178 -16.69 -7.47 -28.32
C ASP D 178 -17.54 -6.73 -27.28
N PRO D 179 -18.20 -5.63 -27.69
CA PRO D 179 -19.00 -4.81 -26.75
C PRO D 179 -20.17 -5.57 -26.12
N HIS D 180 -20.64 -6.62 -26.79
CA HIS D 180 -21.70 -7.47 -26.25
C HIS D 180 -21.24 -8.24 -25.04
N LEU D 181 -19.93 -8.27 -24.83
CA LEU D 181 -19.34 -8.97 -23.69
C LEU D 181 -19.21 -8.07 -22.46
N LEU D 182 -19.32 -6.76 -22.66
CA LEU D 182 -19.16 -5.81 -21.55
C LEU D 182 -20.07 -6.10 -20.34
N PRO D 183 -21.35 -6.47 -20.58
CA PRO D 183 -22.19 -6.79 -19.41
C PRO D 183 -21.78 -8.06 -18.68
N VAL D 184 -21.08 -8.95 -19.36
CA VAL D 184 -20.51 -10.14 -18.71
C VAL D 184 -19.35 -9.72 -17.79
N PHE D 185 -18.47 -8.87 -18.31
CA PHE D 185 -17.40 -8.28 -17.49
C PHE D 185 -17.98 -7.53 -16.29
N GLU D 186 -19.06 -6.78 -16.52
CA GLU D 186 -19.72 -6.01 -15.46
C GLU D 186 -20.26 -6.93 -14.37
N ALA D 187 -20.98 -7.96 -14.77
CA ALA D 187 -21.60 -8.88 -13.82
C ALA D 187 -20.55 -9.61 -12.98
N VAL D 188 -19.42 -9.96 -13.60
CA VAL D 188 -18.37 -10.69 -12.88
C VAL D 188 -17.64 -9.76 -11.90
N ALA D 189 -17.31 -8.56 -12.36
CA ALA D 189 -16.69 -7.56 -11.51
C ALA D 189 -17.61 -7.15 -10.34
N ASP D 190 -18.89 -6.93 -10.64
CA ASP D 190 -19.88 -6.59 -9.59
C ASP D 190 -19.99 -7.70 -8.55
N ALA D 191 -19.84 -8.95 -8.99
CA ALA D 191 -19.88 -10.09 -8.11
C ALA D 191 -18.54 -10.28 -7.37
N LYS D 192 -17.60 -9.37 -7.62
CA LYS D 192 -16.26 -9.40 -7.00
C LYS D 192 -15.52 -10.71 -7.26
N LEU D 193 -15.72 -11.25 -8.46
CA LEU D 193 -15.02 -12.45 -8.89
C LEU D 193 -13.83 -12.08 -9.76
N LEU D 194 -12.67 -12.62 -9.42
CA LEU D 194 -11.47 -12.43 -10.21
C LEU D 194 -11.62 -13.16 -11.56
N VAL D 195 -11.20 -12.51 -12.64
CA VAL D 195 -11.25 -13.16 -13.95
C VAL D 195 -9.86 -13.67 -14.34
N PHE D 196 -9.77 -14.98 -14.56
CA PHE D 196 -8.53 -15.64 -14.96
C PHE D 196 -8.57 -15.82 -16.48
N LEU D 197 -7.86 -14.96 -17.20
CA LEU D 197 -7.79 -15.08 -18.66
C LEU D 197 -6.71 -16.08 -19.06
N HIS D 198 -7.08 -16.96 -19.98
CA HIS D 198 -6.26 -18.13 -20.26
C HIS D 198 -6.31 -18.45 -21.74
N PRO D 199 -5.13 -18.86 -22.32
CA PRO D 199 -5.08 -19.17 -23.75
C PRO D 199 -5.63 -20.54 -24.12
N HIS D 200 -5.77 -20.75 -25.43
CA HIS D 200 -6.21 -22.05 -25.99
C HIS D 200 -6.18 -22.08 -27.48
N TYR D 201 -6.66 -21.01 -28.11
CA TYR D 201 -6.83 -20.98 -29.56
C TYR D 201 -5.52 -20.79 -30.32
N GLY D 202 -4.52 -20.21 -29.66
CA GLY D 202 -3.22 -20.00 -30.27
C GLY D 202 -3.26 -19.10 -31.49
N LEU D 203 -2.45 -19.43 -32.48
CA LEU D 203 -2.30 -18.63 -33.68
C LEU D 203 -2.57 -19.53 -34.87
N PRO D 204 -3.09 -18.97 -35.97
CA PRO D 204 -3.35 -19.85 -37.13
C PRO D 204 -2.10 -20.65 -37.45
N ASN D 205 -2.26 -21.94 -37.69
CA ASN D 205 -1.13 -22.87 -37.76
C ASN D 205 -0.07 -22.59 -38.83
N GLU D 206 -0.44 -21.85 -39.88
CA GLU D 206 0.49 -21.53 -40.97
C GLU D 206 1.70 -20.71 -40.53
N VAL D 207 1.56 -19.93 -39.46
CA VAL D 207 2.66 -19.09 -38.95
C VAL D 207 3.84 -19.95 -38.48
N TYR D 208 3.57 -21.23 -38.16
CA TYR D 208 4.62 -22.13 -37.70
C TYR D 208 5.35 -22.81 -38.86
N GLY D 209 4.80 -22.71 -40.07
CA GLY D 209 5.46 -23.21 -41.28
C GLY D 209 5.33 -24.71 -41.49
N PRO D 210 5.95 -25.22 -42.57
CA PRO D 210 5.72 -26.62 -42.97
C PRO D 210 6.48 -27.66 -42.14
N ARG D 211 7.33 -27.23 -41.20
CA ARG D 211 8.15 -28.15 -40.40
C ARG D 211 7.72 -28.20 -38.94
N SER D 212 6.59 -27.58 -38.61
CA SER D 212 6.19 -27.47 -37.20
C SER D 212 5.97 -28.83 -36.53
N GLU D 213 5.44 -29.78 -37.30
CA GLU D 213 5.16 -31.14 -36.82
C GLU D 213 6.39 -31.75 -36.15
N GLU D 214 7.56 -31.26 -36.53
CA GLU D 214 8.81 -31.88 -36.16
C GLU D 214 9.39 -31.31 -34.86
N TYR D 215 8.81 -30.19 -34.38
CA TYR D 215 9.23 -29.58 -33.11
C TYR D 215 8.29 -29.93 -31.94
N GLY D 216 7.43 -30.92 -32.14
CA GLY D 216 6.47 -31.33 -31.11
C GLY D 216 5.45 -30.25 -30.86
N HIS D 217 5.13 -30.02 -29.59
CA HIS D 217 4.17 -29.00 -29.17
C HIS D 217 4.84 -27.70 -28.80
N VAL D 218 6.14 -27.60 -29.06
CA VAL D 218 6.92 -26.47 -28.54
C VAL D 218 6.43 -25.10 -29.00
N LEU D 219 6.18 -24.94 -30.30
CA LEU D 219 5.79 -23.64 -30.83
C LEU D 219 4.38 -23.23 -30.39
N PRO D 220 3.37 -24.12 -30.52
CA PRO D 220 2.03 -23.71 -30.05
C PRO D 220 1.99 -23.39 -28.54
N LEU D 221 2.70 -24.17 -27.73
CA LEU D 221 2.64 -24.01 -26.28
C LEU D 221 3.56 -22.93 -25.78
N ALA D 222 4.78 -22.90 -26.30
CA ALA D 222 5.76 -21.90 -25.88
C ALA D 222 5.48 -20.54 -26.52
N LEU D 223 4.86 -20.52 -27.69
CA LEU D 223 4.66 -19.26 -28.41
C LEU D 223 3.20 -18.89 -28.61
N GLY D 224 2.45 -19.77 -29.26
CA GLY D 224 1.05 -19.49 -29.60
C GLY D 224 0.20 -19.12 -28.40
N PHE D 225 0.35 -19.85 -27.29
CA PHE D 225 -0.38 -19.57 -26.05
C PHE D 225 -0.12 -18.15 -25.51
N PRO D 226 1.14 -17.82 -25.17
CA PRO D 226 1.35 -16.48 -24.60
C PRO D 226 1.07 -15.32 -25.58
N MET D 227 1.24 -15.58 -26.88
CA MET D 227 0.94 -14.55 -27.87
C MET D 227 -0.55 -14.29 -27.97
N GLU D 228 -1.34 -15.37 -27.95
CA GLU D 228 -2.79 -15.26 -27.94
C GLU D 228 -3.26 -14.40 -26.76
N THR D 229 -2.77 -14.72 -25.56
CA THR D 229 -3.11 -13.95 -24.37
C THR D 229 -2.80 -12.46 -24.56
N THR D 230 -1.61 -12.16 -25.07
CA THR D 230 -1.18 -10.79 -25.25
C THR D 230 -2.12 -10.08 -26.21
N ILE D 231 -2.40 -10.71 -27.34
CA ILE D 231 -3.31 -10.13 -28.33
C ILE D 231 -4.68 -9.88 -27.72
N ALA D 232 -5.21 -10.87 -27.01
CA ALA D 232 -6.54 -10.75 -26.42
C ALA D 232 -6.63 -9.56 -25.47
N VAL D 233 -5.66 -9.44 -24.55
CA VAL D 233 -5.64 -8.36 -23.56
C VAL D 233 -5.40 -7.00 -24.21
N ALA D 234 -4.53 -6.95 -25.21
CA ALA D 234 -4.24 -5.71 -25.93
C ALA D 234 -5.50 -5.19 -26.59
N ARG D 235 -6.29 -6.12 -27.16
CA ARG D 235 -7.57 -5.76 -27.75
C ARG D 235 -8.56 -5.22 -26.71
N MET D 236 -8.59 -5.85 -25.52
CA MET D 236 -9.42 -5.34 -24.42
C MET D 236 -8.99 -3.94 -24.06
N TYR D 237 -7.68 -3.76 -23.91
CA TYR D 237 -7.14 -2.48 -23.52
C TYR D 237 -7.50 -1.40 -24.55
N MET D 238 -7.25 -1.68 -25.82
CA MET D 238 -7.50 -0.71 -26.90
C MET D 238 -8.98 -0.36 -27.04
N ALA D 239 -9.85 -1.32 -26.71
CA ALA D 239 -11.30 -1.10 -26.77
C ALA D 239 -11.82 -0.35 -25.54
N GLY D 240 -10.94 -0.10 -24.56
CA GLY D 240 -11.31 0.62 -23.35
C GLY D 240 -12.07 -0.19 -22.31
N VAL D 241 -11.99 -1.52 -22.40
CA VAL D 241 -12.70 -2.38 -21.45
C VAL D 241 -12.35 -2.03 -20.00
N PHE D 242 -11.07 -1.79 -19.72
CA PHE D 242 -10.63 -1.52 -18.35
C PHE D 242 -11.15 -0.18 -17.84
N ASP D 243 -11.38 0.76 -18.76
CA ASP D 243 -12.00 2.05 -18.44
C ASP D 243 -13.51 1.93 -18.29
N HIS D 244 -14.14 1.13 -19.14
CA HIS D 244 -15.58 0.93 -19.11
C HIS D 244 -16.05 0.08 -17.95
N VAL D 245 -15.18 -0.78 -17.45
CA VAL D 245 -15.50 -1.64 -16.32
C VAL D 245 -14.36 -1.47 -15.31
N ARG D 246 -14.44 -0.41 -14.53
CA ARG D 246 -13.33 0.03 -13.70
C ARG D 246 -13.03 -0.90 -12.50
N ASN D 247 -14.04 -1.66 -12.08
CA ASN D 247 -13.86 -2.57 -10.95
C ASN D 247 -13.46 -3.97 -11.40
N LEU D 248 -13.24 -4.14 -12.71
CA LEU D 248 -12.78 -5.42 -13.23
C LEU D 248 -11.33 -5.70 -12.85
N GLN D 249 -11.10 -6.90 -12.33
CA GLN D 249 -9.77 -7.39 -11.99
C GLN D 249 -9.51 -8.67 -12.79
N MET D 250 -8.37 -8.72 -13.47
CA MET D 250 -8.03 -9.88 -14.28
C MET D 250 -6.70 -10.50 -13.87
N LEU D 251 -6.68 -11.83 -13.79
CA LEU D 251 -5.46 -12.58 -13.65
C LEU D 251 -5.06 -13.10 -15.04
N LEU D 252 -3.83 -12.81 -15.45
CA LEU D 252 -3.36 -13.24 -16.77
C LEU D 252 -2.47 -14.46 -16.68
N ALA D 253 -2.83 -15.49 -17.46
CA ALA D 253 -2.04 -16.72 -17.55
C ALA D 253 -0.64 -16.42 -18.05
N HIS D 254 0.34 -17.14 -17.50
CA HIS D 254 1.74 -17.10 -17.96
C HIS D 254 2.33 -15.72 -17.96
N SER D 255 2.20 -15.04 -16.82
CA SER D 255 2.75 -13.70 -16.61
C SER D 255 2.33 -12.69 -17.68
N GLY D 256 1.10 -12.84 -18.17
CA GLY D 256 0.56 -11.91 -19.15
C GLY D 256 1.00 -12.21 -20.56
N GLY D 257 1.53 -13.40 -20.78
CA GLY D 257 1.93 -13.86 -22.10
C GLY D 257 3.26 -13.24 -22.52
N THR D 258 3.19 -12.05 -23.12
CA THR D 258 4.39 -11.29 -23.45
C THR D 258 4.21 -9.84 -23.03
N LEU D 259 3.06 -9.54 -22.41
CA LEU D 259 2.65 -8.17 -22.14
C LEU D 259 3.68 -7.32 -21.38
N PRO D 260 4.32 -7.87 -20.33
CA PRO D 260 5.29 -7.01 -19.62
C PRO D 260 6.43 -6.57 -20.50
N PHE D 261 6.82 -7.42 -21.45
CA PHE D 261 7.93 -7.13 -22.34
C PHE D 261 7.53 -6.14 -23.44
N LEU D 262 6.28 -6.20 -23.87
CA LEU D 262 5.79 -5.37 -24.98
C LEU D 262 5.04 -4.10 -24.55
N ALA D 263 4.85 -3.89 -23.25
CA ALA D 263 4.03 -2.77 -22.76
C ALA D 263 4.56 -1.41 -23.24
N GLY D 264 5.87 -1.25 -23.21
CA GLY D 264 6.51 -0.01 -23.69
C GLY D 264 6.27 0.21 -25.17
N ARG D 265 6.37 -0.87 -25.94
CA ARG D 265 6.12 -0.81 -27.38
C ARG D 265 4.66 -0.47 -27.66
N ILE D 266 3.74 -1.07 -26.91
CA ILE D 266 2.32 -0.78 -27.08
C ILE D 266 2.08 0.71 -26.87
N GLU D 267 2.63 1.25 -25.78
CA GLU D 267 2.49 2.65 -25.44
C GLU D 267 3.03 3.55 -26.54
N SER D 268 4.19 3.20 -27.08
CA SER D 268 4.82 4.02 -28.11
C SER D 268 4.03 3.98 -29.41
N CYS D 269 3.52 2.81 -29.77
CA CYS D 269 2.73 2.69 -30.98
C CYS D 269 1.42 3.47 -30.86
N ILE D 270 0.87 3.55 -29.65
CA ILE D 270 -0.35 4.30 -29.42
C ILE D 270 -0.11 5.81 -29.57
N VAL D 271 0.86 6.35 -28.84
CA VAL D 271 1.09 7.78 -28.88
C VAL D 271 1.66 8.25 -30.22
N HIS D 272 2.19 7.31 -31.03
CA HIS D 272 2.71 7.66 -32.36
C HIS D 272 1.76 7.31 -33.48
N ASP D 273 0.53 6.93 -33.15
CA ASP D 273 -0.45 6.54 -34.17
C ASP D 273 -1.19 7.78 -34.67
N GLY D 274 -0.85 8.18 -35.89
CA GLY D 274 -1.50 9.33 -36.53
C GLY D 274 -3.00 9.29 -36.35
N HIS D 275 -3.60 8.18 -36.79
CA HIS D 275 -5.05 8.02 -36.82
C HIS D 275 -5.72 8.13 -35.47
N LEU D 276 -5.16 7.44 -34.47
CA LEU D 276 -5.72 7.49 -33.12
C LEU D 276 -5.62 8.88 -32.50
N VAL D 277 -4.46 9.52 -32.70
CA VAL D 277 -4.21 10.83 -32.11
C VAL D 277 -5.16 11.86 -32.70
N LYS D 278 -5.26 11.87 -34.03
CA LYS D 278 -6.05 12.86 -34.75
C LYS D 278 -7.56 12.62 -34.65
N THR D 279 -7.97 11.41 -34.25
CA THR D 279 -9.39 11.15 -34.01
C THR D 279 -9.75 11.22 -32.52
N GLY D 280 -8.82 11.71 -31.70
CA GLY D 280 -9.08 11.96 -30.30
C GLY D 280 -9.04 10.72 -29.40
N LYS D 281 -8.38 9.66 -29.86
CA LYS D 281 -8.33 8.43 -29.06
C LYS D 281 -7.16 8.42 -28.08
N VAL D 282 -6.33 9.46 -28.10
CA VAL D 282 -5.17 9.50 -27.22
C VAL D 282 -5.18 10.80 -26.40
N PRO D 283 -6.20 10.99 -25.54
CA PRO D 283 -6.24 12.23 -24.75
C PRO D 283 -5.15 12.23 -23.68
N LYS D 284 -4.84 13.40 -23.12
CA LYS D 284 -3.75 13.54 -22.15
C LYS D 284 -4.02 12.83 -20.82
N ASP D 285 -5.29 12.72 -20.43
CA ASP D 285 -5.68 12.11 -19.14
C ASP D 285 -5.86 10.60 -19.26
N ARG D 286 -5.31 10.07 -20.34
CA ARG D 286 -5.35 8.66 -20.72
C ARG D 286 -4.76 7.75 -19.66
N ARG D 287 -5.46 6.66 -19.33
CA ARG D 287 -4.86 5.63 -18.48
C ARG D 287 -3.94 4.74 -19.34
N THR D 288 -2.65 4.77 -19.03
CA THR D 288 -1.67 4.00 -19.80
C THR D 288 -1.77 2.50 -19.47
N ILE D 289 -1.21 1.67 -20.35
CA ILE D 289 -1.15 0.24 -20.09
C ILE D 289 -0.41 -0.03 -18.76
N TRP D 290 0.55 0.83 -18.41
CA TRP D 290 1.30 0.68 -17.15
C TRP D 290 0.41 0.84 -15.95
N THR D 291 -0.50 1.81 -16.00
CA THR D 291 -1.45 2.05 -14.91
C THR D 291 -2.41 0.87 -14.75
N VAL D 292 -2.94 0.40 -15.87
CA VAL D 292 -3.83 -0.76 -15.89
C VAL D 292 -3.10 -1.99 -15.30
N LEU D 293 -1.83 -2.13 -15.63
CA LEU D 293 -1.01 -3.23 -15.10
C LEU D 293 -0.81 -3.18 -13.58
N LYS D 294 -0.83 -1.96 -13.01
CA LYS D 294 -0.71 -1.78 -11.56
C LYS D 294 -2.07 -1.79 -10.83
N GLU D 295 -3.16 -1.58 -11.56
CA GLU D 295 -4.47 -1.38 -10.92
C GLU D 295 -5.53 -2.46 -11.19
N GLN D 296 -5.49 -3.08 -12.36
CA GLN D 296 -6.55 -4.01 -12.72
C GLN D 296 -6.03 -5.36 -13.20
N ILE D 297 -4.73 -5.49 -13.30
CA ILE D 297 -4.16 -6.74 -13.77
C ILE D 297 -3.30 -7.41 -12.70
N TYR D 298 -3.57 -8.70 -12.49
CA TYR D 298 -2.69 -9.61 -11.76
C TYR D 298 -2.03 -10.58 -12.75
N LEU D 299 -0.82 -11.01 -12.43
CA LEU D 299 -0.08 -11.90 -13.32
C LEU D 299 0.31 -13.17 -12.57
N ASP D 300 0.07 -14.33 -13.17
CA ASP D 300 0.60 -15.54 -12.54
C ASP D 300 2.10 -15.59 -12.79
N ALA D 301 2.78 -16.51 -12.12
CA ALA D 301 4.23 -16.56 -12.18
C ALA D 301 4.72 -17.79 -12.94
N VAL D 302 3.90 -18.24 -13.89
CA VAL D 302 4.23 -19.40 -14.70
C VAL D 302 5.03 -18.91 -15.91
N ILE D 303 6.30 -18.60 -15.66
CA ILE D 303 7.17 -17.92 -16.61
C ILE D 303 8.53 -18.63 -16.74
N TYR D 304 8.85 -19.49 -15.76
CA TYR D 304 9.97 -20.44 -15.81
C TYR D 304 11.37 -19.85 -15.68
N SER D 305 11.49 -18.54 -15.60
CA SER D 305 12.80 -17.91 -15.48
C SER D 305 12.70 -16.62 -14.72
N GLU D 306 13.73 -16.33 -13.93
CA GLU D 306 13.80 -15.06 -13.20
C GLU D 306 13.83 -13.87 -14.16
N VAL D 307 14.29 -14.09 -15.39
CA VAL D 307 14.32 -13.03 -16.40
C VAL D 307 12.91 -12.50 -16.69
N GLY D 308 12.02 -13.38 -17.13
CA GLY D 308 10.63 -13.03 -17.36
C GLY D 308 9.95 -12.56 -16.09
N LEU D 309 10.23 -13.24 -14.98
CA LEU D 309 9.66 -12.87 -13.69
C LEU D 309 10.02 -11.44 -13.27
N GLN D 310 11.29 -11.04 -13.42
CA GLN D 310 11.66 -9.65 -13.07
C GLN D 310 10.87 -8.65 -13.90
N ALA D 311 10.72 -8.90 -15.20
CA ALA D 311 9.92 -8.02 -16.05
C ALA D 311 8.48 -7.94 -15.56
N ALA D 312 7.91 -9.09 -15.22
CA ALA D 312 6.54 -9.17 -14.68
C ALA D 312 6.37 -8.37 -13.39
N ILE D 313 7.31 -8.52 -12.46
CA ILE D 313 7.31 -7.81 -11.19
C ILE D 313 7.41 -6.30 -11.42
N ALA D 314 8.34 -5.89 -12.28
CA ALA D 314 8.56 -4.47 -12.58
C ALA D 314 7.33 -3.85 -13.24
N SER D 315 6.56 -4.64 -13.97
CA SER D 315 5.33 -4.16 -14.62
C SER D 315 4.12 -4.05 -13.67
N SER D 316 3.94 -5.05 -12.81
CA SER D 316 2.74 -5.09 -11.99
C SER D 316 2.99 -4.90 -10.49
N GLY D 317 4.23 -5.13 -10.06
CA GLY D 317 4.59 -5.06 -8.64
C GLY D 317 4.57 -6.44 -8.01
N ALA D 318 5.43 -6.65 -7.02
CA ALA D 318 5.55 -7.94 -6.35
C ALA D 318 4.27 -8.37 -5.64
N ASP D 319 3.42 -7.40 -5.30
CA ASP D 319 2.16 -7.71 -4.61
C ASP D 319 1.07 -8.16 -5.58
N ARG D 320 1.41 -8.25 -6.86
CA ARG D 320 0.42 -8.59 -7.88
C ARG D 320 0.81 -9.80 -8.72
N LEU D 321 1.84 -10.52 -8.27
CA LEU D 321 2.29 -11.76 -8.90
C LEU D 321 1.89 -12.94 -8.05
N MET D 322 1.52 -14.03 -8.72
CA MET D 322 1.02 -15.22 -8.01
C MET D 322 1.55 -16.53 -8.59
N PHE D 323 2.24 -17.30 -7.75
CA PHE D 323 2.70 -18.64 -8.12
C PHE D 323 1.59 -19.53 -8.71
N GLY D 324 1.97 -20.29 -9.72
CA GLY D 324 1.14 -21.34 -10.33
C GLY D 324 2.03 -22.41 -10.93
N THR D 325 1.46 -23.57 -11.26
CA THR D 325 2.23 -24.71 -11.76
C THR D 325 1.78 -25.20 -13.15
N ASP D 326 0.58 -24.90 -13.51
CA ASP D 326 -0.06 -25.46 -14.72
C ASP D 326 -0.25 -27.00 -14.68
N HIS D 327 -0.27 -27.56 -13.48
CA HIS D 327 -0.56 -28.99 -13.28
C HIS D 327 -1.89 -29.28 -13.91
N PRO D 328 -2.03 -30.39 -14.65
CA PRO D 328 -1.02 -31.40 -14.90
C PRO D 328 -0.49 -31.44 -16.35
N PHE D 329 -0.37 -30.30 -17.01
CA PHE D 329 0.01 -30.29 -18.44
C PHE D 329 1.48 -30.57 -18.78
N PHE D 330 2.39 -30.32 -17.84
CA PHE D 330 3.80 -30.57 -18.08
C PHE D 330 4.40 -31.56 -17.05
N PRO D 331 4.01 -32.85 -17.15
CA PRO D 331 4.59 -33.87 -16.27
C PRO D 331 6.04 -34.13 -16.65
N PRO D 332 6.86 -34.59 -15.69
CA PRO D 332 8.21 -35.02 -16.08
C PRO D 332 8.13 -36.14 -17.11
N ILE D 333 9.05 -36.14 -18.07
CA ILE D 333 9.05 -37.14 -19.13
C ILE D 333 9.79 -38.41 -18.70
N GLU D 334 10.86 -38.27 -17.95
CA GLU D 334 11.68 -39.42 -17.56
C GLU D 334 11.71 -39.69 -16.06
N GLU D 335 10.81 -39.07 -15.33
CA GLU D 335 10.66 -39.32 -13.89
C GLU D 335 9.26 -39.83 -13.53
N ASP D 336 9.12 -40.30 -12.29
CA ASP D 336 7.83 -40.67 -11.71
C ASP D 336 6.89 -39.47 -11.72
N VAL D 337 5.79 -39.58 -12.46
CA VAL D 337 4.79 -38.52 -12.54
C VAL D 337 4.05 -38.29 -11.20
N GLN D 338 4.35 -39.11 -10.20
CA GLN D 338 3.80 -38.96 -8.85
C GLN D 338 4.80 -38.40 -7.83
N GLY D 339 6.05 -38.20 -8.25
CA GLY D 339 7.04 -37.50 -7.43
C GLY D 339 7.01 -36.01 -7.75
N PRO D 340 8.05 -35.26 -7.32
CA PRO D 340 8.19 -33.83 -7.62
C PRO D 340 8.14 -33.49 -9.12
N TRP D 341 7.55 -32.36 -9.47
CA TRP D 341 7.48 -31.90 -10.86
C TRP D 341 8.41 -30.76 -11.11
N ASP D 342 9.30 -30.92 -12.07
CA ASP D 342 10.21 -29.87 -12.49
C ASP D 342 9.45 -28.62 -12.98
N SER D 343 8.30 -28.82 -13.63
CA SER D 343 7.53 -27.71 -14.15
C SER D 343 6.93 -26.83 -13.06
N SER D 344 6.90 -27.36 -11.83
CA SER D 344 6.53 -26.59 -10.65
C SER D 344 7.78 -25.95 -10.04
N ARG D 345 8.84 -26.76 -9.93
CA ARG D 345 10.12 -26.31 -9.37
C ARG D 345 10.73 -25.15 -10.15
N LEU D 346 10.67 -25.18 -11.48
CA LEU D 346 11.21 -24.10 -12.30
C LEU D 346 10.65 -22.74 -11.85
N ASN D 347 9.35 -22.69 -11.58
CA ASN D 347 8.70 -21.44 -11.20
C ASN D 347 9.04 -20.98 -9.79
N ALA D 348 9.09 -21.93 -8.85
CA ALA D 348 9.57 -21.63 -7.49
C ALA D 348 10.99 -21.12 -7.50
N GLN D 349 11.86 -21.75 -8.29
CA GLN D 349 13.26 -21.34 -8.41
C GLN D 349 13.39 -19.93 -9.01
N ALA D 350 12.59 -19.64 -10.03
CA ALA D 350 12.53 -18.31 -10.61
C ALA D 350 12.16 -17.25 -9.56
N VAL D 351 11.21 -17.57 -8.70
CA VAL D 351 10.84 -16.67 -7.60
C VAL D 351 12.04 -16.43 -6.67
N ILE D 352 12.67 -17.52 -6.25
CA ILE D 352 13.83 -17.45 -5.34
C ILE D 352 14.94 -16.60 -5.95
N LYS D 353 15.26 -16.85 -7.23
CA LYS D 353 16.33 -16.11 -7.90
C LYS D 353 16.01 -14.62 -8.12
N ALA D 354 14.73 -14.31 -8.34
CA ALA D 354 14.32 -12.93 -8.59
C ALA D 354 14.26 -12.04 -7.34
N VAL D 355 13.77 -12.60 -6.23
CA VAL D 355 13.53 -11.76 -5.04
C VAL D 355 14.21 -12.28 -3.78
N GLY D 356 14.83 -13.46 -3.85
CA GLY D 356 15.54 -14.02 -2.71
C GLY D 356 14.65 -14.91 -1.85
N GLU D 357 15.20 -16.07 -1.48
CA GLU D 357 14.52 -17.05 -0.65
C GLU D 357 14.16 -16.48 0.72
N GLY D 358 12.94 -16.74 1.16
CA GLY D 358 12.48 -16.30 2.48
C GLY D 358 12.25 -14.80 2.61
N SER D 359 12.27 -14.07 1.50
CA SER D 359 11.94 -12.64 1.54
C SER D 359 10.43 -12.47 1.63
N SER D 360 9.97 -11.27 1.96
CA SER D 360 8.53 -11.02 2.02
C SER D 360 7.94 -11.01 0.61
N ASP D 361 8.72 -10.56 -0.37
CA ASP D 361 8.31 -10.65 -1.79
C ASP D 361 8.12 -12.11 -2.22
N ALA D 362 9.02 -12.98 -1.78
CA ALA D 362 8.91 -14.42 -2.06
C ALA D 362 7.65 -15.01 -1.45
N ALA D 363 7.41 -14.71 -0.17
CA ALA D 363 6.19 -15.14 0.53
C ALA D 363 4.95 -14.61 -0.18
N ALA D 364 5.02 -13.35 -0.64
CA ALA D 364 3.90 -12.73 -1.34
C ALA D 364 3.59 -13.49 -2.63
N VAL D 365 4.57 -13.61 -3.52
CA VAL D 365 4.37 -14.32 -4.79
C VAL D 365 3.97 -15.78 -4.60
N MET D 366 4.58 -16.46 -3.65
CA MET D 366 4.35 -17.90 -3.43
C MET D 366 2.98 -18.23 -2.83
N GLY D 367 2.27 -17.25 -2.29
CA GLY D 367 0.93 -17.52 -1.81
C GLY D 367 0.18 -16.40 -1.12
N LEU D 368 0.90 -15.49 -0.47
CA LEU D 368 0.23 -14.47 0.36
C LEU D 368 -0.58 -13.48 -0.47
N ASN D 369 -0.11 -13.19 -1.69
CA ASN D 369 -0.90 -12.36 -2.61
C ASN D 369 -2.24 -13.00 -2.94
N ALA D 370 -2.20 -14.30 -3.25
CA ALA D 370 -3.44 -15.06 -3.53
C ALA D 370 -4.36 -15.06 -2.33
N VAL D 371 -3.78 -15.27 -1.14
CA VAL D 371 -4.56 -15.29 0.11
C VAL D 371 -5.30 -13.97 0.26
N ARG D 372 -4.58 -12.85 0.07
CA ARG D 372 -5.17 -11.53 0.18
C ARG D 372 -6.24 -11.27 -0.90
N VAL D 373 -5.83 -11.37 -2.17
CA VAL D 373 -6.69 -11.02 -3.29
C VAL D 373 -7.92 -11.92 -3.39
N LEU D 374 -7.76 -13.21 -3.10
CA LEU D 374 -8.87 -14.14 -3.24
C LEU D 374 -9.58 -14.41 -1.92
N SER D 375 -9.29 -13.62 -0.89
CA SER D 375 -9.98 -13.72 0.41
C SER D 375 -9.96 -15.14 0.93
N LEU D 376 -8.75 -15.63 1.19
CA LEU D 376 -8.58 -17.00 1.66
C LEU D 376 -8.24 -17.00 3.15
N LYS D 377 -7.96 -15.82 3.70
CA LYS D 377 -7.44 -15.71 5.06
C LYS D 377 -8.39 -16.24 6.14
N ALA D 378 -9.69 -16.03 5.97
CA ALA D 378 -10.67 -16.51 6.94
C ALA D 378 -10.62 -18.03 7.08
N GLU D 379 -10.65 -18.74 5.95
CA GLU D 379 -10.56 -20.21 5.96
C GLU D 379 -9.22 -20.68 6.51
N LEU D 380 -8.14 -20.00 6.10
CA LEU D 380 -6.79 -20.37 6.53
C LEU D 380 -6.55 -20.21 8.04
N GLU D 381 -6.92 -19.04 8.58
CA GLU D 381 -6.81 -18.79 10.02
C GLU D 381 -7.72 -19.72 10.84
N HIS D 382 -8.90 -19.97 10.32
CA HIS D 382 -9.84 -20.85 10.99
C HIS D 382 -9.29 -22.23 11.11
N HIS D 383 -8.68 -22.69 10.04
CA HIS D 383 -8.08 -24.02 10.01
C HIS D 383 -6.92 -24.12 10.96
N HIS D 384 -6.12 -23.05 11.03
CA HIS D 384 -5.00 -22.95 11.95
C HIS D 384 -5.46 -23.11 13.37
N HIS D 385 -6.52 -22.39 13.74
CA HIS D 385 -7.02 -22.38 15.12
C HIS D 385 -7.98 -23.50 15.48
N HIS D 386 -8.69 -24.06 14.50
CA HIS D 386 -9.78 -24.99 14.81
C HIS D 386 -9.74 -26.34 14.15
N HIS D 387 -8.56 -26.65 13.44
CA HIS D 387 -8.49 -27.96 12.78
C HIS D 387 -7.30 -28.80 13.15
#